data_1DMG
# 
_entry.id   1DMG 
# 
_audit_conform.dict_name       mmcif_pdbx.dic 
_audit_conform.dict_version    5.385 
_audit_conform.dict_location   http://mmcif.pdb.org/dictionaries/ascii/mmcif_pdbx.dic 
# 
loop_
_database_2.database_id 
_database_2.database_code 
_database_2.pdbx_database_accession 
_database_2.pdbx_DOI 
PDB   1DMG         pdb_00001dmg 10.2210/pdb1dmg/pdb 
RCSB  RCSB010208   ?            ?                   
WWPDB D_1000010208 ?            ?                   
# 
loop_
_pdbx_audit_revision_history.ordinal 
_pdbx_audit_revision_history.data_content_type 
_pdbx_audit_revision_history.major_revision 
_pdbx_audit_revision_history.minor_revision 
_pdbx_audit_revision_history.revision_date 
1 'Structure model' 1 0 2000-12-18 
2 'Structure model' 1 1 2008-04-27 
3 'Structure model' 1 2 2011-07-13 
4 'Structure model' 1 3 2024-02-07 
# 
_pdbx_audit_revision_details.ordinal             1 
_pdbx_audit_revision_details.revision_ordinal    1 
_pdbx_audit_revision_details.data_content_type   'Structure model' 
_pdbx_audit_revision_details.provider            repository 
_pdbx_audit_revision_details.type                'Initial release' 
_pdbx_audit_revision_details.description         ? 
_pdbx_audit_revision_details.details             ? 
# 
loop_
_pdbx_audit_revision_group.ordinal 
_pdbx_audit_revision_group.revision_ordinal 
_pdbx_audit_revision_group.data_content_type 
_pdbx_audit_revision_group.group 
1 2 'Structure model' 'Version format compliance' 
2 3 'Structure model' 'Version format compliance' 
3 4 'Structure model' 'Data collection'           
4 4 'Structure model' 'Database references'       
5 4 'Structure model' 'Derived calculations'      
# 
loop_
_pdbx_audit_revision_category.ordinal 
_pdbx_audit_revision_category.revision_ordinal 
_pdbx_audit_revision_category.data_content_type 
_pdbx_audit_revision_category.category 
1 4 'Structure model' chem_comp_atom 
2 4 'Structure model' chem_comp_bond 
3 4 'Structure model' database_2     
4 4 'Structure model' struct_site    
# 
loop_
_pdbx_audit_revision_item.ordinal 
_pdbx_audit_revision_item.revision_ordinal 
_pdbx_audit_revision_item.data_content_type 
_pdbx_audit_revision_item.item 
1 4 'Structure model' '_database_2.pdbx_DOI'                
2 4 'Structure model' '_database_2.pdbx_database_accession' 
3 4 'Structure model' '_struct_site.pdbx_auth_asym_id'      
4 4 'Structure model' '_struct_site.pdbx_auth_comp_id'      
5 4 'Structure model' '_struct_site.pdbx_auth_seq_id'       
# 
_pdbx_database_status.status_code                     REL 
_pdbx_database_status.entry_id                        1DMG 
_pdbx_database_status.recvd_initial_deposition_date   1999-12-14 
_pdbx_database_status.deposit_site                    RCSB 
_pdbx_database_status.process_site                    RCSB 
_pdbx_database_status.SG_entry                        . 
_pdbx_database_status.pdb_format_compatible           Y 
_pdbx_database_status.status_code_mr                  ? 
_pdbx_database_status.status_code_sf                  ? 
_pdbx_database_status.status_code_cs                  ? 
_pdbx_database_status.status_code_nmr_data            ? 
_pdbx_database_status.methods_development_category    ? 
# 
loop_
_audit_author.name 
_audit_author.pdbx_ordinal 
'Worbs, M.'  1 
'Huber, R.'  2 
'Wahl, M.C.' 3 
# 
_citation.id                        primary 
_citation.title                     
;Crystal structure of ribosomal protein L4 shows RNA-binding sites for ribosome incorporation and feedback control of the S10 operon.
;
_citation.journal_abbrev            'EMBO J.' 
_citation.journal_volume            19 
_citation.page_first                807 
_citation.page_last                 818 
_citation.year                      2000 
_citation.journal_id_ASTM           EMJODG 
_citation.country                   UK 
_citation.journal_id_ISSN           0261-4189 
_citation.journal_id_CSD            0897 
_citation.book_publisher            ? 
_citation.pdbx_database_id_PubMed   10698923 
_citation.pdbx_database_id_DOI      10.1093/emboj/19.5.807 
# 
loop_
_citation_author.citation_id 
_citation_author.name 
_citation_author.ordinal 
_citation_author.identifier_ORCID 
primary 'Worbs, M.'  1 ? 
primary 'Huber, R.'  2 ? 
primary 'Wahl, M.C.' 3 ? 
# 
loop_
_entity.id 
_entity.type 
_entity.src_method 
_entity.pdbx_description 
_entity.formula_weight 
_entity.pdbx_number_of_molecules 
_entity.pdbx_ec 
_entity.pdbx_mutation 
_entity.pdbx_fragment 
_entity.details 
1 polymer     man 'RIBOSOMAL PROTEIN L4' 25690.898 1   ? ? ? ? 
2 non-polymer syn 'CITRIC ACID'          192.124   1   ? ? ? ? 
3 water       nat water                  18.015    213 ? ? ? ? 
# 
_entity_poly.entity_id                      1 
_entity_poly.type                           'polypeptide(L)' 
_entity_poly.nstd_linkage                   no 
_entity_poly.nstd_monomer                   no 
_entity_poly.pdbx_seq_one_letter_code       
;AQVDLLNVKGEKVGTLEISDFVFNIDPNYDVMWRYVDMQLSNRRAGTASTKTRGEVSGGGRKPWPQKHTGRARHGSIRSP
IWRHGGVVHGPKPRDWSKKLNKKMKKLALRSALSVKYRENKLLVLDDLKLERPKTKSLKEILQNLQLSDKKTLIVLPWKE
EGYMNVKLSGRNLPDVKVIIADNPNNSKNGEKAVRIDGLNVFDMLKYDYLVLTRDMVSKIEEVLG
;
_entity_poly.pdbx_seq_one_letter_code_can   
;AQVDLLNVKGEKVGTLEISDFVFNIDPNYDVMWRYVDMQLSNRRAGTASTKTRGEVSGGGRKPWPQKHTGRARHGSIRSP
IWRHGGVVHGPKPRDWSKKLNKKMKKLALRSALSVKYRENKLLVLDDLKLERPKTKSLKEILQNLQLSDKKTLIVLPWKE
EGYMNVKLSGRNLPDVKVIIADNPNNSKNGEKAVRIDGLNVFDMLKYDYLVLTRDMVSKIEEVLG
;
_entity_poly.pdbx_strand_id                 A 
_entity_poly.pdbx_target_identifier         ? 
# 
loop_
_pdbx_entity_nonpoly.entity_id 
_pdbx_entity_nonpoly.name 
_pdbx_entity_nonpoly.comp_id 
2 'CITRIC ACID' CIT 
3 water         HOH 
# 
loop_
_entity_poly_seq.entity_id 
_entity_poly_seq.num 
_entity_poly_seq.mon_id 
_entity_poly_seq.hetero 
1 1   ALA n 
1 2   GLN n 
1 3   VAL n 
1 4   ASP n 
1 5   LEU n 
1 6   LEU n 
1 7   ASN n 
1 8   VAL n 
1 9   LYS n 
1 10  GLY n 
1 11  GLU n 
1 12  LYS n 
1 13  VAL n 
1 14  GLY n 
1 15  THR n 
1 16  LEU n 
1 17  GLU n 
1 18  ILE n 
1 19  SER n 
1 20  ASP n 
1 21  PHE n 
1 22  VAL n 
1 23  PHE n 
1 24  ASN n 
1 25  ILE n 
1 26  ASP n 
1 27  PRO n 
1 28  ASN n 
1 29  TYR n 
1 30  ASP n 
1 31  VAL n 
1 32  MET n 
1 33  TRP n 
1 34  ARG n 
1 35  TYR n 
1 36  VAL n 
1 37  ASP n 
1 38  MET n 
1 39  GLN n 
1 40  LEU n 
1 41  SER n 
1 42  ASN n 
1 43  ARG n 
1 44  ARG n 
1 45  ALA n 
1 46  GLY n 
1 47  THR n 
1 48  ALA n 
1 49  SER n 
1 50  THR n 
1 51  LYS n 
1 52  THR n 
1 53  ARG n 
1 54  GLY n 
1 55  GLU n 
1 56  VAL n 
1 57  SER n 
1 58  GLY n 
1 59  GLY n 
1 60  GLY n 
1 61  ARG n 
1 62  LYS n 
1 63  PRO n 
1 64  TRP n 
1 65  PRO n 
1 66  GLN n 
1 67  LYS n 
1 68  HIS n 
1 69  THR n 
1 70  GLY n 
1 71  ARG n 
1 72  ALA n 
1 73  ARG n 
1 74  HIS n 
1 75  GLY n 
1 76  SER n 
1 77  ILE n 
1 78  ARG n 
1 79  SER n 
1 80  PRO n 
1 81  ILE n 
1 82  TRP n 
1 83  ARG n 
1 84  HIS n 
1 85  GLY n 
1 86  GLY n 
1 87  VAL n 
1 88  VAL n 
1 89  HIS n 
1 90  GLY n 
1 91  PRO n 
1 92  LYS n 
1 93  PRO n 
1 94  ARG n 
1 95  ASP n 
1 96  TRP n 
1 97  SER n 
1 98  LYS n 
1 99  LYS n 
1 100 LEU n 
1 101 ASN n 
1 102 LYS n 
1 103 LYS n 
1 104 MET n 
1 105 LYS n 
1 106 LYS n 
1 107 LEU n 
1 108 ALA n 
1 109 LEU n 
1 110 ARG n 
1 111 SER n 
1 112 ALA n 
1 113 LEU n 
1 114 SER n 
1 115 VAL n 
1 116 LYS n 
1 117 TYR n 
1 118 ARG n 
1 119 GLU n 
1 120 ASN n 
1 121 LYS n 
1 122 LEU n 
1 123 LEU n 
1 124 VAL n 
1 125 LEU n 
1 126 ASP n 
1 127 ASP n 
1 128 LEU n 
1 129 LYS n 
1 130 LEU n 
1 131 GLU n 
1 132 ARG n 
1 133 PRO n 
1 134 LYS n 
1 135 THR n 
1 136 LYS n 
1 137 SER n 
1 138 LEU n 
1 139 LYS n 
1 140 GLU n 
1 141 ILE n 
1 142 LEU n 
1 143 GLN n 
1 144 ASN n 
1 145 LEU n 
1 146 GLN n 
1 147 LEU n 
1 148 SER n 
1 149 ASP n 
1 150 LYS n 
1 151 LYS n 
1 152 THR n 
1 153 LEU n 
1 154 ILE n 
1 155 VAL n 
1 156 LEU n 
1 157 PRO n 
1 158 TRP n 
1 159 LYS n 
1 160 GLU n 
1 161 GLU n 
1 162 GLY n 
1 163 TYR n 
1 164 MET n 
1 165 ASN n 
1 166 VAL n 
1 167 LYS n 
1 168 LEU n 
1 169 SER n 
1 170 GLY n 
1 171 ARG n 
1 172 ASN n 
1 173 LEU n 
1 174 PRO n 
1 175 ASP n 
1 176 VAL n 
1 177 LYS n 
1 178 VAL n 
1 179 ILE n 
1 180 ILE n 
1 181 ALA n 
1 182 ASP n 
1 183 ASN n 
1 184 PRO n 
1 185 ASN n 
1 186 ASN n 
1 187 SER n 
1 188 LYS n 
1 189 ASN n 
1 190 GLY n 
1 191 GLU n 
1 192 LYS n 
1 193 ALA n 
1 194 VAL n 
1 195 ARG n 
1 196 ILE n 
1 197 ASP n 
1 198 GLY n 
1 199 LEU n 
1 200 ASN n 
1 201 VAL n 
1 202 PHE n 
1 203 ASP n 
1 204 MET n 
1 205 LEU n 
1 206 LYS n 
1 207 TYR n 
1 208 ASP n 
1 209 TYR n 
1 210 LEU n 
1 211 VAL n 
1 212 LEU n 
1 213 THR n 
1 214 ARG n 
1 215 ASP n 
1 216 MET n 
1 217 VAL n 
1 218 SER n 
1 219 LYS n 
1 220 ILE n 
1 221 GLU n 
1 222 GLU n 
1 223 VAL n 
1 224 LEU n 
1 225 GLY n 
# 
_entity_src_gen.entity_id                          1 
_entity_src_gen.pdbx_src_id                        1 
_entity_src_gen.pdbx_alt_source_flag               sample 
_entity_src_gen.pdbx_seq_type                      ? 
_entity_src_gen.pdbx_beg_seq_num                   ? 
_entity_src_gen.pdbx_end_seq_num                   ? 
_entity_src_gen.gene_src_common_name               ? 
_entity_src_gen.gene_src_genus                     Thermotoga 
_entity_src_gen.pdbx_gene_src_gene                 ? 
_entity_src_gen.gene_src_species                   ? 
_entity_src_gen.gene_src_strain                    ? 
_entity_src_gen.gene_src_tissue                    ? 
_entity_src_gen.gene_src_tissue_fraction           ? 
_entity_src_gen.gene_src_details                   ? 
_entity_src_gen.pdbx_gene_src_fragment             ? 
_entity_src_gen.pdbx_gene_src_scientific_name      'Thermotoga maritima' 
_entity_src_gen.pdbx_gene_src_ncbi_taxonomy_id     2336 
_entity_src_gen.pdbx_gene_src_variant              ? 
_entity_src_gen.pdbx_gene_src_cell_line            ? 
_entity_src_gen.pdbx_gene_src_atcc                 ? 
_entity_src_gen.pdbx_gene_src_organ                ? 
_entity_src_gen.pdbx_gene_src_organelle            ? 
_entity_src_gen.pdbx_gene_src_cell                 ? 
_entity_src_gen.pdbx_gene_src_cellular_location    ? 
_entity_src_gen.host_org_common_name               ? 
_entity_src_gen.pdbx_host_org_scientific_name      'Escherichia coli' 
_entity_src_gen.pdbx_host_org_ncbi_taxonomy_id     562 
_entity_src_gen.host_org_genus                     Escherichia 
_entity_src_gen.pdbx_host_org_gene                 ? 
_entity_src_gen.pdbx_host_org_organ                ? 
_entity_src_gen.host_org_species                   ? 
_entity_src_gen.pdbx_host_org_tissue               ? 
_entity_src_gen.pdbx_host_org_tissue_fraction      ? 
_entity_src_gen.pdbx_host_org_strain               ? 
_entity_src_gen.pdbx_host_org_variant              ? 
_entity_src_gen.pdbx_host_org_cell_line            ? 
_entity_src_gen.pdbx_host_org_atcc                 ? 
_entity_src_gen.pdbx_host_org_culture_collection   ? 
_entity_src_gen.pdbx_host_org_cell                 ? 
_entity_src_gen.pdbx_host_org_organelle            ? 
_entity_src_gen.pdbx_host_org_cellular_location    ? 
_entity_src_gen.pdbx_host_org_vector_type          ? 
_entity_src_gen.pdbx_host_org_vector               ? 
_entity_src_gen.host_org_details                   ? 
_entity_src_gen.expression_system_id               ? 
_entity_src_gen.plasmid_name                       PET22B+ 
_entity_src_gen.plasmid_details                    ? 
_entity_src_gen.pdbx_description                   ? 
# 
loop_
_chem_comp.id 
_chem_comp.type 
_chem_comp.mon_nstd_flag 
_chem_comp.name 
_chem_comp.pdbx_synonyms 
_chem_comp.formula 
_chem_comp.formula_weight 
ALA 'L-peptide linking' y ALANINE         ? 'C3 H7 N O2'     89.093  
ARG 'L-peptide linking' y ARGININE        ? 'C6 H15 N4 O2 1' 175.209 
ASN 'L-peptide linking' y ASPARAGINE      ? 'C4 H8 N2 O3'    132.118 
ASP 'L-peptide linking' y 'ASPARTIC ACID' ? 'C4 H7 N O4'     133.103 
CIT non-polymer         . 'CITRIC ACID'   ? 'C6 H8 O7'       192.124 
GLN 'L-peptide linking' y GLUTAMINE       ? 'C5 H10 N2 O3'   146.144 
GLU 'L-peptide linking' y 'GLUTAMIC ACID' ? 'C5 H9 N O4'     147.129 
GLY 'peptide linking'   y GLYCINE         ? 'C2 H5 N O2'     75.067  
HIS 'L-peptide linking' y HISTIDINE       ? 'C6 H10 N3 O2 1' 156.162 
HOH non-polymer         . WATER           ? 'H2 O'           18.015  
ILE 'L-peptide linking' y ISOLEUCINE      ? 'C6 H13 N O2'    131.173 
LEU 'L-peptide linking' y LEUCINE         ? 'C6 H13 N O2'    131.173 
LYS 'L-peptide linking' y LYSINE          ? 'C6 H15 N2 O2 1' 147.195 
MET 'L-peptide linking' y METHIONINE      ? 'C5 H11 N O2 S'  149.211 
PHE 'L-peptide linking' y PHENYLALANINE   ? 'C9 H11 N O2'    165.189 
PRO 'L-peptide linking' y PROLINE         ? 'C5 H9 N O2'     115.130 
SER 'L-peptide linking' y SERINE          ? 'C3 H7 N O3'     105.093 
THR 'L-peptide linking' y THREONINE       ? 'C4 H9 N O3'     119.119 
TRP 'L-peptide linking' y TRYPTOPHAN      ? 'C11 H12 N2 O2'  204.225 
TYR 'L-peptide linking' y TYROSINE        ? 'C9 H11 N O3'    181.189 
VAL 'L-peptide linking' y VALINE          ? 'C5 H11 N O2'    117.146 
# 
loop_
_pdbx_poly_seq_scheme.asym_id 
_pdbx_poly_seq_scheme.entity_id 
_pdbx_poly_seq_scheme.seq_id 
_pdbx_poly_seq_scheme.mon_id 
_pdbx_poly_seq_scheme.ndb_seq_num 
_pdbx_poly_seq_scheme.pdb_seq_num 
_pdbx_poly_seq_scheme.auth_seq_num 
_pdbx_poly_seq_scheme.pdb_mon_id 
_pdbx_poly_seq_scheme.auth_mon_id 
_pdbx_poly_seq_scheme.pdb_strand_id 
_pdbx_poly_seq_scheme.pdb_ins_code 
_pdbx_poly_seq_scheme.hetero 
A 1 1   ALA 1   2   2   ALA ALA A . n 
A 1 2   GLN 2   3   3   GLN GLN A . n 
A 1 3   VAL 3   4   4   VAL VAL A . n 
A 1 4   ASP 4   5   5   ASP ASP A . n 
A 1 5   LEU 5   6   6   LEU LEU A . n 
A 1 6   LEU 6   7   7   LEU LEU A . n 
A 1 7   ASN 7   8   8   ASN ASN A . n 
A 1 8   VAL 8   9   9   VAL VAL A . n 
A 1 9   LYS 9   10  10  LYS LYS A . n 
A 1 10  GLY 10  11  11  GLY GLY A . n 
A 1 11  GLU 11  12  12  GLU GLU A . n 
A 1 12  LYS 12  13  13  LYS LYS A . n 
A 1 13  VAL 13  14  14  VAL VAL A . n 
A 1 14  GLY 14  15  15  GLY GLY A . n 
A 1 15  THR 15  16  16  THR THR A . n 
A 1 16  LEU 16  17  17  LEU LEU A . n 
A 1 17  GLU 17  18  18  GLU GLU A . n 
A 1 18  ILE 18  19  19  ILE ILE A . n 
A 1 19  SER 19  20  20  SER SER A . n 
A 1 20  ASP 20  21  21  ASP ASP A . n 
A 1 21  PHE 21  22  22  PHE PHE A . n 
A 1 22  VAL 22  23  23  VAL VAL A . n 
A 1 23  PHE 23  24  24  PHE PHE A . n 
A 1 24  ASN 24  25  25  ASN ASN A . n 
A 1 25  ILE 25  26  26  ILE ILE A . n 
A 1 26  ASP 26  27  27  ASP ASP A . n 
A 1 27  PRO 27  28  28  PRO PRO A . n 
A 1 28  ASN 28  29  29  ASN ASN A . n 
A 1 29  TYR 29  30  30  TYR TYR A . n 
A 1 30  ASP 30  31  31  ASP ASP A . n 
A 1 31  VAL 31  32  32  VAL VAL A . n 
A 1 32  MET 32  33  33  MET MET A . n 
A 1 33  TRP 33  34  34  TRP TRP A . n 
A 1 34  ARG 34  35  35  ARG ARG A . n 
A 1 35  TYR 35  36  36  TYR TYR A . n 
A 1 36  VAL 36  37  37  VAL VAL A . n 
A 1 37  ASP 37  38  38  ASP ASP A . n 
A 1 38  MET 38  39  39  MET MET A . n 
A 1 39  GLN 39  40  40  GLN GLN A . n 
A 1 40  LEU 40  41  41  LEU LEU A . n 
A 1 41  SER 41  42  42  SER SER A . n 
A 1 42  ASN 42  43  ?   ?   ?   A . n 
A 1 43  ARG 43  44  ?   ?   ?   A . n 
A 1 44  ARG 44  45  ?   ?   ?   A . n 
A 1 45  ALA 45  46  ?   ?   ?   A . n 
A 1 46  GLY 46  47  ?   ?   ?   A . n 
A 1 47  THR 47  48  ?   ?   ?   A . n 
A 1 48  ALA 48  49  ?   ?   ?   A . n 
A 1 49  SER 49  50  ?   ?   ?   A . n 
A 1 50  THR 50  51  ?   ?   ?   A . n 
A 1 51  LYS 51  52  ?   ?   ?   A . n 
A 1 52  THR 52  53  ?   ?   ?   A . n 
A 1 53  ARG 53  54  ?   ?   ?   A . n 
A 1 54  GLY 54  55  ?   ?   ?   A . n 
A 1 55  GLU 55  56  ?   ?   ?   A . n 
A 1 56  VAL 56  57  ?   ?   ?   A . n 
A 1 57  SER 57  58  ?   ?   ?   A . n 
A 1 58  GLY 58  59  ?   ?   ?   A . n 
A 1 59  GLY 59  60  ?   ?   ?   A . n 
A 1 60  GLY 60  61  ?   ?   ?   A . n 
A 1 61  ARG 61  62  ?   ?   ?   A . n 
A 1 62  LYS 62  63  ?   ?   ?   A . n 
A 1 63  PRO 63  64  ?   ?   ?   A . n 
A 1 64  TRP 64  65  ?   ?   ?   A . n 
A 1 65  PRO 65  66  ?   ?   ?   A . n 
A 1 66  GLN 66  67  ?   ?   ?   A . n 
A 1 67  LYS 67  68  ?   ?   ?   A . n 
A 1 68  HIS 68  69  ?   ?   ?   A . n 
A 1 69  THR 69  70  ?   ?   ?   A . n 
A 1 70  GLY 70  71  ?   ?   ?   A . n 
A 1 71  ARG 71  72  ?   ?   ?   A . n 
A 1 72  ALA 72  73  ?   ?   ?   A . n 
A 1 73  ARG 73  74  ?   ?   ?   A . n 
A 1 74  HIS 74  75  ?   ?   ?   A . n 
A 1 75  GLY 75  76  ?   ?   ?   A . n 
A 1 76  SER 76  77  ?   ?   ?   A . n 
A 1 77  ILE 77  78  ?   ?   ?   A . n 
A 1 78  ARG 78  79  ?   ?   ?   A . n 
A 1 79  SER 79  80  ?   ?   ?   A . n 
A 1 80  PRO 80  81  ?   ?   ?   A . n 
A 1 81  ILE 81  82  ?   ?   ?   A . n 
A 1 82  TRP 82  83  ?   ?   ?   A . n 
A 1 83  ARG 83  84  ?   ?   ?   A . n 
A 1 84  HIS 84  85  ?   ?   ?   A . n 
A 1 85  GLY 85  86  ?   ?   ?   A . n 
A 1 86  GLY 86  87  ?   ?   ?   A . n 
A 1 87  VAL 87  88  ?   ?   ?   A . n 
A 1 88  VAL 88  89  ?   ?   ?   A . n 
A 1 89  HIS 89  90  ?   ?   ?   A . n 
A 1 90  GLY 90  91  ?   ?   ?   A . n 
A 1 91  PRO 91  92  ?   ?   ?   A . n 
A 1 92  LYS 92  93  ?   ?   ?   A . n 
A 1 93  PRO 93  94  ?   ?   ?   A . n 
A 1 94  ARG 94  95  ?   ?   ?   A . n 
A 1 95  ASP 95  96  96  ASP ASP A . n 
A 1 96  TRP 96  97  97  TRP TRP A . n 
A 1 97  SER 97  98  98  SER SER A . n 
A 1 98  LYS 98  99  99  LYS LYS A . n 
A 1 99  LYS 99  100 100 LYS LYS A . n 
A 1 100 LEU 100 101 101 LEU LEU A . n 
A 1 101 ASN 101 102 102 ASN ASN A . n 
A 1 102 LYS 102 103 103 LYS LYS A . n 
A 1 103 LYS 103 104 104 LYS LYS A . n 
A 1 104 MET 104 105 105 MET MET A . n 
A 1 105 LYS 105 106 106 LYS LYS A . n 
A 1 106 LYS 106 107 107 LYS LYS A . n 
A 1 107 LEU 107 108 108 LEU LEU A . n 
A 1 108 ALA 108 109 109 ALA ALA A . n 
A 1 109 LEU 109 110 110 LEU LEU A . n 
A 1 110 ARG 110 111 111 ARG ARG A . n 
A 1 111 SER 111 112 112 SER SER A . n 
A 1 112 ALA 112 113 113 ALA ALA A . n 
A 1 113 LEU 113 114 114 LEU LEU A . n 
A 1 114 SER 114 115 115 SER SER A . n 
A 1 115 VAL 115 116 116 VAL VAL A . n 
A 1 116 LYS 116 117 117 LYS LYS A . n 
A 1 117 TYR 117 118 118 TYR TYR A . n 
A 1 118 ARG 118 119 119 ARG ARG A . n 
A 1 119 GLU 119 120 120 GLU GLU A . n 
A 1 120 ASN 120 121 121 ASN ASN A . n 
A 1 121 LYS 121 122 122 LYS LYS A . n 
A 1 122 LEU 122 123 123 LEU LEU A . n 
A 1 123 LEU 123 124 124 LEU LEU A . n 
A 1 124 VAL 124 125 125 VAL VAL A . n 
A 1 125 LEU 125 126 126 LEU LEU A . n 
A 1 126 ASP 126 127 127 ASP ASP A . n 
A 1 127 ASP 127 128 128 ASP ASP A . n 
A 1 128 LEU 128 129 129 LEU LEU A . n 
A 1 129 LYS 129 130 130 LYS LYS A . n 
A 1 130 LEU 130 131 131 LEU LEU A . n 
A 1 131 GLU 131 132 132 GLU GLU A . n 
A 1 132 ARG 132 133 133 ARG ARG A . n 
A 1 133 PRO 133 134 134 PRO PRO A . n 
A 1 134 LYS 134 135 135 LYS LYS A . n 
A 1 135 THR 135 136 136 THR THR A . n 
A 1 136 LYS 136 137 137 LYS LYS A . n 
A 1 137 SER 137 138 138 SER SER A . n 
A 1 138 LEU 138 139 139 LEU LEU A . n 
A 1 139 LYS 139 140 140 LYS LYS A . n 
A 1 140 GLU 140 141 141 GLU GLU A . n 
A 1 141 ILE 141 142 142 ILE ILE A . n 
A 1 142 LEU 142 143 143 LEU LEU A . n 
A 1 143 GLN 143 144 144 GLN GLN A . n 
A 1 144 ASN 144 145 145 ASN ASN A . n 
A 1 145 LEU 145 146 146 LEU LEU A . n 
A 1 146 GLN 146 147 147 GLN GLN A . n 
A 1 147 LEU 147 148 148 LEU LEU A . n 
A 1 148 SER 148 149 149 SER SER A . n 
A 1 149 ASP 149 150 150 ASP ASP A . n 
A 1 150 LYS 150 151 151 LYS LYS A . n 
A 1 151 LYS 151 152 152 LYS LYS A . n 
A 1 152 THR 152 153 153 THR THR A . n 
A 1 153 LEU 153 154 154 LEU LEU A . n 
A 1 154 ILE 154 155 155 ILE ILE A . n 
A 1 155 VAL 155 156 156 VAL VAL A . n 
A 1 156 LEU 156 157 157 LEU LEU A . n 
A 1 157 PRO 157 158 158 PRO PRO A . n 
A 1 158 TRP 158 159 159 TRP TRP A . n 
A 1 159 LYS 159 160 160 LYS LYS A . n 
A 1 160 GLU 160 161 161 GLU GLU A . n 
A 1 161 GLU 161 162 162 GLU GLU A . n 
A 1 162 GLY 162 163 163 GLY GLY A . n 
A 1 163 TYR 163 164 164 TYR TYR A . n 
A 1 164 MET 164 165 165 MET MET A . n 
A 1 165 ASN 165 166 166 ASN ASN A . n 
A 1 166 VAL 166 167 167 VAL VAL A . n 
A 1 167 LYS 167 168 168 LYS LYS A . n 
A 1 168 LEU 168 169 169 LEU LEU A . n 
A 1 169 SER 169 170 170 SER SER A . n 
A 1 170 GLY 170 171 171 GLY GLY A . n 
A 1 171 ARG 171 172 172 ARG ARG A . n 
A 1 172 ASN 172 173 173 ASN ASN A . n 
A 1 173 LEU 173 174 174 LEU LEU A . n 
A 1 174 PRO 174 175 175 PRO PRO A . n 
A 1 175 ASP 175 176 176 ASP ASP A . n 
A 1 176 VAL 176 177 177 VAL VAL A . n 
A 1 177 LYS 177 178 178 LYS LYS A . n 
A 1 178 VAL 178 179 179 VAL VAL A . n 
A 1 179 ILE 179 180 180 ILE ILE A . n 
A 1 180 ILE 180 181 181 ILE ILE A . n 
A 1 181 ALA 181 182 182 ALA ALA A . n 
A 1 182 ASP 182 183 183 ASP ASP A . n 
A 1 183 ASN 183 184 184 ASN ASN A . n 
A 1 184 PRO 184 185 185 PRO PRO A . n 
A 1 185 ASN 185 186 186 ASN ASN A . n 
A 1 186 ASN 186 187 187 ASN ASN A . n 
A 1 187 SER 187 188 188 SER SER A . n 
A 1 188 LYS 188 189 189 LYS LYS A . n 
A 1 189 ASN 189 190 190 ASN ASN A . n 
A 1 190 GLY 190 191 191 GLY GLY A . n 
A 1 191 GLU 191 192 192 GLU GLU A . n 
A 1 192 LYS 192 193 193 LYS LYS A . n 
A 1 193 ALA 193 194 194 ALA ALA A . n 
A 1 194 VAL 194 195 195 VAL VAL A . n 
A 1 195 ARG 195 196 196 ARG ARG A . n 
A 1 196 ILE 196 197 197 ILE ILE A . n 
A 1 197 ASP 197 198 198 ASP ASP A . n 
A 1 198 GLY 198 199 199 GLY GLY A . n 
A 1 199 LEU 199 200 200 LEU LEU A . n 
A 1 200 ASN 200 201 201 ASN ASN A . n 
A 1 201 VAL 201 202 202 VAL VAL A . n 
A 1 202 PHE 202 203 203 PHE PHE A . n 
A 1 203 ASP 203 204 204 ASP ASP A . n 
A 1 204 MET 204 205 205 MET MET A . n 
A 1 205 LEU 205 206 206 LEU LEU A . n 
A 1 206 LYS 206 207 207 LYS LYS A . n 
A 1 207 TYR 207 208 208 TYR TYR A . n 
A 1 208 ASP 208 209 209 ASP ASP A . n 
A 1 209 TYR 209 210 210 TYR TYR A . n 
A 1 210 LEU 210 211 211 LEU LEU A . n 
A 1 211 VAL 211 212 212 VAL VAL A . n 
A 1 212 LEU 212 213 213 LEU LEU A . n 
A 1 213 THR 213 214 214 THR THR A . n 
A 1 214 ARG 214 215 215 ARG ARG A . n 
A 1 215 ASP 215 216 216 ASP ASP A . n 
A 1 216 MET 216 217 217 MET MET A . n 
A 1 217 VAL 217 218 218 VAL VAL A . n 
A 1 218 SER 218 219 219 SER SER A . n 
A 1 219 LYS 219 220 220 LYS LYS A . n 
A 1 220 ILE 220 221 221 ILE ILE A . n 
A 1 221 GLU 221 222 222 GLU GLU A . n 
A 1 222 GLU 222 223 223 GLU GLU A . n 
A 1 223 VAL 223 224 224 VAL VAL A . n 
A 1 224 LEU 224 225 225 LEU LEU A . n 
A 1 225 GLY 225 226 226 GLY GLY A . n 
# 
loop_
_pdbx_nonpoly_scheme.asym_id 
_pdbx_nonpoly_scheme.entity_id 
_pdbx_nonpoly_scheme.mon_id 
_pdbx_nonpoly_scheme.ndb_seq_num 
_pdbx_nonpoly_scheme.pdb_seq_num 
_pdbx_nonpoly_scheme.auth_seq_num 
_pdbx_nonpoly_scheme.pdb_mon_id 
_pdbx_nonpoly_scheme.auth_mon_id 
_pdbx_nonpoly_scheme.pdb_strand_id 
_pdbx_nonpoly_scheme.pdb_ins_code 
B 2 CIT 1   510 510 CIT CIT A . 
C 3 HOH 1   511 1   HOH HOH A . 
C 3 HOH 2   512 2   HOH HOH A . 
C 3 HOH 3   513 3   HOH HOH A . 
C 3 HOH 4   514 4   HOH HOH A . 
C 3 HOH 5   515 5   HOH HOH A . 
C 3 HOH 6   516 6   HOH HOH A . 
C 3 HOH 7   517 7   HOH HOH A . 
C 3 HOH 8   518 8   HOH HOH A . 
C 3 HOH 9   519 9   HOH HOH A . 
C 3 HOH 10  520 10  HOH HOH A . 
C 3 HOH 11  521 11  HOH HOH A . 
C 3 HOH 12  522 13  HOH HOH A . 
C 3 HOH 13  523 14  HOH HOH A . 
C 3 HOH 14  524 15  HOH HOH A . 
C 3 HOH 15  525 16  HOH HOH A . 
C 3 HOH 16  526 17  HOH HOH A . 
C 3 HOH 17  527 18  HOH HOH A . 
C 3 HOH 18  528 19  HOH HOH A . 
C 3 HOH 19  529 20  HOH HOH A . 
C 3 HOH 20  530 23  HOH HOH A . 
C 3 HOH 21  531 24  HOH HOH A . 
C 3 HOH 22  532 25  HOH HOH A . 
C 3 HOH 23  533 26  HOH HOH A . 
C 3 HOH 24  534 28  HOH HOH A . 
C 3 HOH 25  535 29  HOH HOH A . 
C 3 HOH 26  536 30  HOH HOH A . 
C 3 HOH 27  537 31  HOH HOH A . 
C 3 HOH 28  538 32  HOH HOH A . 
C 3 HOH 29  539 33  HOH HOH A . 
C 3 HOH 30  540 34  HOH HOH A . 
C 3 HOH 31  541 35  HOH HOH A . 
C 3 HOH 32  542 38  HOH HOH A . 
C 3 HOH 33  543 39  HOH HOH A . 
C 3 HOH 34  544 40  HOH HOH A . 
C 3 HOH 35  545 41  HOH HOH A . 
C 3 HOH 36  546 42  HOH HOH A . 
C 3 HOH 37  547 43  HOH HOH A . 
C 3 HOH 38  548 45  HOH HOH A . 
C 3 HOH 39  549 46  HOH HOH A . 
C 3 HOH 40  550 47  HOH HOH A . 
C 3 HOH 41  551 48  HOH HOH A . 
C 3 HOH 42  552 49  HOH HOH A . 
C 3 HOH 43  553 51  HOH HOH A . 
C 3 HOH 44  554 53  HOH HOH A . 
C 3 HOH 45  555 55  HOH HOH A . 
C 3 HOH 46  556 56  HOH HOH A . 
C 3 HOH 47  557 58  HOH HOH A . 
C 3 HOH 48  558 59  HOH HOH A . 
C 3 HOH 49  559 60  HOH HOH A . 
C 3 HOH 50  560 61  HOH HOH A . 
C 3 HOH 51  561 62  HOH HOH A . 
C 3 HOH 52  562 63  HOH HOH A . 
C 3 HOH 53  563 65  HOH HOH A . 
C 3 HOH 54  564 66  HOH HOH A . 
C 3 HOH 55  565 67  HOH HOH A . 
C 3 HOH 56  566 68  HOH HOH A . 
C 3 HOH 57  567 69  HOH HOH A . 
C 3 HOH 58  568 70  HOH HOH A . 
C 3 HOH 59  569 71  HOH HOH A . 
C 3 HOH 60  570 72  HOH HOH A . 
C 3 HOH 61  571 73  HOH HOH A . 
C 3 HOH 62  572 77  HOH HOH A . 
C 3 HOH 63  573 78  HOH HOH A . 
C 3 HOH 64  574 79  HOH HOH A . 
C 3 HOH 65  575 80  HOH HOH A . 
C 3 HOH 66  576 81  HOH HOH A . 
C 3 HOH 67  577 83  HOH HOH A . 
C 3 HOH 68  578 84  HOH HOH A . 
C 3 HOH 69  579 90  HOH HOH A . 
C 3 HOH 70  580 93  HOH HOH A . 
C 3 HOH 71  581 94  HOH HOH A . 
C 3 HOH 72  582 95  HOH HOH A . 
C 3 HOH 73  583 97  HOH HOH A . 
C 3 HOH 74  584 98  HOH HOH A . 
C 3 HOH 75  585 99  HOH HOH A . 
C 3 HOH 76  586 101 HOH HOH A . 
C 3 HOH 77  587 102 HOH HOH A . 
C 3 HOH 78  588 104 HOH HOH A . 
C 3 HOH 79  589 106 HOH HOH A . 
C 3 HOH 80  590 110 HOH HOH A . 
C 3 HOH 81  591 111 HOH HOH A . 
C 3 HOH 82  592 129 HOH HOH A . 
C 3 HOH 83  593 271 HOH HOH A . 
C 3 HOH 84  594 274 HOH HOH A . 
C 3 HOH 85  595 277 HOH HOH A . 
C 3 HOH 86  596 278 HOH HOH A . 
C 3 HOH 87  597 279 HOH HOH A . 
C 3 HOH 88  598 280 HOH HOH A . 
C 3 HOH 89  599 283 HOH HOH A . 
C 3 HOH 90  600 284 HOH HOH A . 
C 3 HOH 91  601 285 HOH HOH A . 
C 3 HOH 92  602 286 HOH HOH A . 
C 3 HOH 93  603 288 HOH HOH A . 
C 3 HOH 94  604 289 HOH HOH A . 
C 3 HOH 95  605 290 HOH HOH A . 
C 3 HOH 96  606 292 HOH HOH A . 
C 3 HOH 97  607 294 HOH HOH A . 
C 3 HOH 98  608 296 HOH HOH A . 
C 3 HOH 99  609 298 HOH HOH A . 
C 3 HOH 100 610 299 HOH HOH A . 
C 3 HOH 101 611 302 HOH HOH A . 
C 3 HOH 102 612 305 HOH HOH A . 
C 3 HOH 103 613 307 HOH HOH A . 
C 3 HOH 104 614 309 HOH HOH A . 
C 3 HOH 105 615 310 HOH HOH A . 
C 3 HOH 106 616 311 HOH HOH A . 
C 3 HOH 107 617 312 HOH HOH A . 
C 3 HOH 108 618 319 HOH HOH A . 
C 3 HOH 109 619 321 HOH HOH A . 
C 3 HOH 110 620 322 HOH HOH A . 
C 3 HOH 111 621 323 HOH HOH A . 
C 3 HOH 112 622 324 HOH HOH A . 
C 3 HOH 113 623 325 HOH HOH A . 
C 3 HOH 114 624 328 HOH HOH A . 
C 3 HOH 115 625 331 HOH HOH A . 
C 3 HOH 116 626 332 HOH HOH A . 
C 3 HOH 117 627 333 HOH HOH A . 
C 3 HOH 118 628 334 HOH HOH A . 
C 3 HOH 119 629 336 HOH HOH A . 
C 3 HOH 120 630 337 HOH HOH A . 
C 3 HOH 121 631 338 HOH HOH A . 
C 3 HOH 122 632 339 HOH HOH A . 
C 3 HOH 123 633 340 HOH HOH A . 
C 3 HOH 124 634 341 HOH HOH A . 
C 3 HOH 125 635 342 HOH HOH A . 
C 3 HOH 126 636 347 HOH HOH A . 
C 3 HOH 127 637 349 HOH HOH A . 
C 3 HOH 128 638 350 HOH HOH A . 
C 3 HOH 129 639 353 HOH HOH A . 
C 3 HOH 130 640 354 HOH HOH A . 
C 3 HOH 131 641 355 HOH HOH A . 
C 3 HOH 132 642 356 HOH HOH A . 
C 3 HOH 133 643 357 HOH HOH A . 
C 3 HOH 134 644 358 HOH HOH A . 
C 3 HOH 135 645 361 HOH HOH A . 
C 3 HOH 136 646 362 HOH HOH A . 
C 3 HOH 137 647 363 HOH HOH A . 
C 3 HOH 138 648 364 HOH HOH A . 
C 3 HOH 139 649 365 HOH HOH A . 
C 3 HOH 140 650 366 HOH HOH A . 
C 3 HOH 141 651 367 HOH HOH A . 
C 3 HOH 142 652 368 HOH HOH A . 
C 3 HOH 143 653 370 HOH HOH A . 
C 3 HOH 144 654 372 HOH HOH A . 
C 3 HOH 145 655 373 HOH HOH A . 
C 3 HOH 146 656 374 HOH HOH A . 
C 3 HOH 147 657 376 HOH HOH A . 
C 3 HOH 148 658 377 HOH HOH A . 
C 3 HOH 149 659 378 HOH HOH A . 
C 3 HOH 150 660 379 HOH HOH A . 
C 3 HOH 151 661 383 HOH HOH A . 
C 3 HOH 152 662 384 HOH HOH A . 
C 3 HOH 153 663 388 HOH HOH A . 
C 3 HOH 154 664 391 HOH HOH A . 
C 3 HOH 155 665 393 HOH HOH A . 
C 3 HOH 156 666 394 HOH HOH A . 
C 3 HOH 157 667 395 HOH HOH A . 
C 3 HOH 158 668 396 HOH HOH A . 
C 3 HOH 159 669 397 HOH HOH A . 
C 3 HOH 160 670 398 HOH HOH A . 
C 3 HOH 161 671 400 HOH HOH A . 
C 3 HOH 162 672 401 HOH HOH A . 
C 3 HOH 163 673 402 HOH HOH A . 
C 3 HOH 164 674 403 HOH HOH A . 
C 3 HOH 165 675 406 HOH HOH A . 
C 3 HOH 166 676 407 HOH HOH A . 
C 3 HOH 167 677 410 HOH HOH A . 
C 3 HOH 168 678 411 HOH HOH A . 
C 3 HOH 169 679 412 HOH HOH A . 
C 3 HOH 170 680 413 HOH HOH A . 
C 3 HOH 171 681 415 HOH HOH A . 
C 3 HOH 172 682 416 HOH HOH A . 
C 3 HOH 173 683 417 HOH HOH A . 
C 3 HOH 174 684 418 HOH HOH A . 
C 3 HOH 175 685 419 HOH HOH A . 
C 3 HOH 176 686 420 HOH HOH A . 
C 3 HOH 177 687 422 HOH HOH A . 
C 3 HOH 178 688 423 HOH HOH A . 
C 3 HOH 179 689 424 HOH HOH A . 
C 3 HOH 180 690 425 HOH HOH A . 
C 3 HOH 181 691 426 HOH HOH A . 
C 3 HOH 182 692 428 HOH HOH A . 
C 3 HOH 183 693 429 HOH HOH A . 
C 3 HOH 184 694 430 HOH HOH A . 
C 3 HOH 185 695 432 HOH HOH A . 
C 3 HOH 186 696 436 HOH HOH A . 
C 3 HOH 187 697 438 HOH HOH A . 
C 3 HOH 188 698 439 HOH HOH A . 
C 3 HOH 189 699 440 HOH HOH A . 
C 3 HOH 190 700 441 HOH HOH A . 
C 3 HOH 191 701 446 HOH HOH A . 
C 3 HOH 192 702 447 HOH HOH A . 
C 3 HOH 193 703 448 HOH HOH A . 
C 3 HOH 194 704 452 HOH HOH A . 
C 3 HOH 195 705 455 HOH HOH A . 
C 3 HOH 196 706 457 HOH HOH A . 
C 3 HOH 197 707 458 HOH HOH A . 
C 3 HOH 198 708 459 HOH HOH A . 
C 3 HOH 199 709 460 HOH HOH A . 
C 3 HOH 200 710 461 HOH HOH A . 
C 3 HOH 201 711 463 HOH HOH A . 
C 3 HOH 202 712 464 HOH HOH A . 
C 3 HOH 203 713 467 HOH HOH A . 
C 3 HOH 204 714 468 HOH HOH A . 
C 3 HOH 205 715 472 HOH HOH A . 
C 3 HOH 206 716 475 HOH HOH A . 
C 3 HOH 207 717 481 HOH HOH A . 
C 3 HOH 208 718 482 HOH HOH A . 
C 3 HOH 209 719 484 HOH HOH A . 
C 3 HOH 210 720 486 HOH HOH A . 
C 3 HOH 211 721 489 HOH HOH A . 
C 3 HOH 212 722 494 HOH HOH A . 
C 3 HOH 213 723 496 HOH HOH A . 
# 
loop_
_pdbx_unobs_or_zero_occ_atoms.id 
_pdbx_unobs_or_zero_occ_atoms.PDB_model_num 
_pdbx_unobs_or_zero_occ_atoms.polymer_flag 
_pdbx_unobs_or_zero_occ_atoms.occupancy_flag 
_pdbx_unobs_or_zero_occ_atoms.auth_asym_id 
_pdbx_unobs_or_zero_occ_atoms.auth_comp_id 
_pdbx_unobs_or_zero_occ_atoms.auth_seq_id 
_pdbx_unobs_or_zero_occ_atoms.PDB_ins_code 
_pdbx_unobs_or_zero_occ_atoms.auth_atom_id 
_pdbx_unobs_or_zero_occ_atoms.label_alt_id 
_pdbx_unobs_or_zero_occ_atoms.label_asym_id 
_pdbx_unobs_or_zero_occ_atoms.label_comp_id 
_pdbx_unobs_or_zero_occ_atoms.label_seq_id 
_pdbx_unobs_or_zero_occ_atoms.label_atom_id 
1  1 Y 0 A GLN 40  ? CB  ? A GLN 39  CB  
2  1 Y 0 A GLN 40  ? CG  ? A GLN 39  CG  
3  1 Y 0 A GLN 40  ? CD  ? A GLN 39  CD  
4  1 Y 0 A GLN 40  ? OE1 ? A GLN 39  OE1 
5  1 Y 0 A GLN 40  ? NE2 ? A GLN 39  NE2 
6  1 Y 0 A ASP 96  ? CB  ? A ASP 95  CB  
7  1 Y 0 A ASP 96  ? CG  ? A ASP 95  CG  
8  1 Y 0 A ASP 96  ? OD1 ? A ASP 95  OD1 
9  1 Y 0 A ASP 96  ? OD2 ? A ASP 95  OD2 
10 1 Y 0 A LYS 99  ? CG  ? A LYS 98  CG  
11 1 Y 0 A LYS 99  ? CD  ? A LYS 98  CD  
12 1 Y 0 A LYS 99  ? CE  ? A LYS 98  CE  
13 1 Y 0 A LYS 99  ? NZ  ? A LYS 98  NZ  
14 1 Y 0 A GLU 132 ? CG  ? A GLU 131 CG  
15 1 Y 0 A GLU 132 ? CD  ? A GLU 131 CD  
16 1 Y 0 A GLU 132 ? OE1 ? A GLU 131 OE1 
17 1 Y 0 A GLU 132 ? OE2 ? A GLU 131 OE2 
18 1 Y 0 A ARG 133 ? CG  ? A ARG 132 CG  
19 1 Y 0 A ARG 133 ? CD  ? A ARG 132 CD  
20 1 Y 0 A ARG 133 ? NE  ? A ARG 132 NE  
21 1 Y 0 A ARG 133 ? CZ  ? A ARG 132 CZ  
22 1 Y 0 A ARG 133 ? NH1 ? A ARG 132 NH1 
23 1 Y 0 A ARG 133 ? NH2 ? A ARG 132 NH2 
24 1 Y 0 A LYS 160 ? CB  ? A LYS 159 CB  
25 1 Y 0 A LYS 160 ? CG  ? A LYS 159 CG  
26 1 Y 0 A LYS 160 ? CD  ? A LYS 159 CD  
27 1 Y 0 A LYS 160 ? CE  ? A LYS 159 CE  
28 1 Y 0 A LYS 160 ? NZ  ? A LYS 159 NZ  
29 1 Y 0 A MET 165 ? CG  ? A MET 164 CG  
30 1 Y 0 A MET 165 ? SD  ? A MET 164 SD  
31 1 Y 0 A MET 165 ? CE  ? A MET 164 CE  
32 1 Y 0 A ASN 184 ? CB  ? A ASN 183 CB  
33 1 Y 0 A ASN 184 ? CG  ? A ASN 183 CG  
34 1 Y 0 A ASN 184 ? OD1 ? A ASN 183 OD1 
35 1 Y 0 A ASN 184 ? ND2 ? A ASN 183 ND2 
36 1 Y 0 A PRO 185 ? CG  ? A PRO 184 CG  
37 1 Y 0 A PRO 185 ? CD  ? A PRO 184 CD  
38 1 Y 0 A GLU 192 ? CG  ? A GLU 191 CG  
39 1 Y 0 A GLU 192 ? CD  ? A GLU 191 CD  
40 1 Y 0 A GLU 192 ? OE1 ? A GLU 191 OE1 
41 1 Y 0 A GLU 192 ? OE2 ? A GLU 191 OE2 
# 
loop_
_software.name 
_software.classification 
_software.version 
_software.citation_id 
_software.pdbx_ordinal 
SHARP     phasing          . ? 1 
CNS       refinement       . ? 2 
DENZO     'data reduction' . ? 3 
SCALEPACK 'data scaling'   . ? 4 
# 
_cell.entry_id           1DMG 
_cell.length_a           43.000 
_cell.length_b           48.600 
_cell.length_c           112.000 
_cell.angle_alpha        90.00 
_cell.angle_beta         90.00 
_cell.angle_gamma        90.00 
_cell.Z_PDB              4 
_cell.pdbx_unique_axis   ? 
# 
_symmetry.entry_id                         1DMG 
_symmetry.space_group_name_H-M             'P 21 21 21' 
_symmetry.pdbx_full_space_group_name_H-M   ? 
_symmetry.cell_setting                     ? 
_symmetry.Int_Tables_number                19 
# 
_exptl.entry_id          1DMG 
_exptl.method            'X-RAY DIFFRACTION' 
_exptl.crystals_number   1 
# 
_exptl_crystal.id                    1 
_exptl_crystal.density_meas          ? 
_exptl_crystal.density_Matthews      2.28 
_exptl_crystal.density_percent_sol   45.97 
_exptl_crystal.description           ? 
# 
_exptl_crystal_grow.crystal_id      1 
_exptl_crystal_grow.method          'VAPOR DIFFUSION, SITTING DROP' 
_exptl_crystal_grow.temp            298.0 
_exptl_crystal_grow.temp_details    ? 
_exptl_crystal_grow.pH              3.8 
_exptl_crystal_grow.pdbx_details    'PEG400, AMMONIUM ACETATE, CITRATE, pH 3.8, VAPOR DIFFUSION, SITTING DROP, temperature 298.0K' 
_exptl_crystal_grow.pdbx_pH_range   . 
# 
_diffrn.id                     1 
_diffrn.ambient_temp           100.0 
_diffrn.ambient_temp_details   ? 
_diffrn.crystal_id             1 
# 
_diffrn_detector.diffrn_id              1 
_diffrn_detector.detector               CCD 
_diffrn_detector.type                   MARRESEARCH 
_diffrn_detector.pdbx_collection_date   1998-06-03 
_diffrn_detector.details                ? 
# 
_diffrn_radiation.diffrn_id                        1 
_diffrn_radiation.wavelength_id                    1 
_diffrn_radiation.pdbx_monochromatic_or_laue_m_l   M 
_diffrn_radiation.monochromator                    ? 
_diffrn_radiation.pdbx_diffrn_protocol             'SINGLE WAVELENGTH' 
_diffrn_radiation.pdbx_scattering_type             x-ray 
# 
_diffrn_radiation_wavelength.id           1 
_diffrn_radiation_wavelength.wavelength   1.07 
_diffrn_radiation_wavelength.wt           1.0 
# 
_diffrn_source.diffrn_id                   1 
_diffrn_source.source                      SYNCHROTRON 
_diffrn_source.type                        'MPG/DESY, HAMBURG BEAMLINE BW6' 
_diffrn_source.pdbx_synchrotron_site       'MPG/DESY, HAMBURG' 
_diffrn_source.pdbx_synchrotron_beamline   BW6 
_diffrn_source.pdbx_wavelength             1.07 
_diffrn_source.pdbx_wavelength_list        ? 
# 
_reflns.entry_id                     1DMG 
_reflns.observed_criterion_sigma_I   -3.0 
_reflns.observed_criterion_sigma_F   0.0 
_reflns.d_resolution_low             15.0 
_reflns.d_resolution_high            1.70 
_reflns.number_obs                   23468 
_reflns.number_all                   25013 
_reflns.percent_possible_obs         92.8 
_reflns.pdbx_Rmerge_I_obs            0.0540000 
_reflns.pdbx_Rsym_value              ? 
_reflns.pdbx_netI_over_sigmaI        25.9 
_reflns.B_iso_Wilson_estimate        23.8 
_reflns.pdbx_redundancy              3.4 
_reflns.R_free_details               ? 
_reflns.limit_h_max                  ? 
_reflns.limit_h_min                  ? 
_reflns.limit_k_max                  ? 
_reflns.limit_k_min                  ? 
_reflns.limit_l_max                  ? 
_reflns.limit_l_min                  ? 
_reflns.observed_criterion_F_max     ? 
_reflns.observed_criterion_F_min     ? 
_reflns.pdbx_diffrn_id               1 
_reflns.pdbx_ordinal                 1 
# 
_reflns_shell.d_res_high             1.70 
_reflns_shell.d_res_low              1.73 
_reflns_shell.percent_possible_all   88.0 
_reflns_shell.Rmerge_I_obs           0.3200000 
_reflns_shell.pdbx_Rsym_value        ? 
_reflns_shell.meanI_over_sigI_obs    ? 
_reflns_shell.pdbx_redundancy        2.0 
_reflns_shell.percent_possible_obs   ? 
_reflns_shell.number_unique_all      ? 
_reflns_shell.pdbx_diffrn_id         ? 
_reflns_shell.pdbx_ordinal           1 
# 
_refine.entry_id                                 1DMG 
_refine.ls_number_reflns_obs                     22806 
_refine.ls_number_reflns_all                     23234 
_refine.pdbx_ls_sigma_I                          0.0 
_refine.pdbx_ls_sigma_F                          2.0 
_refine.pdbx_data_cutoff_high_absF               ? 
_refine.pdbx_data_cutoff_low_absF                ? 
_refine.pdbx_data_cutoff_high_rms_absF           ? 
_refine.ls_d_res_low                             8.0 
_refine.ls_d_res_high                            1.7 
_refine.ls_percent_reflns_obs                    ? 
_refine.ls_R_factor_obs                          0.2080000 
_refine.ls_R_factor_all                          ? 
_refine.ls_R_factor_R_work                       0.2080000 
_refine.ls_R_factor_R_free                       0.2370000 
_refine.ls_R_factor_R_free_error                 ? 
_refine.ls_R_factor_R_free_error_details         ? 
_refine.ls_percent_reflns_R_free                 ? 
_refine.ls_number_reflns_R_free                  1106 
_refine.ls_number_parameters                     ? 
_refine.ls_number_restraints                     ? 
_refine.occupancy_min                            ? 
_refine.occupancy_max                            ? 
_refine.B_iso_mean                               ? 
_refine.aniso_B[1][1]                            ? 
_refine.aniso_B[2][2]                            ? 
_refine.aniso_B[3][3]                            ? 
_refine.aniso_B[1][2]                            ? 
_refine.aniso_B[1][3]                            ? 
_refine.aniso_B[2][3]                            ? 
_refine.solvent_model_details                    ? 
_refine.solvent_model_param_ksol                 ? 
_refine.solvent_model_param_bsol                 ? 
_refine.pdbx_ls_cross_valid_method               ? 
_refine.details                                  ? 
_refine.pdbx_starting_model                      ? 
_refine.pdbx_method_to_determine_struct          ? 
_refine.pdbx_isotropic_thermal_model             ? 
_refine.pdbx_stereochemistry_target_values       'ENGH & HUBER' 
_refine.pdbx_stereochem_target_val_spec_case     ? 
_refine.pdbx_R_Free_selection_details            RANDOM 
_refine.pdbx_overall_ESU_R                       ? 
_refine.pdbx_overall_ESU_R_Free                  ? 
_refine.overall_SU_ML                            ? 
_refine.overall_SU_B                             ? 
_refine.ls_redundancy_reflns_obs                 ? 
_refine.B_iso_min                                ? 
_refine.B_iso_max                                ? 
_refine.correlation_coeff_Fo_to_Fc               ? 
_refine.correlation_coeff_Fo_to_Fc_free          ? 
_refine.overall_SU_R_Cruickshank_DPI             ? 
_refine.overall_SU_R_free                        ? 
_refine.pdbx_refine_id                           'X-RAY DIFFRACTION' 
_refine.pdbx_diffrn_id                           1 
_refine.pdbx_TLS_residual_ADP_flag               ? 
_refine.pdbx_solvent_vdw_probe_radii             ? 
_refine.pdbx_solvent_ion_probe_radii             ? 
_refine.pdbx_solvent_shrinkage_radii             ? 
_refine.pdbx_overall_phase_error                 ? 
_refine.pdbx_overall_SU_R_free_Cruickshank_DPI   ? 
_refine.pdbx_overall_SU_R_Blow_DPI               ? 
_refine.pdbx_overall_SU_R_free_Blow_DPI          ? 
# 
_refine_hist.pdbx_refine_id                   'X-RAY DIFFRACTION' 
_refine_hist.cycle_id                         LAST 
_refine_hist.pdbx_number_atoms_protein        1397 
_refine_hist.pdbx_number_atoms_nucleic_acid   0 
_refine_hist.pdbx_number_atoms_ligand         13 
_refine_hist.number_atoms_solvent             213 
_refine_hist.number_atoms_total               1623 
_refine_hist.d_res_high                       1.7 
_refine_hist.d_res_low                        8.0 
# 
loop_
_refine_ls_restr.type 
_refine_ls_restr.dev_ideal 
_refine_ls_restr.dev_ideal_target 
_refine_ls_restr.weight 
_refine_ls_restr.number 
_refine_ls_restr.pdbx_refine_id 
_refine_ls_restr.pdbx_restraint_function 
c_bond_d                0.009 ? ? ? 'X-RAY DIFFRACTION' ? 
c_bond_d_na             ?     ? ? ? 'X-RAY DIFFRACTION' ? 
c_bond_d_prot           ?     ? ? ? 'X-RAY DIFFRACTION' ? 
c_angle_d               1.5   ? ? ? 'X-RAY DIFFRACTION' ? 
c_angle_d_na            ?     ? ? ? 'X-RAY DIFFRACTION' ? 
c_angle_d_prot          ?     ? ? ? 'X-RAY DIFFRACTION' ? 
c_angle_deg             ?     ? ? ? 'X-RAY DIFFRACTION' ? 
c_angle_deg_na          ?     ? ? ? 'X-RAY DIFFRACTION' ? 
c_angle_deg_prot        ?     ? ? ? 'X-RAY DIFFRACTION' ? 
c_dihedral_angle_d      ?     ? ? ? 'X-RAY DIFFRACTION' ? 
c_dihedral_angle_d_na   ?     ? ? ? 'X-RAY DIFFRACTION' ? 
c_dihedral_angle_d_prot ?     ? ? ? 'X-RAY DIFFRACTION' ? 
c_improper_angle_d      ?     ? ? ? 'X-RAY DIFFRACTION' ? 
c_improper_angle_d_na   ?     ? ? ? 'X-RAY DIFFRACTION' ? 
c_improper_angle_d_prot ?     ? ? ? 'X-RAY DIFFRACTION' ? 
c_mcbond_it             ?     ? ? ? 'X-RAY DIFFRACTION' ? 
c_mcangle_it            ?     ? ? ? 'X-RAY DIFFRACTION' ? 
c_scbond_it             ?     ? ? ? 'X-RAY DIFFRACTION' ? 
c_scangle_it            ?     ? ? ? 'X-RAY DIFFRACTION' ? 
# 
_struct.entry_id                  1DMG 
_struct.title                     'CRYSTAL STRUCTURE OF RIBOSOMAL PROTEIN L4' 
_struct.pdbx_model_details        ? 
_struct.pdbx_CASP_flag            ? 
_struct.pdbx_model_type_details   ? 
# 
_struct_keywords.entry_id        1DMG 
_struct_keywords.pdbx_keywords   'GENE REGULATION' 
_struct_keywords.text            'ALPHA-BETA, RIBOSOMAL PROTEIN, L4, RIBOSOME, RNA, S10 OPERON, GENE REGULATION' 
# 
loop_
_struct_asym.id 
_struct_asym.pdbx_blank_PDB_chainid_flag 
_struct_asym.pdbx_modified 
_struct_asym.entity_id 
_struct_asym.details 
A N N 1 ? 
B N N 2 ? 
C N N 3 ? 
# 
_struct_ref.id                         1 
_struct_ref.db_name                    UNP 
_struct_ref.db_code                    RL4_THEMA 
_struct_ref.entity_id                  1 
_struct_ref.pdbx_db_accession          P38516 
_struct_ref.pdbx_align_begin           ? 
_struct_ref.pdbx_seq_one_letter_code   ? 
_struct_ref.pdbx_db_isoform            ? 
# 
_struct_ref_seq.align_id                      1 
_struct_ref_seq.ref_id                        1 
_struct_ref_seq.pdbx_PDB_id_code              1DMG 
_struct_ref_seq.pdbx_strand_id                A 
_struct_ref_seq.seq_align_beg                 1 
_struct_ref_seq.pdbx_seq_align_beg_ins_code   ? 
_struct_ref_seq.seq_align_end                 225 
_struct_ref_seq.pdbx_seq_align_end_ins_code   ? 
_struct_ref_seq.pdbx_db_accession             P38516 
_struct_ref_seq.db_align_beg                  2 
_struct_ref_seq.pdbx_db_align_beg_ins_code    ? 
_struct_ref_seq.db_align_end                  226 
_struct_ref_seq.pdbx_db_align_end_ins_code    ? 
_struct_ref_seq.pdbx_auth_seq_align_beg       2 
_struct_ref_seq.pdbx_auth_seq_align_end       226 
# 
_pdbx_struct_assembly.id                   1 
_pdbx_struct_assembly.details              author_defined_assembly 
_pdbx_struct_assembly.method_details       ? 
_pdbx_struct_assembly.oligomeric_details   monomeric 
_pdbx_struct_assembly.oligomeric_count     1 
# 
_pdbx_struct_assembly_gen.assembly_id       1 
_pdbx_struct_assembly_gen.oper_expression   1 
_pdbx_struct_assembly_gen.asym_id_list      A,B,C 
# 
_pdbx_struct_oper_list.id                   1 
_pdbx_struct_oper_list.type                 'identity operation' 
_pdbx_struct_oper_list.name                 1_555 
_pdbx_struct_oper_list.symmetry_operation   x,y,z 
_pdbx_struct_oper_list.matrix[1][1]         1.0000000000 
_pdbx_struct_oper_list.matrix[1][2]         0.0000000000 
_pdbx_struct_oper_list.matrix[1][3]         0.0000000000 
_pdbx_struct_oper_list.vector[1]            0.0000000000 
_pdbx_struct_oper_list.matrix[2][1]         0.0000000000 
_pdbx_struct_oper_list.matrix[2][2]         1.0000000000 
_pdbx_struct_oper_list.matrix[2][3]         0.0000000000 
_pdbx_struct_oper_list.vector[2]            0.0000000000 
_pdbx_struct_oper_list.matrix[3][1]         0.0000000000 
_pdbx_struct_oper_list.matrix[3][2]         0.0000000000 
_pdbx_struct_oper_list.matrix[3][3]         1.0000000000 
_pdbx_struct_oper_list.vector[3]            0.0000000000 
# 
_struct_biol.id                    1 
_struct_biol.pdbx_parent_biol_id   ? 
_struct_biol.details               ? 
# 
loop_
_struct_conf.conf_type_id 
_struct_conf.id 
_struct_conf.pdbx_PDB_helix_id 
_struct_conf.beg_label_comp_id 
_struct_conf.beg_label_asym_id 
_struct_conf.beg_label_seq_id 
_struct_conf.pdbx_beg_PDB_ins_code 
_struct_conf.end_label_comp_id 
_struct_conf.end_label_asym_id 
_struct_conf.end_label_seq_id 
_struct_conf.pdbx_end_PDB_ins_code 
_struct_conf.beg_auth_comp_id 
_struct_conf.beg_auth_asym_id 
_struct_conf.beg_auth_seq_id 
_struct_conf.end_auth_comp_id 
_struct_conf.end_auth_asym_id 
_struct_conf.end_auth_seq_id 
_struct_conf.pdbx_PDB_helix_class 
_struct_conf.details 
_struct_conf.pdbx_PDB_helix_length 
HELX_P HELX_P1 1 SER A 19  ? ASN A 24  ? SER A 20  ASN A 25  1 ? 6  
HELX_P HELX_P2 2 ASN A 28  ? SER A 41  ? ASN A 29  SER A 42  1 ? 14 
HELX_P HELX_P3 3 ASP A 95  ? GLU A 119 ? ASP A 96  GLU A 120 1 ? 25 
HELX_P HELX_P4 4 LYS A 134 ? LEU A 145 ? LYS A 135 LEU A 146 1 ? 12 
HELX_P HELX_P5 5 GLU A 160 ? ARG A 171 ? GLU A 161 ARG A 172 1 ? 12 
HELX_P HELX_P6 6 ASN A 200 ? TYR A 207 ? ASN A 201 TYR A 208 1 ? 8  
HELX_P HELX_P7 7 ARG A 214 ? GLY A 225 ? ARG A 215 GLY A 226 1 ? 12 
# 
_struct_conf_type.id          HELX_P 
_struct_conf_type.criteria    ? 
_struct_conf_type.reference   ? 
# 
_struct_sheet.id               A 
_struct_sheet.type             ? 
_struct_sheet.number_strands   6 
_struct_sheet.details          ? 
# 
loop_
_struct_sheet_order.sheet_id 
_struct_sheet_order.range_id_1 
_struct_sheet_order.range_id_2 
_struct_sheet_order.offset 
_struct_sheet_order.sense 
A 1 2 ? anti-parallel 
A 2 3 ? parallel      
A 3 4 ? parallel      
A 4 5 ? parallel      
A 5 6 ? parallel      
# 
loop_
_struct_sheet_range.sheet_id 
_struct_sheet_range.id 
_struct_sheet_range.beg_label_comp_id 
_struct_sheet_range.beg_label_asym_id 
_struct_sheet_range.beg_label_seq_id 
_struct_sheet_range.pdbx_beg_PDB_ins_code 
_struct_sheet_range.end_label_comp_id 
_struct_sheet_range.end_label_asym_id 
_struct_sheet_range.end_label_seq_id 
_struct_sheet_range.pdbx_end_PDB_ins_code 
_struct_sheet_range.beg_auth_comp_id 
_struct_sheet_range.beg_auth_asym_id 
_struct_sheet_range.beg_auth_seq_id 
_struct_sheet_range.end_auth_comp_id 
_struct_sheet_range.end_auth_asym_id 
_struct_sheet_range.end_auth_seq_id 
A 1 LYS A 12  ? GLU A 17  ? LYS A 13  GLU A 18  
A 2 GLN A 2   ? LEU A 6   ? GLN A 3   LEU A 7   
A 3 LEU A 122 ? LEU A 125 ? LEU A 123 LEU A 126 
A 4 TYR A 209 ? THR A 213 ? TYR A 210 THR A 214 
A 5 THR A 152 ? LEU A 156 ? THR A 153 LEU A 157 
A 6 VAL A 176 ? ILE A 180 ? VAL A 177 ILE A 181 
# 
loop_
_pdbx_struct_sheet_hbond.sheet_id 
_pdbx_struct_sheet_hbond.range_id_1 
_pdbx_struct_sheet_hbond.range_id_2 
_pdbx_struct_sheet_hbond.range_1_label_atom_id 
_pdbx_struct_sheet_hbond.range_1_label_comp_id 
_pdbx_struct_sheet_hbond.range_1_label_asym_id 
_pdbx_struct_sheet_hbond.range_1_label_seq_id 
_pdbx_struct_sheet_hbond.range_1_PDB_ins_code 
_pdbx_struct_sheet_hbond.range_1_auth_atom_id 
_pdbx_struct_sheet_hbond.range_1_auth_comp_id 
_pdbx_struct_sheet_hbond.range_1_auth_asym_id 
_pdbx_struct_sheet_hbond.range_1_auth_seq_id 
_pdbx_struct_sheet_hbond.range_2_label_atom_id 
_pdbx_struct_sheet_hbond.range_2_label_comp_id 
_pdbx_struct_sheet_hbond.range_2_label_asym_id 
_pdbx_struct_sheet_hbond.range_2_label_seq_id 
_pdbx_struct_sheet_hbond.range_2_PDB_ins_code 
_pdbx_struct_sheet_hbond.range_2_auth_atom_id 
_pdbx_struct_sheet_hbond.range_2_auth_comp_id 
_pdbx_struct_sheet_hbond.range_2_auth_asym_id 
_pdbx_struct_sheet_hbond.range_2_auth_seq_id 
A 1 2 N LEU A 16  ? N LEU A 17  O VAL A 3   ? O VAL A 4   
A 2 3 N LEU A 6   ? N LEU A 7   O VAL A 124 ? O VAL A 125 
A 3 4 N LEU A 123 ? N LEU A 124 O LEU A 210 ? O LEU A 211 
A 4 5 N VAL A 211 ? N VAL A 212 O LEU A 153 ? O LEU A 154 
A 5 6 N ILE A 154 ? N ILE A 155 O LYS A 177 ? O LYS A 178 
# 
_struct_site.id                   AC1 
_struct_site.pdbx_evidence_code   Software 
_struct_site.pdbx_auth_asym_id    A 
_struct_site.pdbx_auth_comp_id    CIT 
_struct_site.pdbx_auth_seq_id     510 
_struct_site.pdbx_auth_ins_code   ? 
_struct_site.pdbx_num_residues    10 
_struct_site.details              'BINDING SITE FOR RESIDUE CIT A 510' 
# 
loop_
_struct_site_gen.id 
_struct_site_gen.site_id 
_struct_site_gen.pdbx_num_res 
_struct_site_gen.label_comp_id 
_struct_site_gen.label_asym_id 
_struct_site_gen.label_seq_id 
_struct_site_gen.pdbx_auth_ins_code 
_struct_site_gen.auth_comp_id 
_struct_site_gen.auth_asym_id 
_struct_site_gen.auth_seq_id 
_struct_site_gen.label_atom_id 
_struct_site_gen.label_alt_id 
_struct_site_gen.symmetry 
_struct_site_gen.details 
1  AC1 10 LEU A 5   ? LEU A 6   . ? 3_454 ? 
2  AC1 10 VAL A 13  ? VAL A 14  . ? 3_454 ? 
3  AC1 10 GLY A 14  ? GLY A 15  . ? 3_454 ? 
4  AC1 10 THR A 15  ? THR A 16  . ? 3_454 ? 
5  AC1 10 TRP A 158 ? TRP A 159 . ? 1_555 ? 
6  AC1 10 LYS A 159 ? LYS A 160 . ? 1_555 ? 
7  AC1 10 ASP A 182 ? ASP A 183 . ? 1_555 ? 
8  AC1 10 PRO A 184 ? PRO A 185 . ? 1_555 ? 
9  AC1 10 LYS A 192 ? LYS A 193 . ? 1_555 ? 
10 AC1 10 ARG A 214 ? ARG A 215 . ? 3_454 ? 
# 
loop_
_pdbx_validate_close_contact.id 
_pdbx_validate_close_contact.PDB_model_num 
_pdbx_validate_close_contact.auth_atom_id_1 
_pdbx_validate_close_contact.auth_asym_id_1 
_pdbx_validate_close_contact.auth_comp_id_1 
_pdbx_validate_close_contact.auth_seq_id_1 
_pdbx_validate_close_contact.PDB_ins_code_1 
_pdbx_validate_close_contact.label_alt_id_1 
_pdbx_validate_close_contact.auth_atom_id_2 
_pdbx_validate_close_contact.auth_asym_id_2 
_pdbx_validate_close_contact.auth_comp_id_2 
_pdbx_validate_close_contact.auth_seq_id_2 
_pdbx_validate_close_contact.PDB_ins_code_2 
_pdbx_validate_close_contact.label_alt_id_2 
_pdbx_validate_close_contact.dist 
1 1 O A PRO 175 ? ? O A HOH 593 ? ? 1.73 
2 1 O A HOH 676 ? ? O A HOH 720 ? ? 2.19 
# 
_pdbx_validate_symm_contact.id                1 
_pdbx_validate_symm_contact.PDB_model_num     1 
_pdbx_validate_symm_contact.auth_atom_id_1    O 
_pdbx_validate_symm_contact.auth_asym_id_1    A 
_pdbx_validate_symm_contact.auth_comp_id_1    HOH 
_pdbx_validate_symm_contact.auth_seq_id_1     536 
_pdbx_validate_symm_contact.PDB_ins_code_1    ? 
_pdbx_validate_symm_contact.label_alt_id_1    ? 
_pdbx_validate_symm_contact.site_symmetry_1   1_555 
_pdbx_validate_symm_contact.auth_atom_id_2    O 
_pdbx_validate_symm_contact.auth_asym_id_2    A 
_pdbx_validate_symm_contact.auth_comp_id_2    HOH 
_pdbx_validate_symm_contact.auth_seq_id_2     550 
_pdbx_validate_symm_contact.PDB_ins_code_2    ? 
_pdbx_validate_symm_contact.label_alt_id_2    ? 
_pdbx_validate_symm_contact.site_symmetry_2   3_444 
_pdbx_validate_symm_contact.dist              1.92 
# 
loop_
_pdbx_validate_torsion.id 
_pdbx_validate_torsion.PDB_model_num 
_pdbx_validate_torsion.auth_comp_id 
_pdbx_validate_torsion.auth_asym_id 
_pdbx_validate_torsion.auth_seq_id 
_pdbx_validate_torsion.PDB_ins_code 
_pdbx_validate_torsion.label_alt_id 
_pdbx_validate_torsion.phi 
_pdbx_validate_torsion.psi 
1 1 LYS A 135 ? ? -168.28 111.86  
2 1 ASP A 176 ? ? 77.25   -3.32   
3 1 ASN A 186 ? ? 60.31   -101.41 
4 1 LYS A 189 ? ? -29.39  125.93  
5 1 ASN A 190 ? ? -35.77  116.09  
# 
_pdbx_validate_planes.id              1 
_pdbx_validate_planes.PDB_model_num   1 
_pdbx_validate_planes.auth_comp_id    TYR 
_pdbx_validate_planes.auth_asym_id    A 
_pdbx_validate_planes.auth_seq_id     36 
_pdbx_validate_planes.PDB_ins_code    ? 
_pdbx_validate_planes.label_alt_id    ? 
_pdbx_validate_planes.rmsd            0.064 
_pdbx_validate_planes.type            'SIDE CHAIN' 
# 
loop_
_pdbx_unobs_or_zero_occ_residues.id 
_pdbx_unobs_or_zero_occ_residues.PDB_model_num 
_pdbx_unobs_or_zero_occ_residues.polymer_flag 
_pdbx_unobs_or_zero_occ_residues.occupancy_flag 
_pdbx_unobs_or_zero_occ_residues.auth_asym_id 
_pdbx_unobs_or_zero_occ_residues.auth_comp_id 
_pdbx_unobs_or_zero_occ_residues.auth_seq_id 
_pdbx_unobs_or_zero_occ_residues.PDB_ins_code 
_pdbx_unobs_or_zero_occ_residues.label_asym_id 
_pdbx_unobs_or_zero_occ_residues.label_comp_id 
_pdbx_unobs_or_zero_occ_residues.label_seq_id 
1  1 Y 1 A ASN 43  ? A ASN 42  
2  1 Y 1 A ARG 44  ? A ARG 43  
3  1 Y 1 A ARG 45  ? A ARG 44  
4  1 Y 1 A ALA 46  ? A ALA 45  
5  1 Y 1 A GLY 47  ? A GLY 46  
6  1 Y 1 A THR 48  ? A THR 47  
7  1 Y 1 A ALA 49  ? A ALA 48  
8  1 Y 1 A SER 50  ? A SER 49  
9  1 Y 1 A THR 51  ? A THR 50  
10 1 Y 1 A LYS 52  ? A LYS 51  
11 1 Y 1 A THR 53  ? A THR 52  
12 1 Y 1 A ARG 54  ? A ARG 53  
13 1 Y 1 A GLY 55  ? A GLY 54  
14 1 Y 1 A GLU 56  ? A GLU 55  
15 1 Y 1 A VAL 57  ? A VAL 56  
16 1 Y 1 A SER 58  ? A SER 57  
17 1 Y 1 A GLY 59  ? A GLY 58  
18 1 Y 1 A GLY 60  ? A GLY 59  
19 1 Y 1 A GLY 61  ? A GLY 60  
20 1 Y 1 A ARG 62  ? A ARG 61  
21 1 Y 1 A LYS 63  ? A LYS 62  
22 1 Y 1 A PRO 64  ? A PRO 63  
23 1 Y 1 A TRP 65  ? A TRP 64  
24 1 Y 1 A PRO 66  ? A PRO 65  
25 1 Y 1 A GLN 67  ? A GLN 66  
26 1 Y 1 A LYS 68  ? A LYS 67  
27 1 Y 1 A HIS 69  ? A HIS 68  
28 1 Y 1 A THR 70  ? A THR 69  
29 1 Y 1 A GLY 71  ? A GLY 70  
30 1 Y 1 A ARG 72  ? A ARG 71  
31 1 Y 1 A ALA 73  ? A ALA 72  
32 1 Y 1 A ARG 74  ? A ARG 73  
33 1 Y 1 A HIS 75  ? A HIS 74  
34 1 Y 1 A GLY 76  ? A GLY 75  
35 1 Y 1 A SER 77  ? A SER 76  
36 1 Y 1 A ILE 78  ? A ILE 77  
37 1 Y 1 A ARG 79  ? A ARG 78  
38 1 Y 1 A SER 80  ? A SER 79  
39 1 Y 1 A PRO 81  ? A PRO 80  
40 1 Y 1 A ILE 82  ? A ILE 81  
41 1 Y 1 A TRP 83  ? A TRP 82  
42 1 Y 1 A ARG 84  ? A ARG 83  
43 1 Y 1 A HIS 85  ? A HIS 84  
44 1 Y 1 A GLY 86  ? A GLY 85  
45 1 Y 1 A GLY 87  ? A GLY 86  
46 1 Y 1 A VAL 88  ? A VAL 87  
47 1 Y 1 A VAL 89  ? A VAL 88  
48 1 Y 1 A HIS 90  ? A HIS 89  
49 1 Y 1 A GLY 91  ? A GLY 90  
50 1 Y 1 A PRO 92  ? A PRO 91  
51 1 Y 1 A LYS 93  ? A LYS 92  
52 1 Y 1 A PRO 94  ? A PRO 93  
53 1 Y 1 A ARG 95  ? A ARG 94  
54 1 Y 0 A ASN 186 ? A ASN 185 
55 1 Y 0 A ASN 187 ? A ASN 186 
56 1 Y 0 A SER 188 ? A SER 187 
57 1 Y 0 A LYS 189 ? A LYS 188 
58 1 Y 0 A ASN 190 ? A ASN 189 
59 1 Y 0 A GLY 191 ? A GLY 190 
# 
loop_
_chem_comp_atom.comp_id 
_chem_comp_atom.atom_id 
_chem_comp_atom.type_symbol 
_chem_comp_atom.pdbx_aromatic_flag 
_chem_comp_atom.pdbx_stereo_config 
_chem_comp_atom.pdbx_ordinal 
ALA N    N N N 1   
ALA CA   C N S 2   
ALA C    C N N 3   
ALA O    O N N 4   
ALA CB   C N N 5   
ALA OXT  O N N 6   
ALA H    H N N 7   
ALA H2   H N N 8   
ALA HA   H N N 9   
ALA HB1  H N N 10  
ALA HB2  H N N 11  
ALA HB3  H N N 12  
ALA HXT  H N N 13  
ARG N    N N N 14  
ARG CA   C N S 15  
ARG C    C N N 16  
ARG O    O N N 17  
ARG CB   C N N 18  
ARG CG   C N N 19  
ARG CD   C N N 20  
ARG NE   N N N 21  
ARG CZ   C N N 22  
ARG NH1  N N N 23  
ARG NH2  N N N 24  
ARG OXT  O N N 25  
ARG H    H N N 26  
ARG H2   H N N 27  
ARG HA   H N N 28  
ARG HB2  H N N 29  
ARG HB3  H N N 30  
ARG HG2  H N N 31  
ARG HG3  H N N 32  
ARG HD2  H N N 33  
ARG HD3  H N N 34  
ARG HE   H N N 35  
ARG HH11 H N N 36  
ARG HH12 H N N 37  
ARG HH21 H N N 38  
ARG HH22 H N N 39  
ARG HXT  H N N 40  
ASN N    N N N 41  
ASN CA   C N S 42  
ASN C    C N N 43  
ASN O    O N N 44  
ASN CB   C N N 45  
ASN CG   C N N 46  
ASN OD1  O N N 47  
ASN ND2  N N N 48  
ASN OXT  O N N 49  
ASN H    H N N 50  
ASN H2   H N N 51  
ASN HA   H N N 52  
ASN HB2  H N N 53  
ASN HB3  H N N 54  
ASN HD21 H N N 55  
ASN HD22 H N N 56  
ASN HXT  H N N 57  
ASP N    N N N 58  
ASP CA   C N S 59  
ASP C    C N N 60  
ASP O    O N N 61  
ASP CB   C N N 62  
ASP CG   C N N 63  
ASP OD1  O N N 64  
ASP OD2  O N N 65  
ASP OXT  O N N 66  
ASP H    H N N 67  
ASP H2   H N N 68  
ASP HA   H N N 69  
ASP HB2  H N N 70  
ASP HB3  H N N 71  
ASP HD2  H N N 72  
ASP HXT  H N N 73  
CIT C1   C N N 74  
CIT O1   O N N 75  
CIT O2   O N N 76  
CIT C2   C N N 77  
CIT C3   C N N 78  
CIT O7   O N N 79  
CIT C4   C N N 80  
CIT C5   C N N 81  
CIT O3   O N N 82  
CIT O4   O N N 83  
CIT C6   C N N 84  
CIT O5   O N N 85  
CIT O6   O N N 86  
CIT HO2  H N N 87  
CIT H21  H N N 88  
CIT H22  H N N 89  
CIT HO7  H N N 90  
CIT H41  H N N 91  
CIT H42  H N N 92  
CIT HO4  H N N 93  
CIT HO6  H N N 94  
GLN N    N N N 95  
GLN CA   C N S 96  
GLN C    C N N 97  
GLN O    O N N 98  
GLN CB   C N N 99  
GLN CG   C N N 100 
GLN CD   C N N 101 
GLN OE1  O N N 102 
GLN NE2  N N N 103 
GLN OXT  O N N 104 
GLN H    H N N 105 
GLN H2   H N N 106 
GLN HA   H N N 107 
GLN HB2  H N N 108 
GLN HB3  H N N 109 
GLN HG2  H N N 110 
GLN HG3  H N N 111 
GLN HE21 H N N 112 
GLN HE22 H N N 113 
GLN HXT  H N N 114 
GLU N    N N N 115 
GLU CA   C N S 116 
GLU C    C N N 117 
GLU O    O N N 118 
GLU CB   C N N 119 
GLU CG   C N N 120 
GLU CD   C N N 121 
GLU OE1  O N N 122 
GLU OE2  O N N 123 
GLU OXT  O N N 124 
GLU H    H N N 125 
GLU H2   H N N 126 
GLU HA   H N N 127 
GLU HB2  H N N 128 
GLU HB3  H N N 129 
GLU HG2  H N N 130 
GLU HG3  H N N 131 
GLU HE2  H N N 132 
GLU HXT  H N N 133 
GLY N    N N N 134 
GLY CA   C N N 135 
GLY C    C N N 136 
GLY O    O N N 137 
GLY OXT  O N N 138 
GLY H    H N N 139 
GLY H2   H N N 140 
GLY HA2  H N N 141 
GLY HA3  H N N 142 
GLY HXT  H N N 143 
HIS N    N N N 144 
HIS CA   C N S 145 
HIS C    C N N 146 
HIS O    O N N 147 
HIS CB   C N N 148 
HIS CG   C Y N 149 
HIS ND1  N Y N 150 
HIS CD2  C Y N 151 
HIS CE1  C Y N 152 
HIS NE2  N Y N 153 
HIS OXT  O N N 154 
HIS H    H N N 155 
HIS H2   H N N 156 
HIS HA   H N N 157 
HIS HB2  H N N 158 
HIS HB3  H N N 159 
HIS HD1  H N N 160 
HIS HD2  H N N 161 
HIS HE1  H N N 162 
HIS HE2  H N N 163 
HIS HXT  H N N 164 
HOH O    O N N 165 
HOH H1   H N N 166 
HOH H2   H N N 167 
ILE N    N N N 168 
ILE CA   C N S 169 
ILE C    C N N 170 
ILE O    O N N 171 
ILE CB   C N S 172 
ILE CG1  C N N 173 
ILE CG2  C N N 174 
ILE CD1  C N N 175 
ILE OXT  O N N 176 
ILE H    H N N 177 
ILE H2   H N N 178 
ILE HA   H N N 179 
ILE HB   H N N 180 
ILE HG12 H N N 181 
ILE HG13 H N N 182 
ILE HG21 H N N 183 
ILE HG22 H N N 184 
ILE HG23 H N N 185 
ILE HD11 H N N 186 
ILE HD12 H N N 187 
ILE HD13 H N N 188 
ILE HXT  H N N 189 
LEU N    N N N 190 
LEU CA   C N S 191 
LEU C    C N N 192 
LEU O    O N N 193 
LEU CB   C N N 194 
LEU CG   C N N 195 
LEU CD1  C N N 196 
LEU CD2  C N N 197 
LEU OXT  O N N 198 
LEU H    H N N 199 
LEU H2   H N N 200 
LEU HA   H N N 201 
LEU HB2  H N N 202 
LEU HB3  H N N 203 
LEU HG   H N N 204 
LEU HD11 H N N 205 
LEU HD12 H N N 206 
LEU HD13 H N N 207 
LEU HD21 H N N 208 
LEU HD22 H N N 209 
LEU HD23 H N N 210 
LEU HXT  H N N 211 
LYS N    N N N 212 
LYS CA   C N S 213 
LYS C    C N N 214 
LYS O    O N N 215 
LYS CB   C N N 216 
LYS CG   C N N 217 
LYS CD   C N N 218 
LYS CE   C N N 219 
LYS NZ   N N N 220 
LYS OXT  O N N 221 
LYS H    H N N 222 
LYS H2   H N N 223 
LYS HA   H N N 224 
LYS HB2  H N N 225 
LYS HB3  H N N 226 
LYS HG2  H N N 227 
LYS HG3  H N N 228 
LYS HD2  H N N 229 
LYS HD3  H N N 230 
LYS HE2  H N N 231 
LYS HE3  H N N 232 
LYS HZ1  H N N 233 
LYS HZ2  H N N 234 
LYS HZ3  H N N 235 
LYS HXT  H N N 236 
MET N    N N N 237 
MET CA   C N S 238 
MET C    C N N 239 
MET O    O N N 240 
MET CB   C N N 241 
MET CG   C N N 242 
MET SD   S N N 243 
MET CE   C N N 244 
MET OXT  O N N 245 
MET H    H N N 246 
MET H2   H N N 247 
MET HA   H N N 248 
MET HB2  H N N 249 
MET HB3  H N N 250 
MET HG2  H N N 251 
MET HG3  H N N 252 
MET HE1  H N N 253 
MET HE2  H N N 254 
MET HE3  H N N 255 
MET HXT  H N N 256 
PHE N    N N N 257 
PHE CA   C N S 258 
PHE C    C N N 259 
PHE O    O N N 260 
PHE CB   C N N 261 
PHE CG   C Y N 262 
PHE CD1  C Y N 263 
PHE CD2  C Y N 264 
PHE CE1  C Y N 265 
PHE CE2  C Y N 266 
PHE CZ   C Y N 267 
PHE OXT  O N N 268 
PHE H    H N N 269 
PHE H2   H N N 270 
PHE HA   H N N 271 
PHE HB2  H N N 272 
PHE HB3  H N N 273 
PHE HD1  H N N 274 
PHE HD2  H N N 275 
PHE HE1  H N N 276 
PHE HE2  H N N 277 
PHE HZ   H N N 278 
PHE HXT  H N N 279 
PRO N    N N N 280 
PRO CA   C N S 281 
PRO C    C N N 282 
PRO O    O N N 283 
PRO CB   C N N 284 
PRO CG   C N N 285 
PRO CD   C N N 286 
PRO OXT  O N N 287 
PRO H    H N N 288 
PRO HA   H N N 289 
PRO HB2  H N N 290 
PRO HB3  H N N 291 
PRO HG2  H N N 292 
PRO HG3  H N N 293 
PRO HD2  H N N 294 
PRO HD3  H N N 295 
PRO HXT  H N N 296 
SER N    N N N 297 
SER CA   C N S 298 
SER C    C N N 299 
SER O    O N N 300 
SER CB   C N N 301 
SER OG   O N N 302 
SER OXT  O N N 303 
SER H    H N N 304 
SER H2   H N N 305 
SER HA   H N N 306 
SER HB2  H N N 307 
SER HB3  H N N 308 
SER HG   H N N 309 
SER HXT  H N N 310 
THR N    N N N 311 
THR CA   C N S 312 
THR C    C N N 313 
THR O    O N N 314 
THR CB   C N R 315 
THR OG1  O N N 316 
THR CG2  C N N 317 
THR OXT  O N N 318 
THR H    H N N 319 
THR H2   H N N 320 
THR HA   H N N 321 
THR HB   H N N 322 
THR HG1  H N N 323 
THR HG21 H N N 324 
THR HG22 H N N 325 
THR HG23 H N N 326 
THR HXT  H N N 327 
TRP N    N N N 328 
TRP CA   C N S 329 
TRP C    C N N 330 
TRP O    O N N 331 
TRP CB   C N N 332 
TRP CG   C Y N 333 
TRP CD1  C Y N 334 
TRP CD2  C Y N 335 
TRP NE1  N Y N 336 
TRP CE2  C Y N 337 
TRP CE3  C Y N 338 
TRP CZ2  C Y N 339 
TRP CZ3  C Y N 340 
TRP CH2  C Y N 341 
TRP OXT  O N N 342 
TRP H    H N N 343 
TRP H2   H N N 344 
TRP HA   H N N 345 
TRP HB2  H N N 346 
TRP HB3  H N N 347 
TRP HD1  H N N 348 
TRP HE1  H N N 349 
TRP HE3  H N N 350 
TRP HZ2  H N N 351 
TRP HZ3  H N N 352 
TRP HH2  H N N 353 
TRP HXT  H N N 354 
TYR N    N N N 355 
TYR CA   C N S 356 
TYR C    C N N 357 
TYR O    O N N 358 
TYR CB   C N N 359 
TYR CG   C Y N 360 
TYR CD1  C Y N 361 
TYR CD2  C Y N 362 
TYR CE1  C Y N 363 
TYR CE2  C Y N 364 
TYR CZ   C Y N 365 
TYR OH   O N N 366 
TYR OXT  O N N 367 
TYR H    H N N 368 
TYR H2   H N N 369 
TYR HA   H N N 370 
TYR HB2  H N N 371 
TYR HB3  H N N 372 
TYR HD1  H N N 373 
TYR HD2  H N N 374 
TYR HE1  H N N 375 
TYR HE2  H N N 376 
TYR HH   H N N 377 
TYR HXT  H N N 378 
VAL N    N N N 379 
VAL CA   C N S 380 
VAL C    C N N 381 
VAL O    O N N 382 
VAL CB   C N N 383 
VAL CG1  C N N 384 
VAL CG2  C N N 385 
VAL OXT  O N N 386 
VAL H    H N N 387 
VAL H2   H N N 388 
VAL HA   H N N 389 
VAL HB   H N N 390 
VAL HG11 H N N 391 
VAL HG12 H N N 392 
VAL HG13 H N N 393 
VAL HG21 H N N 394 
VAL HG22 H N N 395 
VAL HG23 H N N 396 
VAL HXT  H N N 397 
# 
loop_
_chem_comp_bond.comp_id 
_chem_comp_bond.atom_id_1 
_chem_comp_bond.atom_id_2 
_chem_comp_bond.value_order 
_chem_comp_bond.pdbx_aromatic_flag 
_chem_comp_bond.pdbx_stereo_config 
_chem_comp_bond.pdbx_ordinal 
ALA N   CA   sing N N 1   
ALA N   H    sing N N 2   
ALA N   H2   sing N N 3   
ALA CA  C    sing N N 4   
ALA CA  CB   sing N N 5   
ALA CA  HA   sing N N 6   
ALA C   O    doub N N 7   
ALA C   OXT  sing N N 8   
ALA CB  HB1  sing N N 9   
ALA CB  HB2  sing N N 10  
ALA CB  HB3  sing N N 11  
ALA OXT HXT  sing N N 12  
ARG N   CA   sing N N 13  
ARG N   H    sing N N 14  
ARG N   H2   sing N N 15  
ARG CA  C    sing N N 16  
ARG CA  CB   sing N N 17  
ARG CA  HA   sing N N 18  
ARG C   O    doub N N 19  
ARG C   OXT  sing N N 20  
ARG CB  CG   sing N N 21  
ARG CB  HB2  sing N N 22  
ARG CB  HB3  sing N N 23  
ARG CG  CD   sing N N 24  
ARG CG  HG2  sing N N 25  
ARG CG  HG3  sing N N 26  
ARG CD  NE   sing N N 27  
ARG CD  HD2  sing N N 28  
ARG CD  HD3  sing N N 29  
ARG NE  CZ   sing N N 30  
ARG NE  HE   sing N N 31  
ARG CZ  NH1  sing N N 32  
ARG CZ  NH2  doub N N 33  
ARG NH1 HH11 sing N N 34  
ARG NH1 HH12 sing N N 35  
ARG NH2 HH21 sing N N 36  
ARG NH2 HH22 sing N N 37  
ARG OXT HXT  sing N N 38  
ASN N   CA   sing N N 39  
ASN N   H    sing N N 40  
ASN N   H2   sing N N 41  
ASN CA  C    sing N N 42  
ASN CA  CB   sing N N 43  
ASN CA  HA   sing N N 44  
ASN C   O    doub N N 45  
ASN C   OXT  sing N N 46  
ASN CB  CG   sing N N 47  
ASN CB  HB2  sing N N 48  
ASN CB  HB3  sing N N 49  
ASN CG  OD1  doub N N 50  
ASN CG  ND2  sing N N 51  
ASN ND2 HD21 sing N N 52  
ASN ND2 HD22 sing N N 53  
ASN OXT HXT  sing N N 54  
ASP N   CA   sing N N 55  
ASP N   H    sing N N 56  
ASP N   H2   sing N N 57  
ASP CA  C    sing N N 58  
ASP CA  CB   sing N N 59  
ASP CA  HA   sing N N 60  
ASP C   O    doub N N 61  
ASP C   OXT  sing N N 62  
ASP CB  CG   sing N N 63  
ASP CB  HB2  sing N N 64  
ASP CB  HB3  sing N N 65  
ASP CG  OD1  doub N N 66  
ASP CG  OD2  sing N N 67  
ASP OD2 HD2  sing N N 68  
ASP OXT HXT  sing N N 69  
CIT C1  O1   doub N N 70  
CIT C1  O2   sing N N 71  
CIT C1  C2   sing N N 72  
CIT O2  HO2  sing N N 73  
CIT C2  C3   sing N N 74  
CIT C2  H21  sing N N 75  
CIT C2  H22  sing N N 76  
CIT C3  O7   sing N N 77  
CIT C3  C4   sing N N 78  
CIT C3  C6   sing N N 79  
CIT O7  HO7  sing N N 80  
CIT C4  C5   sing N N 81  
CIT C4  H41  sing N N 82  
CIT C4  H42  sing N N 83  
CIT C5  O3   doub N N 84  
CIT C5  O4   sing N N 85  
CIT O4  HO4  sing N N 86  
CIT C6  O5   doub N N 87  
CIT C6  O6   sing N N 88  
CIT O6  HO6  sing N N 89  
GLN N   CA   sing N N 90  
GLN N   H    sing N N 91  
GLN N   H2   sing N N 92  
GLN CA  C    sing N N 93  
GLN CA  CB   sing N N 94  
GLN CA  HA   sing N N 95  
GLN C   O    doub N N 96  
GLN C   OXT  sing N N 97  
GLN CB  CG   sing N N 98  
GLN CB  HB2  sing N N 99  
GLN CB  HB3  sing N N 100 
GLN CG  CD   sing N N 101 
GLN CG  HG2  sing N N 102 
GLN CG  HG3  sing N N 103 
GLN CD  OE1  doub N N 104 
GLN CD  NE2  sing N N 105 
GLN NE2 HE21 sing N N 106 
GLN NE2 HE22 sing N N 107 
GLN OXT HXT  sing N N 108 
GLU N   CA   sing N N 109 
GLU N   H    sing N N 110 
GLU N   H2   sing N N 111 
GLU CA  C    sing N N 112 
GLU CA  CB   sing N N 113 
GLU CA  HA   sing N N 114 
GLU C   O    doub N N 115 
GLU C   OXT  sing N N 116 
GLU CB  CG   sing N N 117 
GLU CB  HB2  sing N N 118 
GLU CB  HB3  sing N N 119 
GLU CG  CD   sing N N 120 
GLU CG  HG2  sing N N 121 
GLU CG  HG3  sing N N 122 
GLU CD  OE1  doub N N 123 
GLU CD  OE2  sing N N 124 
GLU OE2 HE2  sing N N 125 
GLU OXT HXT  sing N N 126 
GLY N   CA   sing N N 127 
GLY N   H    sing N N 128 
GLY N   H2   sing N N 129 
GLY CA  C    sing N N 130 
GLY CA  HA2  sing N N 131 
GLY CA  HA3  sing N N 132 
GLY C   O    doub N N 133 
GLY C   OXT  sing N N 134 
GLY OXT HXT  sing N N 135 
HIS N   CA   sing N N 136 
HIS N   H    sing N N 137 
HIS N   H2   sing N N 138 
HIS CA  C    sing N N 139 
HIS CA  CB   sing N N 140 
HIS CA  HA   sing N N 141 
HIS C   O    doub N N 142 
HIS C   OXT  sing N N 143 
HIS CB  CG   sing N N 144 
HIS CB  HB2  sing N N 145 
HIS CB  HB3  sing N N 146 
HIS CG  ND1  sing Y N 147 
HIS CG  CD2  doub Y N 148 
HIS ND1 CE1  doub Y N 149 
HIS ND1 HD1  sing N N 150 
HIS CD2 NE2  sing Y N 151 
HIS CD2 HD2  sing N N 152 
HIS CE1 NE2  sing Y N 153 
HIS CE1 HE1  sing N N 154 
HIS NE2 HE2  sing N N 155 
HIS OXT HXT  sing N N 156 
HOH O   H1   sing N N 157 
HOH O   H2   sing N N 158 
ILE N   CA   sing N N 159 
ILE N   H    sing N N 160 
ILE N   H2   sing N N 161 
ILE CA  C    sing N N 162 
ILE CA  CB   sing N N 163 
ILE CA  HA   sing N N 164 
ILE C   O    doub N N 165 
ILE C   OXT  sing N N 166 
ILE CB  CG1  sing N N 167 
ILE CB  CG2  sing N N 168 
ILE CB  HB   sing N N 169 
ILE CG1 CD1  sing N N 170 
ILE CG1 HG12 sing N N 171 
ILE CG1 HG13 sing N N 172 
ILE CG2 HG21 sing N N 173 
ILE CG2 HG22 sing N N 174 
ILE CG2 HG23 sing N N 175 
ILE CD1 HD11 sing N N 176 
ILE CD1 HD12 sing N N 177 
ILE CD1 HD13 sing N N 178 
ILE OXT HXT  sing N N 179 
LEU N   CA   sing N N 180 
LEU N   H    sing N N 181 
LEU N   H2   sing N N 182 
LEU CA  C    sing N N 183 
LEU CA  CB   sing N N 184 
LEU CA  HA   sing N N 185 
LEU C   O    doub N N 186 
LEU C   OXT  sing N N 187 
LEU CB  CG   sing N N 188 
LEU CB  HB2  sing N N 189 
LEU CB  HB3  sing N N 190 
LEU CG  CD1  sing N N 191 
LEU CG  CD2  sing N N 192 
LEU CG  HG   sing N N 193 
LEU CD1 HD11 sing N N 194 
LEU CD1 HD12 sing N N 195 
LEU CD1 HD13 sing N N 196 
LEU CD2 HD21 sing N N 197 
LEU CD2 HD22 sing N N 198 
LEU CD2 HD23 sing N N 199 
LEU OXT HXT  sing N N 200 
LYS N   CA   sing N N 201 
LYS N   H    sing N N 202 
LYS N   H2   sing N N 203 
LYS CA  C    sing N N 204 
LYS CA  CB   sing N N 205 
LYS CA  HA   sing N N 206 
LYS C   O    doub N N 207 
LYS C   OXT  sing N N 208 
LYS CB  CG   sing N N 209 
LYS CB  HB2  sing N N 210 
LYS CB  HB3  sing N N 211 
LYS CG  CD   sing N N 212 
LYS CG  HG2  sing N N 213 
LYS CG  HG3  sing N N 214 
LYS CD  CE   sing N N 215 
LYS CD  HD2  sing N N 216 
LYS CD  HD3  sing N N 217 
LYS CE  NZ   sing N N 218 
LYS CE  HE2  sing N N 219 
LYS CE  HE3  sing N N 220 
LYS NZ  HZ1  sing N N 221 
LYS NZ  HZ2  sing N N 222 
LYS NZ  HZ3  sing N N 223 
LYS OXT HXT  sing N N 224 
MET N   CA   sing N N 225 
MET N   H    sing N N 226 
MET N   H2   sing N N 227 
MET CA  C    sing N N 228 
MET CA  CB   sing N N 229 
MET CA  HA   sing N N 230 
MET C   O    doub N N 231 
MET C   OXT  sing N N 232 
MET CB  CG   sing N N 233 
MET CB  HB2  sing N N 234 
MET CB  HB3  sing N N 235 
MET CG  SD   sing N N 236 
MET CG  HG2  sing N N 237 
MET CG  HG3  sing N N 238 
MET SD  CE   sing N N 239 
MET CE  HE1  sing N N 240 
MET CE  HE2  sing N N 241 
MET CE  HE3  sing N N 242 
MET OXT HXT  sing N N 243 
PHE N   CA   sing N N 244 
PHE N   H    sing N N 245 
PHE N   H2   sing N N 246 
PHE CA  C    sing N N 247 
PHE CA  CB   sing N N 248 
PHE CA  HA   sing N N 249 
PHE C   O    doub N N 250 
PHE C   OXT  sing N N 251 
PHE CB  CG   sing N N 252 
PHE CB  HB2  sing N N 253 
PHE CB  HB3  sing N N 254 
PHE CG  CD1  doub Y N 255 
PHE CG  CD2  sing Y N 256 
PHE CD1 CE1  sing Y N 257 
PHE CD1 HD1  sing N N 258 
PHE CD2 CE2  doub Y N 259 
PHE CD2 HD2  sing N N 260 
PHE CE1 CZ   doub Y N 261 
PHE CE1 HE1  sing N N 262 
PHE CE2 CZ   sing Y N 263 
PHE CE2 HE2  sing N N 264 
PHE CZ  HZ   sing N N 265 
PHE OXT HXT  sing N N 266 
PRO N   CA   sing N N 267 
PRO N   CD   sing N N 268 
PRO N   H    sing N N 269 
PRO CA  C    sing N N 270 
PRO CA  CB   sing N N 271 
PRO CA  HA   sing N N 272 
PRO C   O    doub N N 273 
PRO C   OXT  sing N N 274 
PRO CB  CG   sing N N 275 
PRO CB  HB2  sing N N 276 
PRO CB  HB3  sing N N 277 
PRO CG  CD   sing N N 278 
PRO CG  HG2  sing N N 279 
PRO CG  HG3  sing N N 280 
PRO CD  HD2  sing N N 281 
PRO CD  HD3  sing N N 282 
PRO OXT HXT  sing N N 283 
SER N   CA   sing N N 284 
SER N   H    sing N N 285 
SER N   H2   sing N N 286 
SER CA  C    sing N N 287 
SER CA  CB   sing N N 288 
SER CA  HA   sing N N 289 
SER C   O    doub N N 290 
SER C   OXT  sing N N 291 
SER CB  OG   sing N N 292 
SER CB  HB2  sing N N 293 
SER CB  HB3  sing N N 294 
SER OG  HG   sing N N 295 
SER OXT HXT  sing N N 296 
THR N   CA   sing N N 297 
THR N   H    sing N N 298 
THR N   H2   sing N N 299 
THR CA  C    sing N N 300 
THR CA  CB   sing N N 301 
THR CA  HA   sing N N 302 
THR C   O    doub N N 303 
THR C   OXT  sing N N 304 
THR CB  OG1  sing N N 305 
THR CB  CG2  sing N N 306 
THR CB  HB   sing N N 307 
THR OG1 HG1  sing N N 308 
THR CG2 HG21 sing N N 309 
THR CG2 HG22 sing N N 310 
THR CG2 HG23 sing N N 311 
THR OXT HXT  sing N N 312 
TRP N   CA   sing N N 313 
TRP N   H    sing N N 314 
TRP N   H2   sing N N 315 
TRP CA  C    sing N N 316 
TRP CA  CB   sing N N 317 
TRP CA  HA   sing N N 318 
TRP C   O    doub N N 319 
TRP C   OXT  sing N N 320 
TRP CB  CG   sing N N 321 
TRP CB  HB2  sing N N 322 
TRP CB  HB3  sing N N 323 
TRP CG  CD1  doub Y N 324 
TRP CG  CD2  sing Y N 325 
TRP CD1 NE1  sing Y N 326 
TRP CD1 HD1  sing N N 327 
TRP CD2 CE2  doub Y N 328 
TRP CD2 CE3  sing Y N 329 
TRP NE1 CE2  sing Y N 330 
TRP NE1 HE1  sing N N 331 
TRP CE2 CZ2  sing Y N 332 
TRP CE3 CZ3  doub Y N 333 
TRP CE3 HE3  sing N N 334 
TRP CZ2 CH2  doub Y N 335 
TRP CZ2 HZ2  sing N N 336 
TRP CZ3 CH2  sing Y N 337 
TRP CZ3 HZ3  sing N N 338 
TRP CH2 HH2  sing N N 339 
TRP OXT HXT  sing N N 340 
TYR N   CA   sing N N 341 
TYR N   H    sing N N 342 
TYR N   H2   sing N N 343 
TYR CA  C    sing N N 344 
TYR CA  CB   sing N N 345 
TYR CA  HA   sing N N 346 
TYR C   O    doub N N 347 
TYR C   OXT  sing N N 348 
TYR CB  CG   sing N N 349 
TYR CB  HB2  sing N N 350 
TYR CB  HB3  sing N N 351 
TYR CG  CD1  doub Y N 352 
TYR CG  CD2  sing Y N 353 
TYR CD1 CE1  sing Y N 354 
TYR CD1 HD1  sing N N 355 
TYR CD2 CE2  doub Y N 356 
TYR CD2 HD2  sing N N 357 
TYR CE1 CZ   doub Y N 358 
TYR CE1 HE1  sing N N 359 
TYR CE2 CZ   sing Y N 360 
TYR CE2 HE2  sing N N 361 
TYR CZ  OH   sing N N 362 
TYR OH  HH   sing N N 363 
TYR OXT HXT  sing N N 364 
VAL N   CA   sing N N 365 
VAL N   H    sing N N 366 
VAL N   H2   sing N N 367 
VAL CA  C    sing N N 368 
VAL CA  CB   sing N N 369 
VAL CA  HA   sing N N 370 
VAL C   O    doub N N 371 
VAL C   OXT  sing N N 372 
VAL CB  CG1  sing N N 373 
VAL CB  CG2  sing N N 374 
VAL CB  HB   sing N N 375 
VAL CG1 HG11 sing N N 376 
VAL CG1 HG12 sing N N 377 
VAL CG1 HG13 sing N N 378 
VAL CG2 HG21 sing N N 379 
VAL CG2 HG22 sing N N 380 
VAL CG2 HG23 sing N N 381 
VAL OXT HXT  sing N N 382 
# 
_atom_sites.entry_id                    1DMG 
_atom_sites.fract_transf_matrix[1][1]   0.00052274 
_atom_sites.fract_transf_matrix[1][2]   0.01879866 
_atom_sites.fract_transf_matrix[1][3]   -0.01368133 
_atom_sites.fract_transf_matrix[2][1]   -0.01930253 
_atom_sites.fract_transf_matrix[2][2]   0.00453651 
_atom_sites.fract_transf_matrix[2][3]   0.00549583 
_atom_sites.fract_transf_matrix[3][1]   0.00308595 
_atom_sites.fract_transf_matrix[3][2]   0.00487415 
_atom_sites.fract_transf_matrix[3][3]   0.00681517 
_atom_sites.fract_transf_vector[1]      -0.665047 
_atom_sites.fract_transf_vector[2]      0.196743 
_atom_sites.fract_transf_vector[3]      -0.152473 
# 
loop_
_atom_type.symbol 
C 
N 
O 
S 
# 
loop_
_atom_site.group_PDB 
_atom_site.id 
_atom_site.type_symbol 
_atom_site.label_atom_id 
_atom_site.label_alt_id 
_atom_site.label_comp_id 
_atom_site.label_asym_id 
_atom_site.label_entity_id 
_atom_site.label_seq_id 
_atom_site.pdbx_PDB_ins_code 
_atom_site.Cartn_x 
_atom_site.Cartn_y 
_atom_site.Cartn_z 
_atom_site.occupancy 
_atom_site.B_iso_or_equiv 
_atom_site.pdbx_formal_charge 
_atom_site.auth_seq_id 
_atom_site.auth_comp_id 
_atom_site.auth_asym_id 
_atom_site.auth_atom_id 
_atom_site.pdbx_PDB_model_num 
ATOM   1    N N   . ALA A 1 1   ? 9.622   10.327  -10.033 1.00 26.27 ? 2   ALA A N   1 
ATOM   2    C CA  . ALA A 1 1   ? 10.339  9.071   -9.687  1.00 25.99 ? 2   ALA A CA  1 
ATOM   3    C C   . ALA A 1 1   ? 9.833   7.932   -10.566 1.00 25.75 ? 2   ALA A C   1 
ATOM   4    O O   . ALA A 1 1   ? 8.767   8.028   -11.158 1.00 27.88 ? 2   ALA A O   1 
ATOM   5    C CB  . ALA A 1 1   ? 10.116  8.744   -8.212  1.00 27.48 ? 2   ALA A CB  1 
ATOM   6    N N   . GLN A 1 2   ? 10.611  6.866   -10.679 1.00 29.30 ? 3   GLN A N   1 
ATOM   7    C CA  . GLN A 1 2   ? 10.183  5.724   -11.486 1.00 29.07 ? 3   GLN A CA  1 
ATOM   8    C C   . GLN A 1 2   ? 10.305  4.436   -10.695 1.00 27.56 ? 3   GLN A C   1 
ATOM   9    O O   . GLN A 1 2   ? 11.162  4.303   -9.830  1.00 26.32 ? 3   GLN A O   1 
ATOM   10   C CB  . GLN A 1 2   ? 11.027  5.609   -12.752 1.00 33.27 ? 3   GLN A CB  1 
ATOM   11   C CG  . GLN A 1 2   ? 11.082  6.894   -13.550 1.00 39.98 ? 3   GLN A CG  1 
ATOM   12   C CD  . GLN A 1 2   ? 10.590  6.739   -14.967 1.00 46.58 ? 3   GLN A CD  1 
ATOM   13   O OE1 . GLN A 1 2   ? 9.480   6.248   -15.208 1.00 50.65 ? 3   GLN A OE1 1 
ATOM   14   N NE2 . GLN A 1 2   ? 11.409  7.167   -15.924 1.00 48.40 ? 3   GLN A NE2 1 
ATOM   15   N N   . VAL A 1 3   ? 9.433   3.485   -10.998 1.00 25.71 ? 4   VAL A N   1 
ATOM   16   C CA  . VAL A 1 3   ? 9.452   2.182   -10.347 1.00 22.77 ? 4   VAL A CA  1 
ATOM   17   C C   . VAL A 1 3   ? 9.051   1.186   -11.434 1.00 21.10 ? 4   VAL A C   1 
ATOM   18   O O   . VAL A 1 3   ? 8.249   1.511   -12.302 1.00 21.37 ? 4   VAL A O   1 
ATOM   19   C CB  . VAL A 1 3   ? 8.431   2.132   -9.155  1.00 23.93 ? 4   VAL A CB  1 
ATOM   20   C CG1 . VAL A 1 3   ? 7.020   2.340   -9.667  1.00 25.27 ? 4   VAL A CG1 1 
ATOM   21   C CG2 . VAL A 1 3   ? 8.549   0.812   -8.406  1.00 28.75 ? 4   VAL A CG2 1 
ATOM   22   N N   . ASP A 1 4   ? 9.619   -0.014  -11.409 1.00 20.39 ? 5   ASP A N   1 
ATOM   23   C CA  . ASP A 1 4   ? 9.261   -1.019  -12.405 1.00 20.69 ? 5   ASP A CA  1 
ATOM   24   C C   . ASP A 1 4   ? 7.835   -1.462  -12.125 1.00 21.14 ? 5   ASP A C   1 
ATOM   25   O O   . ASP A 1 4   ? 7.425   -1.535  -10.955 1.00 23.26 ? 5   ASP A O   1 
ATOM   26   C CB  . ASP A 1 4   ? 10.146  -2.276  -12.297 1.00 21.17 ? 5   ASP A CB  1 
ATOM   27   C CG  . ASP A 1 4   ? 11.597  -2.021  -12.663 1.00 24.39 ? 5   ASP A CG  1 
ATOM   28   O OD1 . ASP A 1 4   ? 11.867  -0.984  -13.283 1.00 23.58 ? 5   ASP A OD1 1 
ATOM   29   O OD2 . ASP A 1 4   ? 12.458  -2.876  -12.335 1.00 27.12 ? 5   ASP A OD2 1 
ATOM   30   N N   . LEU A 1 5   ? 7.081   -1.731  -13.185 1.00 18.61 ? 6   LEU A N   1 
ATOM   31   C CA  . LEU A 1 5   ? 5.726   -2.269  -13.050 1.00 18.64 ? 6   LEU A CA  1 
ATOM   32   C C   . LEU A 1 5   ? 5.889   -3.761  -13.398 1.00 18.48 ? 6   LEU A C   1 
ATOM   33   O O   . LEU A 1 5   ? 6.369   -4.116  -14.476 1.00 18.96 ? 6   LEU A O   1 
ATOM   34   C CB  . LEU A 1 5   ? 4.761   -1.610  -14.035 1.00 18.80 ? 6   LEU A CB  1 
ATOM   35   C CG  . LEU A 1 5   ? 3.287   -1.951  -13.829 1.00 20.03 ? 6   LEU A CG  1 
ATOM   36   C CD1 . LEU A 1 5   ? 2.831   -1.459  -12.457 1.00 20.22 ? 6   LEU A CD1 1 
ATOM   37   C CD2 . LEU A 1 5   ? 2.461   -1.282  -14.938 1.00 21.51 ? 6   LEU A CD2 1 
ATOM   38   N N   . LEU A 1 6   ? 5.531   -4.628  -12.459 1.00 17.49 ? 7   LEU A N   1 
ATOM   39   C CA  . LEU A 1 6   ? 5.669   -6.074  -12.632 1.00 17.52 ? 7   LEU A CA  1 
ATOM   40   C C   . LEU A 1 6   ? 4.337   -6.799  -12.755 1.00 17.68 ? 7   LEU A C   1 
ATOM   41   O O   . LEU A 1 6   ? 3.284   -6.244  -12.434 1.00 17.55 ? 7   LEU A O   1 
ATOM   42   C CB  . LEU A 1 6   ? 6.379   -6.657  -11.399 1.00 17.22 ? 7   LEU A CB  1 
ATOM   43   C CG  . LEU A 1 6   ? 7.682   -5.978  -10.977 1.00 20.58 ? 7   LEU A CG  1 
ATOM   44   C CD1 . LEU A 1 6   ? 8.217   -6.634  -9.695  1.00 21.28 ? 7   LEU A CD1 1 
ATOM   45   C CD2 . LEU A 1 6   ? 8.705   -6.109  -12.087 1.00 20.78 ? 7   LEU A CD2 1 
ATOM   46   N N   . ASN A 1 7   ? 4.378   -8.034  -13.268 1.00 18.61 ? 8   ASN A N   1 
ATOM   47   C CA  . ASN A 1 7   ? 3.165   -8.842  -13.282 1.00 17.71 ? 8   ASN A CA  1 
ATOM   48   C C   . ASN A 1 7   ? 3.326   -9.934  -12.205 1.00 18.20 ? 8   ASN A C   1 
ATOM   49   O O   . ASN A 1 7   ? 4.365   -9.995  -11.535 1.00 16.88 ? 8   ASN A O   1 
ATOM   50   C CB  . ASN A 1 7   ? 2.863   -9.440  -14.663 1.00 17.92 ? 8   ASN A CB  1 
ATOM   51   C CG  . ASN A 1 7   ? 3.954   -10.355 -15.180 1.00 18.44 ? 8   ASN A CG  1 
ATOM   52   O OD1 . ASN A 1 7   ? 4.748   -10.904 -14.424 1.00 19.66 ? 8   ASN A OD1 1 
ATOM   53   N ND2 . ASN A 1 7   ? 3.970   -10.545 -16.515 1.00 20.59 ? 8   ASN A ND2 1 
ATOM   54   N N   . VAL A 1 8   ? 2.299   -10.765 -12.022 1.00 19.84 ? 9   VAL A N   1 
ATOM   55   C CA  . VAL A 1 8   ? 2.341   -11.790 -10.985 1.00 19.27 ? 9   VAL A CA  1 
ATOM   56   C C   . VAL A 1 8   ? 3.327   -12.910 -11.264 1.00 20.22 ? 9   VAL A C   1 
ATOM   57   O O   . VAL A 1 8   ? 3.595   -13.740 -10.389 1.00 19.35 ? 9   VAL A O   1 
ATOM   58   C CB  . VAL A 1 8   ? 0.937   -12.374 -10.714 1.00 18.86 ? 9   VAL A CB  1 
ATOM   59   C CG1 . VAL A 1 8   ? 0.048   -11.284 -10.102 1.00 22.91 ? 9   VAL A CG1 1 
ATOM   60   C CG2 . VAL A 1 8   ? 0.329   -12.910 -11.991 1.00 22.20 ? 9   VAL A CG2 1 
ATOM   61   N N   . LYS A 1 9   ? 3.864   -12.925 -12.484 1.00 21.80 ? 10  LYS A N   1 
ATOM   62   C CA  . LYS A 1 9   ? 4.881   -13.892 -12.863 1.00 23.44 ? 10  LYS A CA  1 
ATOM   63   C C   . LYS A 1 9   ? 6.260   -13.320 -12.518 1.00 22.38 ? 10  LYS A C   1 
ATOM   64   O O   . LYS A 1 9   ? 7.287   -13.972 -12.700 1.00 22.45 ? 10  LYS A O   1 
ATOM   65   C CB  . LYS A 1 9   ? 4.786   -14.212 -14.367 1.00 24.51 ? 10  LYS A CB  1 
ATOM   66   C CG  . LYS A 1 9   ? 3.626   -15.141 -14.691 1.00 28.68 ? 10  LYS A CG  1 
ATOM   67   C CD  . LYS A 1 9   ? 3.486   -15.434 -16.183 1.00 34.33 ? 10  LYS A CD  1 
ATOM   68   C CE  . LYS A 1 9   ? 2.893   -14.245 -16.932 1.00 37.40 ? 10  LYS A CE  1 
ATOM   69   N NZ  . LYS A 1 9   ? 2.390   -14.632 -18.289 1.00 41.92 ? 10  LYS A NZ  1 
ATOM   70   N N   . GLY A 1 10  ? 6.279   -12.099 -11.990 1.00 22.19 ? 11  GLY A N   1 
ATOM   71   C CA  . GLY A 1 10  ? 7.535   -11.463 -11.639 1.00 20.52 ? 11  GLY A CA  1 
ATOM   72   C C   . GLY A 1 10  ? 8.276   -10.834 -12.819 1.00 20.35 ? 11  GLY A C   1 
ATOM   73   O O   . GLY A 1 10  ? 9.446   -10.476 -12.692 1.00 21.89 ? 11  GLY A O   1 
ATOM   74   N N   . GLU A 1 11  ? 7.610   -10.699 -13.963 1.00 19.39 ? 12  GLU A N   1 
ATOM   75   C CA  . GLU A 1 11  ? 8.242   -10.090 -15.131 1.00 18.63 ? 12  GLU A CA  1 
ATOM   76   C C   . GLU A 1 11  ? 7.998   -8.591  -15.163 1.00 18.45 ? 12  GLU A C   1 
ATOM   77   O O   . GLU A 1 11  ? 6.961   -8.143  -14.690 1.00 17.88 ? 12  GLU A O   1 
ATOM   78   C CB  . GLU A 1 11  ? 7.650   -10.681 -16.414 1.00 20.89 ? 12  GLU A CB  1 
ATOM   79   C CG  . GLU A 1 11  ? 7.836   -12.162 -16.551 1.00 22.31 ? 12  GLU A CG  1 
ATOM   80   C CD  . GLU A 1 11  ? 7.062   -12.720 -17.717 1.00 21.93 ? 12  GLU A CD  1 
ATOM   81   O OE1 . GLU A 1 11  ? 7.581   -13.659 -18.374 1.00 27.65 ? 12  GLU A OE1 1 
ATOM   82   O OE2 . GLU A 1 11  ? 5.932   -12.249 -17.982 1.00 21.63 ? 12  GLU A OE2 1 
ATOM   83   N N   . LYS A 1 12  ? 8.915   -7.809  -15.730 1.00 15.67 ? 13  LYS A N   1 
ATOM   84   C CA  . LYS A 1 12  ? 8.653   -6.373  -15.829 1.00 17.29 ? 13  LYS A CA  1 
ATOM   85   C C   . LYS A 1 12  ? 7.729   -6.134  -17.034 1.00 18.01 ? 13  LYS A C   1 
ATOM   86   O O   . LYS A 1 12  ? 7.991   -6.632  -18.133 1.00 19.01 ? 13  LYS A O   1 
ATOM   87   C CB  . LYS A 1 12  ? 9.958   -5.579  -15.997 1.00 17.34 ? 13  LYS A CB  1 
ATOM   88   C CG  . LYS A 1 12  ? 9.737   -4.094  -16.193 1.00 19.00 ? 13  LYS A CG  1 
ATOM   89   C CD  . LYS A 1 12  ? 11.043  -3.290  -16.142 1.00 20.99 ? 13  LYS A CD  1 
ATOM   90   C CE  . LYS A 1 12  ? 10.791  -1.800  -16.363 1.00 20.97 ? 13  LYS A CE  1 
ATOM   91   N NZ  . LYS A 1 12  ? 12.025  -0.997  -16.104 1.00 23.60 ? 13  LYS A NZ  1 
ATOM   92   N N   . VAL A 1 13  ? 6.647   -5.387  -16.831 1.00 19.17 ? 14  VAL A N   1 
ATOM   93   C CA  . VAL A 1 13  ? 5.713   -5.092  -17.916 1.00 19.38 ? 14  VAL A CA  1 
ATOM   94   C C   . VAL A 1 13  ? 5.664   -3.614  -18.283 1.00 18.90 ? 14  VAL A C   1 
ATOM   95   O O   . VAL A 1 13  ? 4.997   -3.221  -19.243 1.00 21.50 ? 14  VAL A O   1 
ATOM   96   C CB  . VAL A 1 13  ? 4.277   -5.609  -17.585 1.00 21.89 ? 14  VAL A CB  1 
ATOM   97   C CG1 . VAL A 1 13  ? 4.301   -7.122  -17.453 1.00 21.34 ? 14  VAL A CG1 1 
ATOM   98   C CG2 . VAL A 1 13  ? 3.764   -4.973  -16.305 1.00 22.44 ? 14  VAL A CG2 1 
ATOM   99   N N   . GLY A 1 14  ? 6.370   -2.783  -17.525 1.00 17.77 ? 15  GLY A N   1 
ATOM   100  C CA  . GLY A 1 14  ? 6.411   -1.361  -17.824 1.00 20.32 ? 15  GLY A CA  1 
ATOM   101  C C   . GLY A 1 14  ? 7.251   -0.609  -16.819 1.00 20.73 ? 15  GLY A C   1 
ATOM   102  O O   . GLY A 1 14  ? 7.839   -1.229  -15.931 1.00 22.22 ? 15  GLY A O   1 
ATOM   103  N N   . THR A 1 15  ? 7.336   0.712   -16.984 1.00 21.62 ? 16  THR A N   1 
ATOM   104  C CA  . THR A 1 15  ? 8.074   1.606   -16.070 1.00 23.67 ? 16  THR A CA  1 
ATOM   105  C C   . THR A 1 15  ? 7.072   2.671   -15.640 1.00 24.15 ? 16  THR A C   1 
ATOM   106  O O   . THR A 1 15  ? 6.698   3.548   -16.419 1.00 25.89 ? 16  THR A O   1 
ATOM   107  C CB  . THR A 1 15  ? 9.258   2.350   -16.749 1.00 22.68 ? 16  THR A CB  1 
ATOM   108  O OG1 . THR A 1 15  ? 10.287  1.415   -17.101 1.00 26.89 ? 16  THR A OG1 1 
ATOM   109  C CG2 . THR A 1 15  ? 9.872   3.373   -15.789 1.00 25.89 ? 16  THR A CG2 1 
ATOM   110  N N   . LEU A 1 16  ? 6.665   2.614   -14.383 1.00 21.37 ? 17  LEU A N   1 
ATOM   111  C CA  . LEU A 1 16  ? 5.685   3.537   -13.863 1.00 21.01 ? 17  LEU A CA  1 
ATOM   112  C C   . LEU A 1 16  ? 6.278   4.815   -13.311 1.00 19.34 ? 17  LEU A C   1 
ATOM   113  O O   . LEU A 1 16  ? 7.200   4.781   -12.507 1.00 19.09 ? 17  LEU A O   1 
ATOM   114  C CB  . LEU A 1 16  ? 4.885   2.857   -12.749 1.00 19.70 ? 17  LEU A CB  1 
ATOM   115  C CG  . LEU A 1 16  ? 3.649   3.597   -12.217 1.00 22.65 ? 17  LEU A CG  1 
ATOM   116  C CD1 . LEU A 1 16  ? 2.639   3.763   -13.321 1.00 22.85 ? 17  LEU A CD1 1 
ATOM   117  C CD2 . LEU A 1 16  ? 3.027   2.803   -11.064 1.00 21.99 ? 17  LEU A CD2 1 
ATOM   118  N N   . GLU A 1 17  ? 5.734   5.931   -13.767 1.00 18.55 ? 18  GLU A N   1 
ATOM   119  C CA  . GLU A 1 17  ? 6.139   7.233   -13.278 1.00 19.73 ? 18  GLU A CA  1 
ATOM   120  C C   . GLU A 1 17  ? 5.279   7.486   -12.027 1.00 19.71 ? 18  GLU A C   1 
ATOM   121  O O   . GLU A 1 17  ? 4.047   7.408   -12.089 1.00 22.47 ? 18  GLU A O   1 
ATOM   122  C CB  . GLU A 1 17  ? 5.837   8.284   -14.348 1.00 24.03 ? 18  GLU A CB  1 
ATOM   123  C CG  . GLU A 1 17  ? 6.171   9.686   -13.916 1.00 34.15 ? 18  GLU A CG  1 
ATOM   124  C CD  . GLU A 1 17  ? 7.656   9.880   -13.736 1.00 37.76 ? 18  GLU A CD  1 
ATOM   125  O OE1 . GLU A 1 17  ? 8.047   10.778  -12.957 1.00 44.88 ? 18  GLU A OE1 1 
ATOM   126  O OE2 . GLU A 1 17  ? 8.425   9.142   -14.379 1.00 44.04 ? 18  GLU A OE2 1 
ATOM   127  N N   . ILE A 1 18  ? 5.924   7.792   -10.908 1.00 20.59 ? 19  ILE A N   1 
ATOM   128  C CA  . ILE A 1 18  ? 5.220   8.058   -9.655  1.00 19.48 ? 19  ILE A CA  1 
ATOM   129  C C   . ILE A 1 18  ? 5.698   9.398   -9.094  1.00 20.95 ? 19  ILE A C   1 
ATOM   130  O O   . ILE A 1 18  ? 6.803   9.856   -9.390  1.00 22.65 ? 19  ILE A O   1 
ATOM   131  C CB  . ILE A 1 18  ? 5.443   6.920   -8.619  1.00 20.44 ? 19  ILE A CB  1 
ATOM   132  C CG1 . ILE A 1 18  ? 6.927   6.798   -8.243  1.00 21.34 ? 19  ILE A CG1 1 
ATOM   133  C CG2 . ILE A 1 18  ? 4.921   5.603   -9.200  1.00 16.55 ? 19  ILE A CG2 1 
ATOM   134  C CD1 . ILE A 1 18  ? 7.226   5.632   -7.282  1.00 22.12 ? 19  ILE A CD1 1 
ATOM   135  N N   . SER A 1 19  ? 4.844   10.024  -8.304  1.00 20.05 ? 20  SER A N   1 
ATOM   136  C CA  . SER A 1 19  ? 5.127   11.330  -7.724  1.00 21.45 ? 20  SER A CA  1 
ATOM   137  C C   . SER A 1 19  ? 6.321   11.408  -6.768  1.00 20.81 ? 20  SER A C   1 
ATOM   138  O O   . SER A 1 19  ? 6.422   10.657  -5.809  1.00 19.75 ? 20  SER A O   1 
ATOM   139  C CB  . SER A 1 19  ? 3.861   11.818  -6.997  1.00 20.86 ? 20  SER A CB  1 
ATOM   140  O OG  . SER A 1 19  ? 4.133   12.952  -6.199  1.00 24.51 ? 20  SER A OG  1 
ATOM   141  N N   . ASP A 1 20  ? 7.235   12.337  -7.021  1.00 21.65 ? 21  ASP A N   1 
ATOM   142  C CA  . ASP A 1 20  ? 8.359   12.499  -6.113  1.00 22.16 ? 21  ASP A CA  1 
ATOM   143  C C   . ASP A 1 20  ? 7.860   13.115  -4.810  1.00 20.86 ? 21  ASP A C   1 
ATOM   144  O O   . ASP A 1 20  ? 8.425   12.873  -3.746  1.00 18.81 ? 21  ASP A O   1 
ATOM   145  C CB  . ASP A 1 20  ? 9.437   13.387  -6.744  1.00 26.02 ? 21  ASP A CB  1 
ATOM   146  C CG  . ASP A 1 20  ? 10.211  12.659  -7.825  1.00 29.14 ? 21  ASP A CG  1 
ATOM   147  O OD1 . ASP A 1 20  ? 9.866   12.829  -9.008  1.00 35.73 ? 21  ASP A OD1 1 
ATOM   148  O OD2 . ASP A 1 20  ? 11.150  11.903  -7.487  1.00 32.69 ? 21  ASP A OD2 1 
ATOM   149  N N   . PHE A 1 21  ? 6.788   13.901  -4.901  1.00 20.10 ? 22  PHE A N   1 
ATOM   150  C CA  . PHE A 1 21  ? 6.205   14.539  -3.734  1.00 22.35 ? 22  PHE A CA  1 
ATOM   151  C C   . PHE A 1 21  ? 5.693   13.489  -2.738  1.00 22.37 ? 22  PHE A C   1 
ATOM   152  O O   . PHE A 1 21  ? 5.768   13.666  -1.518  1.00 22.86 ? 22  PHE A O   1 
ATOM   153  C CB  . PHE A 1 21  ? 5.056   15.450  -4.175  1.00 23.84 ? 22  PHE A CB  1 
ATOM   154  C CG  . PHE A 1 21  ? 4.408   16.201  -3.051  1.00 26.08 ? 22  PHE A CG  1 
ATOM   155  C CD1 . PHE A 1 21  ? 4.983   17.360  -2.544  1.00 28.44 ? 22  PHE A CD1 1 
ATOM   156  C CD2 . PHE A 1 21  ? 3.211   15.749  -2.507  1.00 25.36 ? 22  PHE A CD2 1 
ATOM   157  C CE1 . PHE A 1 21  ? 4.368   18.061  -1.508  1.00 27.93 ? 22  PHE A CE1 1 
ATOM   158  C CE2 . PHE A 1 21  ? 2.590   16.432  -1.480  1.00 22.82 ? 22  PHE A CE2 1 
ATOM   159  C CZ  . PHE A 1 21  ? 3.171   17.600  -0.975  1.00 25.59 ? 22  PHE A CZ  1 
ATOM   160  N N   . VAL A 1 22  ? 5.196   12.372  -3.272  1.00 22.16 ? 23  VAL A N   1 
ATOM   161  C CA  . VAL A 1 22  ? 4.665   11.299  -2.437  1.00 20.72 ? 23  VAL A CA  1 
ATOM   162  C C   . VAL A 1 22  ? 5.664   10.207  -2.087  1.00 18.46 ? 23  VAL A C   1 
ATOM   163  O O   . VAL A 1 22  ? 5.764   9.787   -0.918  1.00 19.09 ? 23  VAL A O   1 
ATOM   164  C CB  . VAL A 1 22  ? 3.450   10.617  -3.132  1.00 19.64 ? 23  VAL A CB  1 
ATOM   165  C CG1 . VAL A 1 22  ? 2.953   9.425   -2.301  1.00 21.83 ? 23  VAL A CG1 1 
ATOM   166  C CG2 . VAL A 1 22  ? 2.338   11.641  -3.369  1.00 19.74 ? 23  VAL A CG2 1 
ATOM   167  N N   . PHE A 1 23  ? 6.429   9.756   -3.078  1.00 19.08 ? 24  PHE A N   1 
ATOM   168  C CA  . PHE A 1 23  ? 7.343   8.639   -2.866  1.00 19.20 ? 24  PHE A CA  1 
ATOM   169  C C   . PHE A 1 23  ? 8.826   8.903   -2.769  1.00 20.79 ? 24  PHE A C   1 
ATOM   170  O O   . PHE A 1 23  ? 9.589   7.979   -2.513  1.00 20.99 ? 24  PHE A O   1 
ATOM   171  C CB  . PHE A 1 23  ? 7.164   7.598   -3.986  1.00 20.84 ? 24  PHE A CB  1 
ATOM   172  C CG  . PHE A 1 23  ? 5.777   7.041   -4.101  1.00 18.70 ? 24  PHE A CG  1 
ATOM   173  C CD1 . PHE A 1 23  ? 4.843   7.620   -4.951  1.00 19.49 ? 24  PHE A CD1 1 
ATOM   174  C CD2 . PHE A 1 23  ? 5.424   5.893   -3.396  1.00 20.36 ? 24  PHE A CD2 1 
ATOM   175  C CE1 . PHE A 1 23  ? 3.558   7.056   -5.111  1.00 20.77 ? 24  PHE A CE1 1 
ATOM   176  C CE2 . PHE A 1 23  ? 4.148   5.324   -3.544  1.00 19.97 ? 24  PHE A CE2 1 
ATOM   177  C CZ  . PHE A 1 23  ? 3.218   5.909   -4.404  1.00 18.12 ? 24  PHE A CZ  1 
ATOM   178  N N   . ASN A 1 24  ? 9.251   10.147  -2.949  1.00 22.53 ? 25  ASN A N   1 
ATOM   179  C CA  . ASN A 1 24  ? 10.676  10.399  -2.919  1.00 25.12 ? 25  ASN A CA  1 
ATOM   180  C C   . ASN A 1 24  ? 11.084  11.646  -2.134  1.00 26.29 ? 25  ASN A C   1 
ATOM   181  O O   . ASN A 1 24  ? 12.017  12.357  -2.515  1.00 28.75 ? 25  ASN A O   1 
ATOM   182  C CB  . ASN A 1 24  ? 11.180  10.463  -4.366  1.00 25.45 ? 25  ASN A CB  1 
ATOM   183  C CG  . ASN A 1 24  ? 12.695  10.360  -4.472  1.00 25.10 ? 25  ASN A CG  1 
ATOM   184  O OD1 . ASN A 1 24  ? 13.360  9.769   -3.622  1.00 26.26 ? 25  ASN A OD1 1 
ATOM   185  N ND2 . ASN A 1 24  ? 13.238  10.932  -5.534  1.00 28.63 ? 25  ASN A ND2 1 
ATOM   186  N N   . ILE A 1 25  ? 10.379  11.928  -1.046  1.00 25.71 ? 26  ILE A N   1 
ATOM   187  C CA  . ILE A 1 25  ? 10.755  13.076  -0.227  1.00 25.37 ? 26  ILE A CA  1 
ATOM   188  C C   . ILE A 1 25  ? 11.736  12.577  0.818   1.00 25.94 ? 26  ILE A C   1 
ATOM   189  O O   . ILE A 1 25  ? 11.956  11.373  0.968   1.00 26.61 ? 26  ILE A O   1 
ATOM   190  C CB  . ILE A 1 25  ? 9.562   13.670  0.543   1.00 26.71 ? 26  ILE A CB  1 
ATOM   191  C CG1 . ILE A 1 25  ? 8.927   12.583  1.424   1.00 26.23 ? 26  ILE A CG1 1 
ATOM   192  C CG2 . ILE A 1 25  ? 8.593   14.316  -0.413  1.00 25.68 ? 26  ILE A CG2 1 
ATOM   193  C CD1 . ILE A 1 25  ? 8.050   13.108  2.503   1.00 28.91 ? 26  ILE A CD1 1 
ATOM   194  N N   . ASP A 1 26  ? 12.360  13.502  1.542   1.00 27.74 ? 27  ASP A N   1 
ATOM   195  C CA  . ASP A 1 26  ? 13.254  13.090  2.616   1.00 28.13 ? 27  ASP A CA  1 
ATOM   196  C C   . ASP A 1 26  ? 12.292  12.764  3.750   1.00 26.41 ? 27  ASP A C   1 
ATOM   197  O O   . ASP A 1 26  ? 11.570  13.624  4.227   1.00 28.81 ? 27  ASP A O   1 
ATOM   198  C CB  . ASP A 1 26  ? 14.208  14.231  2.998   1.00 31.71 ? 27  ASP A CB  1 
ATOM   199  C CG  . ASP A 1 26  ? 15.199  14.547  1.895   1.00 35.96 ? 27  ASP A CG  1 
ATOM   200  O OD1 . ASP A 1 26  ? 15.911  13.625  1.441   1.00 39.94 ? 27  ASP A OD1 1 
ATOM   201  O OD2 . ASP A 1 26  ? 15.272  15.726  1.480   1.00 44.48 ? 27  ASP A OD2 1 
ATOM   202  N N   . PRO A 1 27  ? 12.234  11.496  4.169   1.00 28.10 ? 28  PRO A N   1 
ATOM   203  C CA  . PRO A 1 27  ? 11.302  11.174  5.250   1.00 29.17 ? 28  PRO A CA  1 
ATOM   204  C C   . PRO A 1 27  ? 11.456  12.000  6.524   1.00 30.74 ? 28  PRO A C   1 
ATOM   205  O O   . PRO A 1 27  ? 12.553  12.179  7.044   1.00 31.80 ? 28  PRO A O   1 
ATOM   206  C CB  . PRO A 1 27  ? 11.511  9.671   5.476   1.00 29.11 ? 28  PRO A CB  1 
ATOM   207  C CG  . PRO A 1 27  ? 12.786  9.338   4.756   1.00 32.19 ? 28  PRO A CG  1 
ATOM   208  C CD  . PRO A 1 27  ? 12.888  10.295  3.628   1.00 28.75 ? 28  PRO A CD  1 
ATOM   209  N N   . ASN A 1 28  ? 10.346  12.547  6.995   1.00 30.18 ? 29  ASN A N   1 
ATOM   210  C CA  . ASN A 1 28  ? 10.388  13.307  8.231   1.00 31.27 ? 29  ASN A CA  1 
ATOM   211  C C   . ASN A 1 28  ? 10.140  12.282  9.341   1.00 32.15 ? 29  ASN A C   1 
ATOM   212  O O   . ASN A 1 28  ? 8.995   12.000  9.700   1.00 32.44 ? 29  ASN A O   1 
ATOM   213  C CB  . ASN A 1 28  ? 9.311   14.385  8.248   1.00 31.52 ? 29  ASN A CB  1 
ATOM   214  C CG  . ASN A 1 28  ? 9.467   15.324  9.418   1.00 32.11 ? 29  ASN A CG  1 
ATOM   215  O OD1 . ASN A 1 28  ? 9.522   14.887  10.568  1.00 33.76 ? 29  ASN A OD1 1 
ATOM   216  N ND2 . ASN A 1 28  ? 9.548   16.614  9.136   1.00 32.61 ? 29  ASN A ND2 1 
ATOM   217  N N   . TYR A 1 29  ? 11.227  11.730  9.875   1.00 32.84 ? 30  TYR A N   1 
ATOM   218  C CA  . TYR A 1 29  ? 11.157  10.711  10.909  1.00 34.97 ? 30  TYR A CA  1 
ATOM   219  C C   . TYR A 1 29  ? 10.366  11.081  12.154  1.00 34.94 ? 30  TYR A C   1 
ATOM   220  O O   . TYR A 1 29  ? 9.651   10.246  12.698  1.00 36.56 ? 30  TYR A O   1 
ATOM   221  C CB  . TYR A 1 29  ? 12.568  10.263  11.285  1.00 36.55 ? 30  TYR A CB  1 
ATOM   222  C CG  . TYR A 1 29  ? 13.312  9.685   10.109  1.00 37.87 ? 30  TYR A CG  1 
ATOM   223  C CD1 . TYR A 1 29  ? 14.273  10.431  9.427   1.00 40.89 ? 30  TYR A CD1 1 
ATOM   224  C CD2 . TYR A 1 29  ? 13.031  8.393   9.655   1.00 40.22 ? 30  TYR A CD2 1 
ATOM   225  C CE1 . TYR A 1 29  ? 14.943  9.905   8.317   1.00 42.54 ? 30  TYR A CE1 1 
ATOM   226  C CE2 . TYR A 1 29  ? 13.689  7.859   8.549   1.00 41.93 ? 30  TYR A CE2 1 
ATOM   227  C CZ  . TYR A 1 29  ? 14.645  8.620   7.886   1.00 42.32 ? 30  TYR A CZ  1 
ATOM   228  O OH  . TYR A 1 29  ? 15.306  8.086   6.804   1.00 44.27 ? 30  TYR A OH  1 
ATOM   229  N N   . ASP A 1 30  ? 10.476  12.329  12.597  1.00 37.01 ? 31  ASP A N   1 
ATOM   230  C CA  . ASP A 1 30  ? 9.734   12.774  13.775  1.00 37.31 ? 31  ASP A CA  1 
ATOM   231  C C   . ASP A 1 30  ? 8.226   12.706  13.566  1.00 34.92 ? 31  ASP A C   1 
ATOM   232  O O   . ASP A 1 30  ? 7.483   12.248  14.440  1.00 33.90 ? 31  ASP A O   1 
ATOM   233  C CB  . ASP A 1 30  ? 10.129  14.206  14.141  1.00 41.22 ? 31  ASP A CB  1 
ATOM   234  C CG  . ASP A 1 30  ? 11.441  14.267  14.890  1.00 46.27 ? 31  ASP A CG  1 
ATOM   235  O OD1 . ASP A 1 30  ? 11.545  13.610  15.950  1.00 48.45 ? 31  ASP A OD1 1 
ATOM   236  O OD2 . ASP A 1 30  ? 12.364  14.964  14.422  1.00 48.65 ? 31  ASP A OD2 1 
ATOM   237  N N   . VAL A 1 31  ? 7.770   13.180  12.408  1.00 33.47 ? 32  VAL A N   1 
ATOM   238  C CA  . VAL A 1 31  ? 6.344   13.161  12.109  1.00 31.41 ? 32  VAL A CA  1 
ATOM   239  C C   . VAL A 1 31  ? 5.886   11.724  11.901  1.00 30.21 ? 32  VAL A C   1 
ATOM   240  O O   . VAL A 1 31  ? 4.788   11.347  12.304  1.00 29.68 ? 32  VAL A O   1 
ATOM   241  C CB  . VAL A 1 31  ? 6.026   14.005  10.849  1.00 30.68 ? 32  VAL A CB  1 
ATOM   242  C CG1 . VAL A 1 31  ? 4.553   13.852  10.458  1.00 30.99 ? 32  VAL A CG1 1 
ATOM   243  C CG2 . VAL A 1 31  ? 6.336   15.478  11.124  1.00 33.04 ? 32  VAL A CG2 1 
ATOM   244  N N   . MET A 1 32  ? 6.741   10.921  11.283  1.00 29.71 ? 33  MET A N   1 
ATOM   245  C CA  . MET A 1 32  ? 6.410   9.531   11.023  1.00 28.86 ? 33  MET A CA  1 
ATOM   246  C C   . MET A 1 32  ? 6.203   8.756   12.325  1.00 28.67 ? 33  MET A C   1 
ATOM   247  O O   . MET A 1 32  ? 5.187   8.090   12.503  1.00 26.01 ? 33  MET A O   1 
ATOM   248  C CB  . MET A 1 32  ? 7.524   8.898   10.186  1.00 30.08 ? 33  MET A CB  1 
ATOM   249  C CG  . MET A 1 32  ? 7.110   7.703   9.388   1.00 30.39 ? 33  MET A CG  1 
ATOM   250  S SD  . MET A 1 32  ? 8.452   7.201   8.307   1.00 29.37 ? 33  MET A SD  1 
ATOM   251  C CE  . MET A 1 32  ? 9.555   6.403   9.510   1.00 33.21 ? 33  MET A CE  1 
ATOM   252  N N   . TRP A 1 33  ? 7.161   8.857   13.245  1.00 30.16 ? 34  TRP A N   1 
ATOM   253  C CA  . TRP A 1 33  ? 7.052   8.158   14.523  1.00 30.78 ? 34  TRP A CA  1 
ATOM   254  C C   . TRP A 1 33  ? 5.904   8.703   15.376  1.00 31.37 ? 34  TRP A C   1 
ATOM   255  O O   . TRP A 1 33  ? 5.261   7.953   16.123  1.00 30.41 ? 34  TRP A O   1 
ATOM   256  C CB  . TRP A 1 33  ? 8.375   8.245   15.289  1.00 32.50 ? 34  TRP A CB  1 
ATOM   257  C CG  . TRP A 1 33  ? 9.461   7.391   14.696  1.00 33.89 ? 34  TRP A CG  1 
ATOM   258  C CD1 . TRP A 1 33  ? 10.641  7.819   14.166  1.00 34.36 ? 34  TRP A CD1 1 
ATOM   259  C CD2 . TRP A 1 33  ? 9.449   5.964   14.544  1.00 34.10 ? 34  TRP A CD2 1 
ATOM   260  N NE1 . TRP A 1 33  ? 11.366  6.754   13.691  1.00 34.25 ? 34  TRP A NE1 1 
ATOM   261  C CE2 . TRP A 1 33  ? 10.659  5.602   13.910  1.00 34.02 ? 34  TRP A CE2 1 
ATOM   262  C CE3 . TRP A 1 33  ? 8.535   4.960   14.879  1.00 35.04 ? 34  TRP A CE3 1 
ATOM   263  C CZ2 . TRP A 1 33  ? 10.980  4.277   13.604  1.00 35.47 ? 34  TRP A CZ2 1 
ATOM   264  C CZ3 . TRP A 1 33  ? 8.853   3.635   14.575  1.00 36.03 ? 34  TRP A CZ3 1 
ATOM   265  C CH2 . TRP A 1 33  ? 10.066  3.309   13.943  1.00 33.36 ? 34  TRP A CH2 1 
ATOM   266  N N   . ARG A 1 34  ? 5.644   10.001  15.253  1.00 32.61 ? 35  ARG A N   1 
ATOM   267  C CA  . ARG A 1 34  ? 4.555   10.641  15.979  1.00 32.91 ? 35  ARG A CA  1 
ATOM   268  C C   . ARG A 1 34  ? 3.234   10.002  15.567  1.00 31.93 ? 35  ARG A C   1 
ATOM   269  O O   . ARG A 1 34  ? 2.371   9.752   16.400  1.00 31.67 ? 35  ARG A O   1 
ATOM   270  C CB  . ARG A 1 34  ? 4.520   12.152  15.684  1.00 37.10 ? 35  ARG A CB  1 
ATOM   271  C CG  . ARG A 1 34  ? 3.976   12.995  16.832  1.00 44.46 ? 35  ARG A CG  1 
ATOM   272  C CD  . ARG A 1 34  ? 3.749   14.469  16.462  1.00 47.41 ? 35  ARG A CD  1 
ATOM   273  N NE  . ARG A 1 34  ? 4.880   15.108  15.780  1.00 52.79 ? 35  ARG A NE  1 
ATOM   274  C CZ  . ARG A 1 34  ? 6.137   15.122  16.221  1.00 54.45 ? 35  ARG A CZ  1 
ATOM   275  N NH1 . ARG A 1 34  ? 7.078   15.738  15.514  1.00 56.25 ? 35  ARG A NH1 1 
ATOM   276  N NH2 . ARG A 1 34  ? 6.462   14.510  17.354  1.00 56.94 ? 35  ARG A NH2 1 
ATOM   277  N N   . TYR A 1 35  ? 3.069   9.704   14.277  1.00 32.58 ? 36  TYR A N   1 
ATOM   278  C CA  . TYR A 1 35  ? 1.823   9.084   13.851  1.00 33.89 ? 36  TYR A CA  1 
ATOM   279  C C   . TYR A 1 35  ? 1.705   7.614   14.202  1.00 32.97 ? 36  TYR A C   1 
ATOM   280  O O   . TYR A 1 35  ? 0.599   7.108   14.374  1.00 33.78 ? 36  TYR A O   1 
ATOM   281  C CB  . TYR A 1 35  ? 1.573   9.350   12.366  1.00 35.32 ? 36  TYR A CB  1 
ATOM   282  C CG  . TYR A 1 35  ? 0.971   10.726  12.235  1.00 38.00 ? 36  TYR A CG  1 
ATOM   283  C CD1 . TYR A 1 35  ? 1.753   11.867  12.442  1.00 39.68 ? 36  TYR A CD1 1 
ATOM   284  C CD2 . TYR A 1 35  ? -0.409  10.892  12.089  1.00 39.61 ? 36  TYR A CD2 1 
ATOM   285  C CE1 . TYR A 1 35  ? 1.183   13.129  12.522  1.00 40.84 ? 36  TYR A CE1 1 
ATOM   286  C CE2 . TYR A 1 35  ? -0.992  12.160  12.168  1.00 40.27 ? 36  TYR A CE2 1 
ATOM   287  C CZ  . TYR A 1 35  ? -0.189  13.269  12.390  1.00 40.87 ? 36  TYR A CZ  1 
ATOM   288  O OH  . TYR A 1 35  ? -0.756  14.522  12.520  1.00 42.97 ? 36  TYR A OH  1 
ATOM   289  N N   . VAL A 1 36  ? 2.841   6.937   14.332  1.00 32.93 ? 37  VAL A N   1 
ATOM   290  C CA  . VAL A 1 36  ? 2.837   5.541   14.738  1.00 34.72 ? 37  VAL A CA  1 
ATOM   291  C C   . VAL A 1 36  ? 2.305   5.521   16.179  1.00 35.68 ? 37  VAL A C   1 
ATOM   292  O O   . VAL A 1 36  ? 1.477   4.688   16.534  1.00 36.35 ? 37  VAL A O   1 
ATOM   293  C CB  . VAL A 1 36  ? 4.259   4.945   14.721  1.00 34.81 ? 37  VAL A CB  1 
ATOM   294  C CG1 . VAL A 1 36  ? 4.243   3.560   15.349  1.00 35.47 ? 37  VAL A CG1 1 
ATOM   295  C CG2 . VAL A 1 36  ? 4.768   4.862   13.289  1.00 35.08 ? 37  VAL A CG2 1 
ATOM   296  N N   . ASP A 1 37  ? 2.785   6.461   16.989  1.00 38.03 ? 38  ASP A N   1 
ATOM   297  C CA  . ASP A 1 37  ? 2.367   6.583   18.388  1.00 41.21 ? 38  ASP A CA  1 
ATOM   298  C C   . ASP A 1 37  ? 0.866   6.819   18.498  1.00 41.14 ? 38  ASP A C   1 
ATOM   299  O O   . ASP A 1 37  ? 0.182   6.187   19.302  1.00 39.98 ? 38  ASP A O   1 
ATOM   300  C CB  . ASP A 1 37  ? 3.110   7.743   19.062  1.00 44.41 ? 38  ASP A CB  1 
ATOM   301  C CG  . ASP A 1 37  ? 4.463   7.333   19.615  1.00 50.11 ? 38  ASP A CG  1 
ATOM   302  O OD1 . ASP A 1 37  ? 5.375   8.191   19.664  1.00 52.53 ? 38  ASP A OD1 1 
ATOM   303  O OD2 . ASP A 1 37  ? 4.611   6.158   20.020  1.00 53.19 ? 38  ASP A OD2 1 
ATOM   304  N N   . MET A 1 38  ? 0.357   7.733   17.677  1.00 42.31 ? 39  MET A N   1 
ATOM   305  C CA  . MET A 1 38  ? -1.058  8.061   17.684  1.00 43.86 ? 39  MET A CA  1 
ATOM   306  C C   . MET A 1 38  ? -1.933  6.873   17.315  1.00 43.17 ? 39  MET A C   1 
ATOM   307  O O   . MET A 1 38  ? -2.992  6.668   17.905  1.00 44.13 ? 39  MET A O   1 
ATOM   308  C CB  . MET A 1 38  ? -1.326  9.236   16.739  1.00 47.75 ? 39  MET A CB  1 
ATOM   309  C CG  . MET A 1 38  ? -0.775  10.562  17.255  1.00 51.85 ? 39  MET A CG  1 
ATOM   310  S SD  . MET A 1 38  ? -0.905  11.915  16.067  1.00 58.88 ? 39  MET A SD  1 
ATOM   311  C CE  . MET A 1 38  ? -2.689  12.195  16.058  1.00 56.50 ? 39  MET A CE  1 
ATOM   312  N N   . GLN A 1 39  ? -1.504  6.076   16.344  1.00 41.52 ? 40  GLN A N   1 
ATOM   313  C CA  . GLN A 1 39  ? -2.308  4.926   15.971  1.00 40.47 ? 40  GLN A CA  1 
ATOM   314  C C   . GLN A 1 39  ? -2.233  3.814   17.018  1.00 40.44 ? 40  GLN A C   1 
ATOM   315  O O   . GLN A 1 39  ? -3.111  2.950   17.079  1.00 40.99 ? 40  GLN A O   1 
ATOM   316  C CB  . GLN A 1 39  ? -1.884  4.404   14.594  0.00 40.52 ? 40  GLN A CB  1 
ATOM   317  C CG  . GLN A 1 39  ? -0.390  4.209   14.423  0.00 40.13 ? 40  GLN A CG  1 
ATOM   318  C CD  . GLN A 1 39  ? 0.001   3.950   12.981  0.00 39.95 ? 40  GLN A CD  1 
ATOM   319  O OE1 . GLN A 1 39  ? 1.182   3.833   12.658  0.00 39.86 ? 40  GLN A OE1 1 
ATOM   320  N NE2 . GLN A 1 39  ? -0.994  3.861   12.104  0.00 39.88 ? 40  GLN A NE2 1 
ATOM   321  N N   . LEU A 1 40  ? -1.204  3.857   17.859  1.00 39.22 ? 41  LEU A N   1 
ATOM   322  C CA  . LEU A 1 40  ? -1.024  2.836   18.875  1.00 39.79 ? 41  LEU A CA  1 
ATOM   323  C C   . LEU A 1 40  ? -1.568  3.204   20.250  1.00 40.09 ? 41  LEU A C   1 
ATOM   324  O O   . LEU A 1 40  ? -1.951  2.324   21.015  1.00 38.96 ? 41  LEU A O   1 
ATOM   325  C CB  . LEU A 1 40  ? 0.455   2.470   18.991  1.00 41.17 ? 41  LEU A CB  1 
ATOM   326  C CG  . LEU A 1 40  ? 1.020   1.631   17.840  1.00 40.98 ? 41  LEU A CG  1 
ATOM   327  C CD1 . LEU A 1 40  ? 2.517   1.496   18.001  1.00 41.43 ? 41  LEU A CD1 1 
ATOM   328  C CD2 . LEU A 1 40  ? 0.341   0.264   17.815  1.00 42.37 ? 41  LEU A CD2 1 
ATOM   329  N N   . SER A 1 41  ? -1.615  4.494   20.563  1.00 40.87 ? 42  SER A N   1 
ATOM   330  C CA  . SER A 1 41  ? -2.107  4.917   21.869  1.00 42.25 ? 42  SER A CA  1 
ATOM   331  C C   . SER A 1 41  ? -3.434  5.664   21.815  1.00 43.96 ? 42  SER A C   1 
ATOM   332  O O   . SER A 1 41  ? -3.796  6.245   22.860  1.00 46.58 ? 42  SER A O   1 
ATOM   333  C CB  . SER A 1 41  ? -1.057  5.787   22.566  1.00 42.58 ? 42  SER A CB  1 
ATOM   334  O OG  . SER A 1 41  ? -0.866  7.016   21.888  1.00 40.92 ? 42  SER A OG  1 
ATOM   335  N N   . ASP A 1 95  ? -9.414  24.658  13.555  1.00 45.57 ? 96  ASP A N   1 
ATOM   336  C CA  . ASP A 1 95  ? -9.265  25.496  12.327  1.00 45.15 ? 96  ASP A CA  1 
ATOM   337  C C   . ASP A 1 95  ? -7.887  25.274  11.701  1.00 44.17 ? 96  ASP A C   1 
ATOM   338  O O   . ASP A 1 95  ? -7.697  24.342  10.919  1.00 43.40 ? 96  ASP A O   1 
ATOM   339  C CB  . ASP A 1 95  ? -9.449  26.975  12.672  0.00 44.23 ? 96  ASP A CB  1 
ATOM   340  C CG  . ASP A 1 95  ? -9.496  27.859  11.441  0.00 44.63 ? 96  ASP A CG  1 
ATOM   341  O OD1 . ASP A 1 95  ? -8.498  27.895  10.691  0.00 43.67 ? 96  ASP A OD1 1 
ATOM   342  O OD2 . ASP A 1 95  ? -10.534 28.519  11.223  0.00 43.67 ? 96  ASP A OD2 1 
ATOM   343  N N   . TRP A 1 96  ? -6.926  26.127  12.047  1.00 43.10 ? 97  TRP A N   1 
ATOM   344  C CA  . TRP A 1 96  ? -5.574  25.995  11.517  1.00 42.63 ? 97  TRP A CA  1 
ATOM   345  C C   . TRP A 1 96  ? -4.907  24.730  12.035  1.00 41.81 ? 97  TRP A C   1 
ATOM   346  O O   . TRP A 1 96  ? -4.060  24.140  11.363  1.00 41.18 ? 97  TRP A O   1 
ATOM   347  C CB  . TRP A 1 96  ? -4.721  27.203  11.903  1.00 43.32 ? 97  TRP A CB  1 
ATOM   348  C CG  . TRP A 1 96  ? -5.099  28.443  11.175  1.00 44.12 ? 97  TRP A CG  1 
ATOM   349  C CD1 . TRP A 1 96  ? -5.755  29.529  11.682  1.00 45.13 ? 97  TRP A CD1 1 
ATOM   350  C CD2 . TRP A 1 96  ? -4.889  28.711  9.786   1.00 44.31 ? 97  TRP A CD2 1 
ATOM   351  N NE1 . TRP A 1 96  ? -5.969  30.455  10.690  1.00 45.20 ? 97  TRP A NE1 1 
ATOM   352  C CE2 . TRP A 1 96  ? -5.448  29.978  9.516   1.00 44.44 ? 97  TRP A CE2 1 
ATOM   353  C CE3 . TRP A 1 96  ? -4.285  28.000  8.739   1.00 43.62 ? 97  TRP A CE3 1 
ATOM   354  C CZ2 . TRP A 1 96  ? -5.423  30.552  8.245   1.00 44.71 ? 97  TRP A CZ2 1 
ATOM   355  C CZ3 . TRP A 1 96  ? -4.260  28.569  7.477   1.00 44.39 ? 97  TRP A CZ3 1 
ATOM   356  C CH2 . TRP A 1 96  ? -4.827  29.834  7.241   1.00 45.49 ? 97  TRP A CH2 1 
ATOM   357  N N   . SER A 1 97  ? -5.295  24.318  13.236  1.00 40.94 ? 98  SER A N   1 
ATOM   358  C CA  . SER A 1 97  ? -4.735  23.133  13.865  1.00 40.85 ? 98  SER A CA  1 
ATOM   359  C C   . SER A 1 97  ? -5.184  21.872  13.135  1.00 39.74 ? 98  SER A C   1 
ATOM   360  O O   . SER A 1 97  ? -4.373  20.991  12.846  1.00 39.74 ? 98  SER A O   1 
ATOM   361  C CB  . SER A 1 97  ? -5.172  23.077  15.331  1.00 42.35 ? 98  SER A CB  1 
ATOM   362  O OG  . SER A 1 97  ? -4.552  22.009  16.015  1.00 46.24 ? 98  SER A OG  1 
ATOM   363  N N   . LYS A 1 98  ? -6.477  21.787  12.844  1.00 37.90 ? 99  LYS A N   1 
ATOM   364  C CA  . LYS A 1 98  ? -7.027  20.635  12.142  1.00 37.47 ? 99  LYS A CA  1 
ATOM   365  C C   . LYS A 1 98  ? -6.361  20.493  10.775  1.00 37.00 ? 99  LYS A C   1 
ATOM   366  O O   . LYS A 1 98  ? -5.962  19.390  10.381  1.00 36.01 ? 99  LYS A O   1 
ATOM   367  C CB  . LYS A 1 98  ? -8.543  20.799  11.972  1.00 38.19 ? 99  LYS A CB  1 
ATOM   368  C CG  . LYS A 1 98  ? -9.230  19.640  11.271  0.00 36.61 ? 99  LYS A CG  1 
ATOM   369  C CD  . LYS A 1 98  ? -10.726 19.888  11.157  0.00 35.96 ? 99  LYS A CD  1 
ATOM   370  C CE  . LYS A 1 98  ? -11.434 18.728  10.479  0.00 35.40 ? 99  LYS A CE  1 
ATOM   371  N NZ  . LYS A 1 98  ? -12.901 18.961  10.373  0.00 35.55 ? 99  LYS A NZ  1 
ATOM   372  N N   . LYS A 1 99  ? -6.221  21.611  10.061  1.00 34.85 ? 100 LYS A N   1 
ATOM   373  C CA  . LYS A 1 99  ? -5.602  21.599  8.738   1.00 33.80 ? 100 LYS A CA  1 
ATOM   374  C C   . LYS A 1 99  ? -4.138  21.189  8.827   1.00 30.95 ? 100 LYS A C   1 
ATOM   375  O O   . LYS A 1 99  ? -3.662  20.379  8.037   1.00 29.70 ? 100 LYS A O   1 
ATOM   376  C CB  . LYS A 1 99  ? -5.707  22.980  8.080   1.00 36.96 ? 100 LYS A CB  1 
ATOM   377  C CG  . LYS A 1 99  ? -7.103  23.575  8.139   1.00 41.26 ? 100 LYS A CG  1 
ATOM   378  C CD  . LYS A 1 99  ? -7.241  24.840  7.298   1.00 44.68 ? 100 LYS A CD  1 
ATOM   379  C CE  . LYS A 1 99  ? -7.329  24.510  5.815   1.00 47.63 ? 100 LYS A CE  1 
ATOM   380  N NZ  . LYS A 1 99  ? -7.760  25.696  5.018   1.00 49.10 ? 100 LYS A NZ  1 
ATOM   381  N N   . LEU A 1 100 ? -3.424  21.755  9.792   1.00 28.92 ? 101 LEU A N   1 
ATOM   382  C CA  . LEU A 1 100 ? -2.015  21.440  9.985   1.00 28.09 ? 101 LEU A CA  1 
ATOM   383  C C   . LEU A 1 100 ? -1.872  19.967  10.358  1.00 26.73 ? 101 LEU A C   1 
ATOM   384  O O   . LEU A 1 100 ? -0.957  19.279  9.911   1.00 26.17 ? 101 LEU A O   1 
ATOM   385  C CB  . LEU A 1 100 ? -1.452  22.326  11.094  1.00 29.02 ? 101 LEU A CB  1 
ATOM   386  C CG  . LEU A 1 100 ? -0.103  23.021  10.910  1.00 33.93 ? 101 LEU A CG  1 
ATOM   387  C CD1 . LEU A 1 100 ? 0.049   23.555  9.516   1.00 34.26 ? 101 LEU A CD1 1 
ATOM   388  C CD2 . LEU A 1 100 ? 0.001   24.148  11.941  1.00 32.98 ? 101 LEU A CD2 1 
ATOM   389  N N   . ASN A 1 101 ? -2.780  19.479  11.194  1.00 25.68 ? 102 ASN A N   1 
ATOM   390  C CA  . ASN A 1 101 ? -2.727  18.077  11.576  1.00 27.88 ? 102 ASN A CA  1 
ATOM   391  C C   . ASN A 1 101 ? -2.956  17.161  10.375  1.00 27.08 ? 102 ASN A C   1 
ATOM   392  O O   . ASN A 1 101 ? -2.289  16.143  10.241  1.00 27.44 ? 102 ASN A O   1 
ATOM   393  C CB  . ASN A 1 101 ? -3.746  17.786  12.674  1.00 31.48 ? 102 ASN A CB  1 
ATOM   394  C CG  . ASN A 1 101 ? -3.314  18.358  14.012  1.00 35.86 ? 102 ASN A CG  1 
ATOM   395  O OD1 . ASN A 1 101 ? -2.136  18.296  14.363  1.00 36.86 ? 102 ASN A OD1 1 
ATOM   396  N ND2 . ASN A 1 101 ? -4.262  18.913  14.764  1.00 38.84 ? 102 ASN A ND2 1 
ATOM   397  N N   . LYS A 1 102 ? -3.896  17.515  9.512   1.00 28.35 ? 103 LYS A N   1 
ATOM   398  C CA  . LYS A 1 102 ? -4.154  16.690  8.338   1.00 28.10 ? 103 LYS A CA  1 
ATOM   399  C C   . LYS A 1 102 ? -2.886  16.614  7.506   1.00 28.15 ? 103 LYS A C   1 
ATOM   400  O O   . LYS A 1 102 ? -2.496  15.536  7.038   1.00 27.53 ? 103 LYS A O   1 
ATOM   401  C CB  . LYS A 1 102 ? -5.303  17.274  7.515   1.00 32.38 ? 103 LYS A CB  1 
ATOM   402  C CG  . LYS A 1 102 ? -6.622  17.238  8.250   1.00 38.41 ? 103 LYS A CG  1 
ATOM   403  C CD  . LYS A 1 102 ? -7.785  17.675  7.380   1.00 42.67 ? 103 LYS A CD  1 
ATOM   404  C CE  . LYS A 1 102 ? -9.101  17.580  8.153   1.00 46.23 ? 103 LYS A CE  1 
ATOM   405  N NZ  . LYS A 1 102 ? -10.299 17.881  7.307   1.00 49.08 ? 103 LYS A NZ  1 
ATOM   406  N N   . LYS A 1 103 ? -2.222  17.753  7.345   1.00 25.78 ? 104 LYS A N   1 
ATOM   407  C CA  . LYS A 1 103 ? -0.997  17.799  6.566   1.00 26.65 ? 104 LYS A CA  1 
ATOM   408  C C   . LYS A 1 103 ? 0.112   16.973  7.185   1.00 25.77 ? 104 LYS A C   1 
ATOM   409  O O   . LYS A 1 103 ? 0.872   16.324  6.478   1.00 24.57 ? 104 LYS A O   1 
ATOM   410  C CB  . LYS A 1 103 ? -0.547  19.248  6.361   1.00 30.01 ? 104 LYS A CB  1 
ATOM   411  C CG  . LYS A 1 103 ? -1.441  19.997  5.388   1.00 37.08 ? 104 LYS A CG  1 
ATOM   412  C CD  . LYS A 1 103 ? -0.852  21.331  4.949   1.00 42.73 ? 104 LYS A CD  1 
ATOM   413  C CE  . LYS A 1 103 ? 0.415   21.175  4.111   1.00 48.20 ? 104 LYS A CE  1 
ATOM   414  N NZ  . LYS A 1 103 ? 1.572   20.639  4.887   1.00 51.07 ? 104 LYS A NZ  1 
ATOM   415  N N   . MET A 1 104 ? 0.202   16.984  8.512   1.00 25.31 ? 105 MET A N   1 
ATOM   416  C CA  . MET A 1 104 ? 1.223   16.212  9.205   1.00 25.40 ? 105 MET A CA  1 
ATOM   417  C C   . MET A 1 104 ? 0.962   14.720  8.987   1.00 23.34 ? 105 MET A C   1 
ATOM   418  O O   . MET A 1 104 ? 1.897   13.946  8.784   1.00 23.65 ? 105 MET A O   1 
ATOM   419  C CB  . MET A 1 104 ? 1.192   16.521  10.705  1.00 28.94 ? 105 MET A CB  1 
ATOM   420  C CG  . MET A 1 104 ? 1.397   17.976  11.052  1.00 37.38 ? 105 MET A CG  1 
ATOM   421  S SD  . MET A 1 104 ? 3.037   18.291  11.713  1.00 47.24 ? 105 MET A SD  1 
ATOM   422  C CE  . MET A 1 104 ? 3.941   18.263  10.215  1.00 40.73 ? 105 MET A CE  1 
ATOM   423  N N   . LYS A 1 105 ? -0.306  14.334  9.035   1.00 23.54 ? 106 LYS A N   1 
ATOM   424  C CA  . LYS A 1 105 ? -0.686  12.931  8.832   1.00 24.31 ? 106 LYS A CA  1 
ATOM   425  C C   . LYS A 1 105 ? -0.310  12.481  7.421   1.00 24.01 ? 106 LYS A C   1 
ATOM   426  O O   . LYS A 1 105 ? 0.232   11.384  7.234   1.00 22.47 ? 106 LYS A O   1 
ATOM   427  C CB  . LYS A 1 105 ? -2.186  12.738  9.042   1.00 28.33 ? 106 LYS A CB  1 
ATOM   428  C CG  . LYS A 1 105 ? -2.654  11.349  8.667   1.00 33.05 ? 106 LYS A CG  1 
ATOM   429  C CD  . LYS A 1 105 ? -4.138  11.159  8.903   1.00 38.87 ? 106 LYS A CD  1 
ATOM   430  C CE  . LYS A 1 105 ? -4.637  9.916   8.174   1.00 41.25 ? 106 LYS A CE  1 
ATOM   431  N NZ  . LYS A 1 105 ? -3.762  8.724   8.410   1.00 43.77 ? 106 LYS A NZ  1 
ATOM   432  N N   . LYS A 1 106 ? -0.599  13.319  6.429   1.00 22.18 ? 107 LYS A N   1 
ATOM   433  C CA  . LYS A 1 106 ? -0.242  12.969  5.054   1.00 22.20 ? 107 LYS A CA  1 
ATOM   434  C C   . LYS A 1 106 ? 1.273   12.919  4.895   1.00 22.56 ? 107 LYS A C   1 
ATOM   435  O O   . LYS A 1 106 ? 1.813   12.092  4.158   1.00 21.82 ? 107 LYS A O   1 
ATOM   436  C CB  . LYS A 1 106 ? -0.840  13.974  4.064   1.00 22.01 ? 107 LYS A CB  1 
ATOM   437  C CG  . LYS A 1 106 ? -2.360  13.883  3.988   1.00 24.05 ? 107 LYS A CG  1 
ATOM   438  C CD  . LYS A 1 106 ? -2.909  14.745  2.859   1.00 30.84 ? 107 LYS A CD  1 
ATOM   439  C CE  . LYS A 1 106 ? -4.400  14.525  2.701   1.00 33.44 ? 107 LYS A CE  1 
ATOM   440  N NZ  . LYS A 1 106 ? -5.025  15.514  1.755   1.00 39.13 ? 107 LYS A NZ  1 
ATOM   441  N N   . LEU A 1 107 ? 1.971   13.816  5.582   1.00 21.02 ? 108 LEU A N   1 
ATOM   442  C CA  . LEU A 1 107 ? 3.421   13.830  5.520   1.00 21.41 ? 108 LEU A CA  1 
ATOM   443  C C   . LEU A 1 107 ? 3.980   12.543  6.147   1.00 22.29 ? 108 LEU A C   1 
ATOM   444  O O   . LEU A 1 107 ? 5.004   12.025  5.709   1.00 21.46 ? 108 LEU A O   1 
ATOM   445  C CB  . LEU A 1 107 ? 3.964   15.056  6.271   1.00 24.51 ? 108 LEU A CB  1 
ATOM   446  C CG  . LEU A 1 107 ? 5.489   15.170  6.317   1.00 28.02 ? 108 LEU A CG  1 
ATOM   447  C CD1 . LEU A 1 107 ? 6.061   15.318  4.912   1.00 30.48 ? 108 LEU A CD1 1 
ATOM   448  C CD2 . LEU A 1 107 ? 5.851   16.377  7.168   1.00 29.26 ? 108 LEU A CD2 1 
ATOM   449  N N   . ALA A 1 108 ? 3.311   12.036  7.176   1.00 19.90 ? 109 ALA A N   1 
ATOM   450  C CA  . ALA A 1 108 ? 3.760   10.815  7.831   1.00 20.58 ? 109 ALA A CA  1 
ATOM   451  C C   . ALA A 1 108 ? 3.657   9.654   6.823   1.00 18.67 ? 109 ALA A C   1 
ATOM   452  O O   . ALA A 1 108 ? 4.573   8.820   6.700   1.00 19.74 ? 109 ALA A O   1 
ATOM   453  C CB  . ALA A 1 108 ? 2.897   10.531  9.059   1.00 19.25 ? 109 ALA A CB  1 
ATOM   454  N N   . LEU A 1 109 ? 2.545   9.620   6.095   1.00 18.24 ? 110 LEU A N   1 
ATOM   455  C CA  . LEU A 1 109 ? 2.324   8.565   5.096   1.00 17.46 ? 110 LEU A CA  1 
ATOM   456  C C   . LEU A 1 109 ? 3.326   8.693   3.955   1.00 19.23 ? 110 LEU A C   1 
ATOM   457  O O   . LEU A 1 109 ? 3.926   7.703   3.533   1.00 18.74 ? 110 LEU A O   1 
ATOM   458  C CB  . LEU A 1 109 ? 0.885   8.632   4.567   1.00 18.33 ? 110 LEU A CB  1 
ATOM   459  C CG  . LEU A 1 109 ? -0.143  8.257   5.633   1.00 17.87 ? 110 LEU A CG  1 
ATOM   460  C CD1 . LEU A 1 109 ? -1.561  8.636   5.190   1.00 20.58 ? 110 LEU A CD1 1 
ATOM   461  C CD2 . LEU A 1 109 ? -0.035  6.756   5.912   1.00 19.90 ? 110 LEU A CD2 1 
ATOM   462  N N   . ARG A 1 110 ? 3.520   9.909   3.463   1.00 18.08 ? 111 ARG A N   1 
ATOM   463  C CA  . ARG A 1 110 ? 4.481   10.133  2.393   1.00 18.91 ? 111 ARG A CA  1 
ATOM   464  C C   . ARG A 1 110 ? 5.883   9.770   2.872   1.00 19.63 ? 111 ARG A C   1 
ATOM   465  O O   . ARG A 1 110 ? 6.667   9.205   2.115   1.00 19.23 ? 111 ARG A O   1 
ATOM   466  C CB  . ARG A 1 110 ? 4.432   11.588  1.926   1.00 19.80 ? 111 ARG A CB  1 
ATOM   467  C CG  . ARG A 1 110 ? 3.106   11.951  1.237   1.00 19.85 ? 111 ARG A CG  1 
ATOM   468  C CD  . ARG A 1 110 ? 2.829   13.471  1.295   1.00 26.66 ? 111 ARG A CD  1 
ATOM   469  N NE  . ARG A 1 110 ? 3.905   14.202  0.663   1.00 29.56 ? 111 ARG A NE  1 
ATOM   470  C CZ  . ARG A 1 110 ? 4.400   15.357  1.086   1.00 31.87 ? 111 ARG A CZ  1 
ATOM   471  N NH1 . ARG A 1 110 ? 5.393   15.905  0.406   1.00 30.18 ? 111 ARG A NH1 1 
ATOM   472  N NH2 . ARG A 1 110 ? 3.910   15.970  2.164   1.00 30.93 ? 111 ARG A NH2 1 
ATOM   473  N N   . SER A 1 111 ? 6.217   10.092  4.124   1.00 19.02 ? 112 SER A N   1 
ATOM   474  C CA  . SER A 1 111 ? 7.540   9.735   4.618   1.00 18.12 ? 112 SER A CA  1 
ATOM   475  C C   . SER A 1 111 ? 7.755   8.223   4.591   1.00 19.51 ? 112 SER A C   1 
ATOM   476  O O   . SER A 1 111 ? 8.805   7.762   4.155   1.00 20.12 ? 112 SER A O   1 
ATOM   477  C CB  . SER A 1 111 ? 7.754   10.249  6.046   1.00 20.89 ? 112 SER A CB  1 
ATOM   478  O OG  . SER A 1 111 ? 7.751   11.665  6.032   1.00 19.55 ? 112 SER A OG  1 
ATOM   479  N N   . ALA A 1 112 ? 6.758   7.463   5.037   1.00 19.70 ? 113 ALA A N   1 
ATOM   480  C CA  . ALA A 1 112 ? 6.848   6.000   5.072   1.00 18.13 ? 113 ALA A CA  1 
ATOM   481  C C   . ALA A 1 112 ? 6.945   5.417   3.655   1.00 17.59 ? 113 ALA A C   1 
ATOM   482  O O   . ALA A 1 112 ? 7.746   4.512   3.406   1.00 15.34 ? 113 ALA A O   1 
ATOM   483  C CB  . ALA A 1 112 ? 5.646   5.422   5.807   1.00 16.58 ? 113 ALA A CB  1 
ATOM   484  N N   . LEU A 1 113 ? 6.136   5.935   2.738   1.00 16.23 ? 114 LEU A N   1 
ATOM   485  C CA  . LEU A 1 113 ? 6.193   5.465   1.353   1.00 17.76 ? 114 LEU A CA  1 
ATOM   486  C C   . LEU A 1 113 ? 7.570   5.773   0.755   1.00 19.72 ? 114 LEU A C   1 
ATOM   487  O O   . LEU A 1 113 ? 8.127   4.978   -0.001  1.00 18.41 ? 114 LEU A O   1 
ATOM   488  C CB  . LEU A 1 113 ? 5.105   6.137   0.511   1.00 16.98 ? 114 LEU A CB  1 
ATOM   489  C CG  . LEU A 1 113 ? 3.681   5.711   0.885   1.00 15.50 ? 114 LEU A CG  1 
ATOM   490  C CD1 . LEU A 1 113 ? 2.657   6.685   0.300   1.00 15.54 ? 114 LEU A CD1 1 
ATOM   491  C CD2 . LEU A 1 113 ? 3.409   4.308   0.320   1.00 16.08 ? 114 LEU A CD2 1 
ATOM   492  N N   . SER A 1 114 ? 8.120   6.933   1.106   1.00 19.20 ? 115 SER A N   1 
ATOM   493  C CA  . SER A 1 114 ? 9.431   7.318   0.603   1.00 18.62 ? 115 SER A CA  1 
ATOM   494  C C   . SER A 1 114 ? 10.538  6.417   1.164   1.00 19.41 ? 115 SER A C   1 
ATOM   495  O O   . SER A 1 114 ? 11.541  6.168   0.501   1.00 20.03 ? 115 SER A O   1 
ATOM   496  C CB  . SER A 1 114 ? 9.702   8.784   0.934   1.00 14.47 ? 115 SER A CB  1 
ATOM   497  O OG  . SER A 1 114 ? 8.804   9.611   0.206   1.00 17.77 ? 115 SER A OG  1 
ATOM   498  N N   . VAL A 1 115 ? 10.373  5.969   2.405   1.00 19.62 ? 116 VAL A N   1 
ATOM   499  C CA  . VAL A 1 115 ? 11.329  5.042   3.000   1.00 20.70 ? 116 VAL A CA  1 
ATOM   500  C C   . VAL A 1 115 ? 11.298  3.757   2.165   1.00 21.89 ? 116 VAL A C   1 
ATOM   501  O O   . VAL A 1 115 ? 12.347  3.216   1.794   1.00 20.61 ? 116 VAL A O   1 
ATOM   502  C CB  . VAL A 1 115 ? 10.949  4.723   4.460   1.00 21.91 ? 116 VAL A CB  1 
ATOM   503  C CG1 . VAL A 1 115 ? 11.652  3.444   4.943   1.00 20.94 ? 116 VAL A CG1 1 
ATOM   504  C CG2 . VAL A 1 115 ? 11.327  5.906   5.333   1.00 21.40 ? 116 VAL A CG2 1 
ATOM   505  N N   . LYS A 1 116 ? 10.098  3.271   1.839   1.00 20.53 ? 117 LYS A N   1 
ATOM   506  C CA  . LYS A 1 116 ? 10.005  2.041   1.047   1.00 20.48 ? 117 LYS A CA  1 
ATOM   507  C C   . LYS A 1 116 ? 10.631  2.237   -0.339  1.00 21.17 ? 117 LYS A C   1 
ATOM   508  O O   . LYS A 1 116 ? 11.388  1.399   -0.807  1.00 20.90 ? 117 LYS A O   1 
ATOM   509  C CB  . LYS A 1 116 ? 8.541   1.597   0.890   1.00 22.38 ? 117 LYS A CB  1 
ATOM   510  C CG  . LYS A 1 116 ? 7.778   1.384   2.199   1.00 21.88 ? 117 LYS A CG  1 
ATOM   511  C CD  . LYS A 1 116 ? 8.068   0.026   2.861   1.00 28.48 ? 117 LYS A CD  1 
ATOM   512  C CE  . LYS A 1 116 ? 9.238   0.065   3.800   1.00 29.39 ? 117 LYS A CE  1 
ATOM   513  N NZ  . LYS A 1 116 ? 9.226   -1.157  4.660   1.00 23.59 ? 117 LYS A NZ  1 
ATOM   514  N N   . TYR A 1 117 ? 10.287  3.331   -1.005  1.00 18.98 ? 118 TYR A N   1 
ATOM   515  C CA  . TYR A 1 117 ? 10.850  3.605   -2.317  1.00 21.50 ? 118 TYR A CA  1 
ATOM   516  C C   . TYR A 1 117 ? 12.379  3.744   -2.277  1.00 21.99 ? 118 TYR A C   1 
ATOM   517  O O   . TYR A 1 117 ? 13.093  3.092   -3.036  1.00 21.81 ? 118 TYR A O   1 
ATOM   518  C CB  . TYR A 1 117 ? 10.270  4.887   -2.895  1.00 21.38 ? 118 TYR A CB  1 
ATOM   519  C CG  . TYR A 1 117 ? 10.872  5.249   -4.226  1.00 22.67 ? 118 TYR A CG  1 
ATOM   520  C CD1 . TYR A 1 117 ? 10.593  4.487   -5.360  1.00 22.92 ? 118 TYR A CD1 1 
ATOM   521  C CD2 . TYR A 1 117 ? 11.741  6.337   -4.353  1.00 25.19 ? 118 TYR A CD2 1 
ATOM   522  C CE1 . TYR A 1 117 ? 11.153  4.793   -6.581  1.00 27.08 ? 118 TYR A CE1 1 
ATOM   523  C CE2 . TYR A 1 117 ? 12.315  6.654   -5.582  1.00 25.58 ? 118 TYR A CE2 1 
ATOM   524  C CZ  . TYR A 1 117 ? 12.008  5.874   -6.689  1.00 27.17 ? 118 TYR A CZ  1 
ATOM   525  O OH  . TYR A 1 117 ? 12.526  6.169   -7.924  1.00 30.00 ? 118 TYR A OH  1 
ATOM   526  N N   . ARG A 1 118 ? 12.878  4.589   -1.379  1.00 22.41 ? 119 ARG A N   1 
ATOM   527  C CA  . ARG A 1 118 ? 14.316  4.810   -1.313  1.00 22.70 ? 119 ARG A CA  1 
ATOM   528  C C   . ARG A 1 118 ? 15.108  3.591   -0.872  1.00 24.38 ? 119 ARG A C   1 
ATOM   529  O O   . ARG A 1 118 ? 16.272  3.458   -1.232  1.00 27.03 ? 119 ARG A O   1 
ATOM   530  C CB  . ARG A 1 118 ? 14.620  6.022   -0.417  1.00 21.07 ? 119 ARG A CB  1 
ATOM   531  C CG  . ARG A 1 118 ? 14.130  7.324   -1.022  1.00 24.20 ? 119 ARG A CG  1 
ATOM   532  C CD  . ARG A 1 118 ? 14.536  8.524   -0.184  1.00 25.23 ? 119 ARG A CD  1 
ATOM   533  N NE  . ARG A 1 118 ? 14.268  9.779   -0.882  1.00 28.54 ? 119 ARG A NE  1 
ATOM   534  C CZ  . ARG A 1 118 ? 14.620  10.976  -0.417  1.00 30.39 ? 119 ARG A CZ  1 
ATOM   535  N NH1 . ARG A 1 118 ? 14.345  12.077  -1.113  1.00 30.18 ? 119 ARG A NH1 1 
ATOM   536  N NH2 . ARG A 1 118 ? 15.243  11.071  0.748   1.00 27.55 ? 119 ARG A NH2 1 
ATOM   537  N N   . GLU A 1 119 ? 14.489  2.695   -0.107  1.00 24.42 ? 120 GLU A N   1 
ATOM   538  C CA  . GLU A 1 119 ? 15.179  1.493   0.345   1.00 25.31 ? 120 GLU A CA  1 
ATOM   539  C C   . GLU A 1 119 ? 15.003  0.325   -0.631  1.00 23.75 ? 120 GLU A C   1 
ATOM   540  O O   . GLU A 1 119 ? 15.471  -0.781  -0.374  1.00 25.20 ? 120 GLU A O   1 
ATOM   541  C CB  . GLU A 1 119 ? 14.716  1.125   1.772   1.00 26.50 ? 120 GLU A CB  1 
ATOM   542  C CG  . GLU A 1 119 ? 15.300  2.088   2.836   1.00 27.16 ? 120 GLU A CG  1 
ATOM   543  C CD  . GLU A 1 119 ? 14.877  1.816   4.279   1.00 31.33 ? 120 GLU A CD  1 
ATOM   544  O OE1 . GLU A 1 119 ? 14.290  0.760   4.587   1.00 32.42 ? 120 GLU A OE1 1 
ATOM   545  O OE2 . GLU A 1 119 ? 15.155  2.689   5.127   1.00 34.56 ? 120 GLU A OE2 1 
ATOM   546  N N   . ASN A 1 120 ? 14.362  0.583   -1.769  1.00 24.15 ? 121 ASN A N   1 
ATOM   547  C CA  . ASN A 1 120 ? 14.132  -0.450  -2.783  1.00 24.76 ? 121 ASN A CA  1 
ATOM   548  C C   . ASN A 1 120 ? 13.285  -1.578  -2.210  1.00 24.16 ? 121 ASN A C   1 
ATOM   549  O O   . ASN A 1 120 ? 13.544  -2.763  -2.463  1.00 24.61 ? 121 ASN A O   1 
ATOM   550  C CB  . ASN A 1 120 ? 15.463  -1.020  -3.273  1.00 30.41 ? 121 ASN A CB  1 
ATOM   551  C CG  . ASN A 1 120 ? 16.245  -0.030  -4.124  1.00 34.78 ? 121 ASN A CG  1 
ATOM   552  O OD1 . ASN A 1 120 ? 17.469  0.041   -4.035  1.00 39.83 ? 121 ASN A OD1 1 
ATOM   553  N ND2 . ASN A 1 120 ? 15.544  0.725   -4.964  1.00 36.91 ? 121 ASN A ND2 1 
ATOM   554  N N   . LYS A 1 121 ? 12.267  -1.207  -1.446  1.00 20.92 ? 122 LYS A N   1 
ATOM   555  C CA  . LYS A 1 121 ? 11.396  -2.190  -0.820  1.00 20.00 ? 122 LYS A CA  1 
ATOM   556  C C   . LYS A 1 121 ? 9.983   -2.025  -1.328  1.00 18.80 ? 122 LYS A C   1 
ATOM   557  O O   . LYS A 1 121 ? 9.053   -2.557  -0.738  1.00 20.55 ? 122 LYS A O   1 
ATOM   558  C CB  . LYS A 1 121 ? 11.409  -2.034  0.712   1.00 21.58 ? 122 LYS A CB  1 
ATOM   559  C CG  . LYS A 1 121 ? 12.755  -2.323  1.384   1.00 27.23 ? 122 LYS A CG  1 
ATOM   560  C CD  . LYS A 1 121 ? 13.203  -3.740  1.124   1.00 29.39 ? 122 LYS A CD  1 
ATOM   561  C CE  . LYS A 1 121 ? 14.536  -4.041  1.789   1.00 32.84 ? 122 LYS A CE  1 
ATOM   562  N NZ  . LYS A 1 121 ? 14.465  -3.812  3.243   1.00 36.96 ? 122 LYS A NZ  1 
ATOM   563  N N   . LEU A 1 122 ? 9.824   -1.282  -2.418  1.00 17.03 ? 123 LEU A N   1 
ATOM   564  C CA  . LEU A 1 122 ? 8.513   -1.048  -3.017  1.00 17.86 ? 123 LEU A CA  1 
ATOM   565  C C   . LEU A 1 122 ? 8.366   -1.794  -4.343  1.00 18.84 ? 123 LEU A C   1 
ATOM   566  O O   . LEU A 1 122 ? 9.198   -1.655  -5.254  1.00 19.03 ? 123 LEU A O   1 
ATOM   567  C CB  . LEU A 1 122 ? 8.305   0.457   -3.260  1.00 18.34 ? 123 LEU A CB  1 
ATOM   568  C CG  . LEU A 1 122 ? 7.083   0.871   -4.075  1.00 18.82 ? 123 LEU A CG  1 
ATOM   569  C CD1 . LEU A 1 122 ? 5.843   0.694   -3.211  1.00 19.15 ? 123 LEU A CD1 1 
ATOM   570  C CD2 . LEU A 1 122 ? 7.214   2.331   -4.538  1.00 21.64 ? 123 LEU A CD2 1 
ATOM   571  N N   . LEU A 1 123 ? 7.313   -2.592  -4.459  1.00 15.86 ? 124 LEU A N   1 
ATOM   572  C CA  . LEU A 1 123 ? 7.032   -3.315  -5.703  1.00 16.75 ? 124 LEU A CA  1 
ATOM   573  C C   . LEU A 1 123 ? 5.639   -2.909  -6.135  1.00 16.87 ? 124 LEU A C   1 
ATOM   574  O O   . LEU A 1 123 ? 4.738   -2.784  -5.318  1.00 15.33 ? 124 LEU A O   1 
ATOM   575  C CB  . LEU A 1 123 ? 7.028   -4.841  -5.519  1.00 17.48 ? 124 LEU A CB  1 
ATOM   576  C CG  . LEU A 1 123 ? 8.352   -5.566  -5.299  1.00 22.86 ? 124 LEU A CG  1 
ATOM   577  C CD1 . LEU A 1 123 ? 8.774   -5.425  -3.841  1.00 23.28 ? 124 LEU A CD1 1 
ATOM   578  C CD2 . LEU A 1 123 ? 8.191   -7.051  -5.690  1.00 19.34 ? 124 LEU A CD2 1 
ATOM   579  N N   . VAL A 1 124 ? 5.467   -2.681  -7.430  1.00 14.94 ? 125 VAL A N   1 
ATOM   580  C CA  . VAL A 1 124 ? 4.164   -2.331  -7.942  1.00 15.15 ? 125 VAL A CA  1 
ATOM   581  C C   . VAL A 1 124 ? 3.836   -3.319  -9.059  1.00 15.18 ? 125 VAL A C   1 
ATOM   582  O O   . VAL A 1 124 ? 4.628   -3.525  -9.981  1.00 16.15 ? 125 VAL A O   1 
ATOM   583  C CB  . VAL A 1 124 ? 4.134   -0.896  -8.527  1.00 16.12 ? 125 VAL A CB  1 
ATOM   584  C CG1 . VAL A 1 124 ? 2.708   -0.546  -8.904  1.00 15.81 ? 125 VAL A CG1 1 
ATOM   585  C CG2 . VAL A 1 124 ? 4.697   0.109   -7.511  1.00 16.91 ? 125 VAL A CG2 1 
ATOM   586  N N   . LEU A 1 125 ? 2.672   -3.935  -8.935  1.00 14.38 ? 126 LEU A N   1 
ATOM   587  C CA  . LEU A 1 125 ? 2.162   -4.898  -9.902  1.00 14.88 ? 126 LEU A CA  1 
ATOM   588  C C   . LEU A 1 125 ? 1.103   -4.225  -10.762 1.00 15.69 ? 126 LEU A C   1 
ATOM   589  O O   . LEU A 1 125 ? 0.388   -3.327  -10.293 1.00 17.01 ? 126 LEU A O   1 
ATOM   590  C CB  . LEU A 1 125 ? 1.496   -6.065  -9.170  1.00 14.02 ? 126 LEU A CB  1 
ATOM   591  C CG  . LEU A 1 125 ? 2.441   -6.927  -8.328  1.00 20.40 ? 126 LEU A CG  1 
ATOM   592  C CD1 . LEU A 1 125 ? 1.610   -7.872  -7.394  1.00 20.48 ? 126 LEU A CD1 1 
ATOM   593  C CD2 . LEU A 1 125 ? 3.304   -7.745  -9.260  1.00 25.38 ? 126 LEU A CD2 1 
ATOM   594  N N   . ASP A 1 126 ? 0.978   -4.683  -12.015 1.00 16.63 ? 127 ASP A N   1 
ATOM   595  C CA  . ASP A 1 126 ? -0.020  -4.133  -12.889 1.00 14.71 ? 127 ASP A CA  1 
ATOM   596  C C   . ASP A 1 126 ? -1.366  -4.375  -12.215 1.00 15.71 ? 127 ASP A C   1 
ATOM   597  O O   . ASP A 1 126 ? -2.217  -3.485  -12.167 1.00 16.26 ? 127 ASP A O   1 
ATOM   598  C CB  . ASP A 1 126 ? 0.078   -4.731  -14.312 1.00 16.86 ? 127 ASP A CB  1 
ATOM   599  C CG  . ASP A 1 126 ? 0.252   -6.250  -14.361 1.00 22.69 ? 127 ASP A CG  1 
ATOM   600  O OD1 . ASP A 1 126 ? 0.287   -6.942  -13.322 1.00 21.62 ? 127 ASP A OD1 1 
ATOM   601  O OD2 . ASP A 1 126 ? 0.355   -6.766  -15.515 1.00 23.24 ? 127 ASP A OD2 1 
ATOM   602  N N   . ASP A 1 127 ? -1.544  -5.574  -11.671 1.00 14.67 ? 128 ASP A N   1 
ATOM   603  C CA  . ASP A 1 127 ? -2.744  -5.883  -10.894 1.00 15.45 ? 128 ASP A CA  1 
ATOM   604  C C   . ASP A 1 127 ? -2.467  -7.129  -10.069 1.00 16.87 ? 128 ASP A C   1 
ATOM   605  O O   . ASP A 1 127 ? -1.518  -7.865  -10.349 1.00 17.15 ? 128 ASP A O   1 
ATOM   606  C CB  . ASP A 1 127 ? -3.969  -6.123  -11.796 1.00 17.14 ? 128 ASP A CB  1 
ATOM   607  C CG  . ASP A 1 127 ? -5.286  -5.849  -11.076 1.00 19.36 ? 128 ASP A CG  1 
ATOM   608  O OD1 . ASP A 1 127 ? -6.347  -5.880  -11.733 1.00 21.64 ? 128 ASP A OD1 1 
ATOM   609  O OD2 . ASP A 1 127 ? -5.274  -5.602  -9.863  1.00 17.25 ? 128 ASP A OD2 1 
ATOM   610  N N   . LEU A 1 128 ? -3.282  -7.353  -9.049  1.00 15.24 ? 129 LEU A N   1 
ATOM   611  C CA  . LEU A 1 128 ? -3.113  -8.524  -8.196  1.00 15.63 ? 129 LEU A CA  1 
ATOM   612  C C   . LEU A 1 128 ? -4.503  -8.985  -7.724  1.00 15.93 ? 129 LEU A C   1 
ATOM   613  O O   . LEU A 1 128 ? -4.997  -8.531  -6.699  1.00 16.78 ? 129 LEU A O   1 
ATOM   614  C CB  . LEU A 1 128 ? -2.208  -8.175  -7.002  1.00 17.37 ? 129 LEU A CB  1 
ATOM   615  C CG  . LEU A 1 128 ? -1.275  -9.270  -6.469  1.00 24.78 ? 129 LEU A CG  1 
ATOM   616  C CD1 . LEU A 1 128 ? -0.808  -8.925  -5.049  1.00 23.40 ? 129 LEU A CD1 1 
ATOM   617  C CD2 . LEU A 1 128 ? -1.926  -10.600 -6.513  1.00 21.46 ? 129 LEU A CD2 1 
ATOM   618  N N   . LYS A 1 129 ? -5.145  -9.846  -8.522  1.00 17.78 ? 130 LYS A N   1 
ATOM   619  C CA  . LYS A 1 129 ? -6.471  -10.398 -8.210  1.00 18.45 ? 130 LYS A CA  1 
ATOM   620  C C   . LYS A 1 129 ? -6.432  -11.913 -8.319  1.00 19.94 ? 130 LYS A C   1 
ATOM   621  O O   . LYS A 1 129 ? -5.639  -12.473 -9.081  1.00 20.74 ? 130 LYS A O   1 
ATOM   622  C CB  . LYS A 1 129 ? -7.525  -9.942  -9.218  1.00 18.50 ? 130 LYS A CB  1 
ATOM   623  C CG  . LYS A 1 129 ? -7.979  -8.513  -9.099  1.00 20.67 ? 130 LYS A CG  1 
ATOM   624  C CD  . LYS A 1 129 ? -8.940  -8.184  -10.229 1.00 21.97 ? 130 LYS A CD  1 
ATOM   625  C CE  . LYS A 1 129 ? -9.405  -6.754  -10.134 1.00 27.02 ? 130 LYS A CE  1 
ATOM   626  N NZ  . LYS A 1 129 ? -10.375 -6.413  -11.206 1.00 30.98 ? 130 LYS A NZ  1 
ATOM   627  N N   . LEU A 1 130 ? -7.295  -12.572 -7.556  1.00 18.91 ? 131 LEU A N   1 
ATOM   628  C CA  . LEU A 1 130 ? -7.399  -14.030 -7.639  1.00 21.53 ? 131 LEU A CA  1 
ATOM   629  C C   . LEU A 1 130 ? -8.857  -14.378 -7.890  1.00 24.36 ? 131 LEU A C   1 
ATOM   630  O O   . LEU A 1 130 ? -9.745  -13.833 -7.245  1.00 24.75 ? 131 LEU A O   1 
ATOM   631  C CB  . LEU A 1 130 ? -6.897  -14.671 -6.350  1.00 22.27 ? 131 LEU A CB  1 
ATOM   632  C CG  . LEU A 1 130 ? -5.375  -14.594 -6.187  1.00 21.57 ? 131 LEU A CG  1 
ATOM   633  C CD1 . LEU A 1 130 ? -4.980  -15.141 -4.823  1.00 20.96 ? 131 LEU A CD1 1 
ATOM   634  C CD2 . LEU A 1 130 ? -4.702  -15.411 -7.300  1.00 23.71 ? 131 LEU A CD2 1 
ATOM   635  N N   . GLU A 1 131 ? -9.095  -15.276 -8.847  1.00 26.33 ? 132 GLU A N   1 
ATOM   636  C CA  . GLU A 1 131 ? -10.454 -15.680 -9.195  1.00 29.04 ? 132 GLU A CA  1 
ATOM   637  C C   . GLU A 1 131 ? -11.093 -16.437 -8.042  1.00 28.03 ? 132 GLU A C   1 
ATOM   638  O O   . GLU A 1 131 ? -12.301 -16.390 -7.841  1.00 29.44 ? 132 GLU A O   1 
ATOM   639  C CB  . GLU A 1 131 ? -10.444 -16.541 -10.459 1.00 28.26 ? 132 GLU A CB  1 
ATOM   640  C CG  . GLU A 1 131 ? -11.820 -16.995 -10.915 0.00 28.45 ? 132 GLU A CG  1 
ATOM   641  C CD  . GLU A 1 131 ? -11.763 -17.870 -12.154 0.00 28.32 ? 132 GLU A CD  1 
ATOM   642  O OE1 . GLU A 1 131 ? -12.835 -18.295 -12.631 0.00 28.23 ? 132 GLU A OE1 1 
ATOM   643  O OE2 . GLU A 1 131 ? -10.646 -18.132 -12.649 0.00 28.23 ? 132 GLU A OE2 1 
ATOM   644  N N   . ARG A 1 132 ? -10.271 -17.141 -7.285  1.00 27.77 ? 133 ARG A N   1 
ATOM   645  C CA  . ARG A 1 132 ? -10.757 -17.875 -6.140  1.00 28.09 ? 133 ARG A CA  1 
ATOM   646  C C   . ARG A 1 132 ? -9.733  -17.802 -5.016  1.00 27.27 ? 133 ARG A C   1 
ATOM   647  O O   . ARG A 1 132 ? -8.521  -17.743 -5.255  1.00 25.48 ? 133 ARG A O   1 
ATOM   648  C CB  . ARG A 1 132 ? -11.039 -19.336 -6.529  1.00 31.15 ? 133 ARG A CB  1 
ATOM   649  C CG  . ARG A 1 132 ? -12.127 -19.474 -7.583  0.00 32.71 ? 133 ARG A CG  1 
ATOM   650  C CD  . ARG A 1 132 ? -12.355 -20.918 -7.993  0.00 34.73 ? 133 ARG A CD  1 
ATOM   651  N NE  . ARG A 1 132 ? -13.402 -21.023 -9.006  0.00 36.33 ? 133 ARG A NE  1 
ATOM   652  C CZ  . ARG A 1 132 ? -13.785 -22.162 -9.575  0.00 37.16 ? 133 ARG A CZ  1 
ATOM   653  N NH1 . ARG A 1 132 ? -13.207 -23.305 -9.233  0.00 37.78 ? 133 ARG A NH1 1 
ATOM   654  N NH2 . ARG A 1 132 ? -14.748 -22.157 -10.487 0.00 37.78 ? 133 ARG A NH2 1 
ATOM   655  N N   . PRO A 1 133 ? -10.205 -17.777 -3.766  1.00 25.42 ? 134 PRO A N   1 
ATOM   656  C CA  . PRO A 1 133 ? -9.224  -17.714 -2.691  1.00 26.16 ? 134 PRO A CA  1 
ATOM   657  C C   . PRO A 1 133 ? -8.476  -19.036 -2.599  1.00 27.72 ? 134 PRO A C   1 
ATOM   658  O O   . PRO A 1 133 ? -9.065  -20.116 -2.701  1.00 26.36 ? 134 PRO A O   1 
ATOM   659  C CB  . PRO A 1 133 ? -10.078 -17.427 -1.458  1.00 26.75 ? 134 PRO A CB  1 
ATOM   660  C CG  . PRO A 1 133 ? -11.358 -18.084 -1.784  1.00 26.44 ? 134 PRO A CG  1 
ATOM   661  C CD  . PRO A 1 133 ? -11.579 -17.791 -3.235  1.00 24.86 ? 134 PRO A CD  1 
ATOM   662  N N   . LYS A 1 134 ? -7.168  -18.945 -2.442  1.00 24.73 ? 135 LYS A N   1 
ATOM   663  C CA  . LYS A 1 134 ? -6.336  -20.129 -2.312  1.00 26.96 ? 135 LYS A CA  1 
ATOM   664  C C   . LYS A 1 134 ? -4.965  -19.681 -1.861  1.00 26.01 ? 135 LYS A C   1 
ATOM   665  O O   . LYS A 1 134 ? -4.254  -19.012 -2.596  1.00 24.40 ? 135 LYS A O   1 
ATOM   666  C CB  . LYS A 1 134 ? -6.232  -20.855 -3.644  1.00 28.20 ? 135 LYS A CB  1 
ATOM   667  C CG  . LYS A 1 134 ? -5.598  -22.228 -3.541  1.00 31.81 ? 135 LYS A CG  1 
ATOM   668  C CD  . LYS A 1 134 ? -5.710  -22.933 -4.873  1.00 38.55 ? 135 LYS A CD  1 
ATOM   669  C CE  . LYS A 1 134 ? -5.237  -24.377 -4.787  1.00 41.43 ? 135 LYS A CE  1 
ATOM   670  N NZ  . LYS A 1 134 ? -5.472  -25.082 -6.079  1.00 43.86 ? 135 LYS A NZ  1 
ATOM   671  N N   . THR A 1 135 ? -4.618  -20.036 -0.636  1.00 25.35 ? 136 THR A N   1 
ATOM   672  C CA  . THR A 1 135 ? -3.337  -19.683 -0.046  1.00 25.98 ? 136 THR A CA  1 
ATOM   673  C C   . THR A 1 135 ? -2.145  -19.969 -0.970  1.00 24.73 ? 136 THR A C   1 
ATOM   674  O O   . THR A 1 135 ? -1.254  -19.126 -1.144  1.00 24.44 ? 136 THR A O   1 
ATOM   675  C CB  . THR A 1 135 ? -3.143  -20.436 1.280   1.00 26.12 ? 136 THR A CB  1 
ATOM   676  O OG1 . THR A 1 135 ? -4.199  -20.086 2.188   1.00 25.72 ? 136 THR A OG1 1 
ATOM   677  C CG2 . THR A 1 135 ? -1.814  -20.057 1.923   1.00 26.38 ? 136 THR A CG2 1 
ATOM   678  N N   . LYS A 1 136 ? -2.137  -21.161 -1.557  1.00 25.11 ? 137 LYS A N   1 
ATOM   679  C CA  . LYS A 1 136 ? -1.059  -21.585 -2.446  1.00 26.64 ? 137 LYS A CA  1 
ATOM   680  C C   . LYS A 1 136 ? -0.874  -20.621 -3.615  1.00 25.21 ? 137 LYS A C   1 
ATOM   681  O O   . LYS A 1 136 ? 0.248   -20.356 -4.050  1.00 24.90 ? 137 LYS A O   1 
ATOM   682  C CB  . LYS A 1 136 ? -1.352  -23.007 -2.962  1.00 30.44 ? 137 LYS A CB  1 
ATOM   683  C CG  . LYS A 1 136 ? -0.264  -23.594 -3.846  1.00 34.88 ? 137 LYS A CG  1 
ATOM   684  C CD  . LYS A 1 136 ? -0.614  -25.015 -4.316  1.00 39.75 ? 137 LYS A CD  1 
ATOM   685  C CE  . LYS A 1 136 ? 0.479   -25.585 -5.243  1.00 42.27 ? 137 LYS A CE  1 
ATOM   686  N NZ  . LYS A 1 136 ? 0.116   -26.926 -5.812  1.00 43.53 ? 137 LYS A NZ  1 
ATOM   687  N N   . SER A 1 137 ? -1.977  -20.066 -4.106  1.00 24.55 ? 138 SER A N   1 
ATOM   688  C CA  . SER A 1 137 ? -1.894  -19.145 -5.225  1.00 22.31 ? 138 SER A CA  1 
ATOM   689  C C   . SER A 1 137 ? -1.112  -17.894 -4.859  1.00 19.97 ? 138 SER A C   1 
ATOM   690  O O   . SER A 1 137 ? -0.260  -17.442 -5.638  1.00 21.70 ? 138 SER A O   1 
ATOM   691  C CB  . SER A 1 137 ? -3.287  -18.753 -5.700  1.00 24.95 ? 138 SER A CB  1 
ATOM   692  O OG  . SER A 1 137 ? -3.971  -19.890 -6.209  1.00 27.57 ? 138 SER A OG  1 
ATOM   693  N N   . LEU A 1 138 ? -1.405  -17.329 -3.688  1.00 19.21 ? 139 LEU A N   1 
ATOM   694  C CA  . LEU A 1 138 ? -0.694  -16.123 -3.276  1.00 18.89 ? 139 LEU A CA  1 
ATOM   695  C C   . LEU A 1 138 ? 0.760   -16.472 -2.955  1.00 19.77 ? 139 LEU A C   1 
ATOM   696  O O   . LEU A 1 138 ? 1.679   -15.720 -3.270  1.00 19.78 ? 139 LEU A O   1 
ATOM   697  C CB  . LEU A 1 138 ? -1.361  -15.480 -2.058  1.00 18.41 ? 139 LEU A CB  1 
ATOM   698  C CG  . LEU A 1 138 ? -0.737  -14.165 -1.594  1.00 17.92 ? 139 LEU A CG  1 
ATOM   699  C CD1 . LEU A 1 138 ? -0.604  -13.198 -2.784  1.00 19.34 ? 139 LEU A CD1 1 
ATOM   700  C CD2 . LEU A 1 138 ? -1.594  -13.540 -0.502  1.00 20.91 ? 139 LEU A CD2 1 
ATOM   701  N N   . LYS A 1 139 ? 0.968   -17.631 -2.341  1.00 21.86 ? 140 LYS A N   1 
ATOM   702  C CA  . LYS A 1 139 ? 2.324   -18.057 -2.003  1.00 22.24 ? 140 LYS A CA  1 
ATOM   703  C C   . LYS A 1 139 ? 3.160   -18.160 -3.281  1.00 19.99 ? 140 LYS A C   1 
ATOM   704  O O   . LYS A 1 139 ? 4.334   -17.765 -3.307  1.00 22.52 ? 140 LYS A O   1 
ATOM   705  C CB  . LYS A 1 139 ? 2.282   -19.415 -1.293  1.00 25.09 ? 140 LYS A CB  1 
ATOM   706  C CG  . LYS A 1 139 ? 3.611   -19.896 -0.779  1.00 31.83 ? 140 LYS A CG  1 
ATOM   707  C CD  . LYS A 1 139 ? 3.407   -21.125 0.103   1.00 35.70 ? 140 LYS A CD  1 
ATOM   708  C CE  . LYS A 1 139 ? 4.653   -21.465 0.919   1.00 39.69 ? 140 LYS A CE  1 
ATOM   709  N NZ  . LYS A 1 139 ? 4.328   -22.479 1.982   1.00 41.07 ? 140 LYS A NZ  1 
ATOM   710  N N   . GLU A 1 140 ? 2.553   -18.685 -4.340  1.00 20.88 ? 141 GLU A N   1 
ATOM   711  C CA  . GLU A 1 140 ? 3.264   -18.843 -5.604  1.00 21.35 ? 141 GLU A CA  1 
ATOM   712  C C   . GLU A 1 140 ? 3.591   -17.502 -6.230  1.00 20.47 ? 141 GLU A C   1 
ATOM   713  O O   . GLU A 1 140 ? 4.664   -17.332 -6.807  1.00 19.08 ? 141 GLU A O   1 
ATOM   714  C CB  . GLU A 1 140 ? 2.449   -19.691 -6.575  1.00 25.81 ? 141 GLU A CB  1 
ATOM   715  C CG  . GLU A 1 140 ? 2.248   -21.113 -6.084  1.00 32.97 ? 141 GLU A CG  1 
ATOM   716  C CD  . GLU A 1 140 ? 1.441   -21.943 -7.054  1.00 36.74 ? 141 GLU A CD  1 
ATOM   717  O OE1 . GLU A 1 140 ? 0.538   -21.368 -7.704  1.00 37.02 ? 141 GLU A OE1 1 
ATOM   718  O OE2 . GLU A 1 140 ? 1.701   -23.166 -7.155  1.00 40.18 ? 141 GLU A OE2 1 
ATOM   719  N N   . ILE A 1 141 ? 2.660   -16.551 -6.142  1.00 16.86 ? 142 ILE A N   1 
ATOM   720  C CA  . ILE A 1 141 ? 2.932   -15.234 -6.684  1.00 17.48 ? 142 ILE A CA  1 
ATOM   721  C C   . ILE A 1 141 ? 4.079   -14.592 -5.906  1.00 16.03 ? 142 ILE A C   1 
ATOM   722  O O   . ILE A 1 141 ? 4.984   -14.005 -6.509  1.00 16.94 ? 142 ILE A O   1 
ATOM   723  C CB  . ILE A 1 141 ? 1.677   -14.344 -6.630  1.00 18.15 ? 142 ILE A CB  1 
ATOM   724  C CG1 . ILE A 1 141 ? 0.682   -14.852 -7.667  1.00 17.71 ? 142 ILE A CG1 1 
ATOM   725  C CG2 . ILE A 1 141 ? 2.055   -12.882 -6.899  1.00 16.09 ? 142 ILE A CG2 1 
ATOM   726  C CD1 . ILE A 1 141 ? -0.750  -14.307 -7.524  1.00 17.40 ? 142 ILE A CD1 1 
ATOM   727  N N   . LEU A 1 142 ? 4.061   -14.715 -4.576  1.00 15.41 ? 143 LEU A N   1 
ATOM   728  C CA  . LEU A 1 142 ? 5.127   -14.161 -3.762  1.00 17.30 ? 143 LEU A CA  1 
ATOM   729  C C   . LEU A 1 142 ? 6.480   -14.805 -4.108  1.00 16.56 ? 143 LEU A C   1 
ATOM   730  O O   . LEU A 1 142 ? 7.510   -14.125 -4.105  1.00 16.94 ? 143 LEU A O   1 
ATOM   731  C CB  . LEU A 1 142 ? 4.791   -14.300 -2.275  1.00 19.78 ? 143 LEU A CB  1 
ATOM   732  C CG  . LEU A 1 142 ? 3.678   -13.330 -1.849  1.00 20.60 ? 143 LEU A CG  1 
ATOM   733  C CD1 . LEU A 1 142 ? 3.214   -13.643 -0.421  1.00 22.42 ? 143 LEU A CD1 1 
ATOM   734  C CD2 . LEU A 1 142 ? 4.164   -11.894 -1.954  1.00 23.24 ? 143 LEU A CD2 1 
ATOM   735  N N   . GLN A 1 143 ? 6.482   -16.097 -4.431  1.00 18.28 ? 144 GLN A N   1 
ATOM   736  C CA  . GLN A 1 143 ? 7.721   -16.747 -4.842  1.00 18.63 ? 144 GLN A CA  1 
ATOM   737  C C   . GLN A 1 143 ? 8.208   -16.127 -6.158  1.00 18.72 ? 144 GLN A C   1 
ATOM   738  O O   . GLN A 1 143 ? 9.404   -15.885 -6.332  1.00 20.25 ? 144 GLN A O   1 
ATOM   739  C CB  . GLN A 1 143 ? 7.494   -18.243 -5.048  1.00 19.08 ? 144 GLN A CB  1 
ATOM   740  C CG  . GLN A 1 143 ? 7.243   -18.969 -3.759  1.00 23.70 ? 144 GLN A CG  1 
ATOM   741  C CD  . GLN A 1 143 ? 6.747   -20.388 -3.957  1.00 23.90 ? 144 GLN A CD  1 
ATOM   742  O OE1 . GLN A 1 143 ? 6.740   -21.177 -3.014  1.00 32.16 ? 144 GLN A OE1 1 
ATOM   743  N NE2 . GLN A 1 143 ? 6.333   -20.720 -5.158  1.00 22.69 ? 144 GLN A NE2 1 
ATOM   744  N N   . ASN A 1 144 ? 7.283   -15.865 -7.080  1.00 18.31 ? 145 ASN A N   1 
ATOM   745  C CA  . ASN A 1 144 ? 7.661   -15.278 -8.371  1.00 18.56 ? 145 ASN A CA  1 
ATOM   746  C C   . ASN A 1 144 ? 8.297   -13.909 -8.200  1.00 19.42 ? 145 ASN A C   1 
ATOM   747  O O   . ASN A 1 144 ? 9.164   -13.513 -8.992  1.00 18.05 ? 145 ASN A O   1 
ATOM   748  C CB  . ASN A 1 144 ? 6.439   -15.142 -9.304  1.00 18.46 ? 145 ASN A CB  1 
ATOM   749  C CG  . ASN A 1 144 ? 5.850   -16.493 -9.706  1.00 21.33 ? 145 ASN A CG  1 
ATOM   750  O OD1 . ASN A 1 144 ? 6.522   -17.531 -9.619  1.00 23.42 ? 145 ASN A OD1 1 
ATOM   751  N ND2 . ASN A 1 144 ? 4.601   -16.487 -10.163 1.00 20.93 ? 145 ASN A ND2 1 
ATOM   752  N N   . LEU A 1 145 ? 7.844   -13.186 -7.175  1.00 17.89 ? 146 LEU A N   1 
ATOM   753  C CA  . LEU A 1 145 ? 8.338   -11.850 -6.877  1.00 17.85 ? 146 LEU A CA  1 
ATOM   754  C C   . LEU A 1 145 ? 9.558   -11.865 -5.961  1.00 18.68 ? 146 LEU A C   1 
ATOM   755  O O   . LEU A 1 145 ? 10.056  -10.810 -5.557  1.00 19.51 ? 146 LEU A O   1 
ATOM   756  C CB  . LEU A 1 145 ? 7.218   -11.012 -6.237  1.00 17.64 ? 146 LEU A CB  1 
ATOM   757  C CG  . LEU A 1 145 ? 5.947   -10.836 -7.082  1.00 17.76 ? 146 LEU A CG  1 
ATOM   758  C CD1 . LEU A 1 145 ? 4.923   -10.072 -6.253  1.00 18.30 ? 146 LEU A CD1 1 
ATOM   759  C CD2 . LEU A 1 145 ? 6.254   -10.054 -8.391  1.00 16.11 ? 146 LEU A CD2 1 
ATOM   760  N N   . GLN A 1 146 ? 10.046  -13.072 -5.663  1.00 20.56 ? 147 GLN A N   1 
ATOM   761  C CA  . GLN A 1 146 ? 11.192  -13.257 -4.781  1.00 21.95 ? 147 GLN A CA  1 
ATOM   762  C C   . GLN A 1 146 ? 10.954  -12.694 -3.372  1.00 21.85 ? 147 GLN A C   1 
ATOM   763  O O   . GLN A 1 146 ? 11.859  -12.126 -2.752  1.00 23.08 ? 147 GLN A O   1 
ATOM   764  C CB  . GLN A 1 146 ? 12.437  -12.622 -5.399  1.00 25.01 ? 147 GLN A CB  1 
ATOM   765  C CG  . GLN A 1 146 ? 12.945  -13.377 -6.625  1.00 33.64 ? 147 GLN A CG  1 
ATOM   766  C CD  . GLN A 1 146 ? 14.248  -12.804 -7.149  1.00 38.33 ? 147 GLN A CD  1 
ATOM   767  O OE1 . GLN A 1 146 ? 14.289  -11.677 -7.636  1.00 41.62 ? 147 GLN A OE1 1 
ATOM   768  N NE2 . GLN A 1 146 ? 15.317  -13.577 -7.044  1.00 41.74 ? 147 GLN A NE2 1 
ATOM   769  N N   . LEU A 1 147 ? 9.729   -12.863 -2.883  1.00 19.53 ? 148 LEU A N   1 
ATOM   770  C CA  . LEU A 1 147 ? 9.339   -12.411 -1.559  1.00 18.66 ? 148 LEU A CA  1 
ATOM   771  C C   . LEU A 1 147 ? 8.891   -13.570 -0.679  1.00 20.05 ? 148 LEU A C   1 
ATOM   772  O O   . LEU A 1 147 ? 8.345   -13.339 0.380   1.00 20.72 ? 148 LEU A O   1 
ATOM   773  C CB  . LEU A 1 147 ? 8.170   -11.416 -1.661  1.00 20.20 ? 148 LEU A CB  1 
ATOM   774  C CG  . LEU A 1 147 ? 8.454   -10.133 -2.441  1.00 18.97 ? 148 LEU A CG  1 
ATOM   775  C CD1 . LEU A 1 147 ? 7.185   -9.294  -2.466  1.00 17.81 ? 148 LEU A CD1 1 
ATOM   776  C CD2 . LEU A 1 147 ? 9.578   -9.358  -1.793  1.00 21.94 ? 148 LEU A CD2 1 
ATOM   777  N N   . SER A 1 148 ? 9.126   -14.815 -1.093  1.00 23.34 ? 149 SER A N   1 
ATOM   778  C CA  . SER A 1 148 ? 8.634   -15.946 -0.294  1.00 23.99 ? 149 SER A CA  1 
ATOM   779  C C   . SER A 1 148 ? 9.118   -15.948 1.157   1.00 24.29 ? 149 SER A C   1 
ATOM   780  O O   . SER A 1 148 ? 8.377   -16.339 2.067   1.00 25.65 ? 149 SER A O   1 
ATOM   781  C CB  . SER A 1 148 ? 8.991   -17.285 -0.965  1.00 25.44 ? 149 SER A CB  1 
ATOM   782  O OG  . SER A 1 148 ? 10.375  -17.530 -0.880  1.00 28.60 ? 149 SER A OG  1 
ATOM   783  N N   . ASP A 1 149 ? 10.342  -15.494 1.377   1.00 24.28 ? 150 ASP A N   1 
ATOM   784  C CA  . ASP A 1 149 ? 10.911  -15.481 2.721   1.00 26.41 ? 150 ASP A CA  1 
ATOM   785  C C   . ASP A 1 149 ? 10.953  -14.091 3.330   1.00 24.76 ? 150 ASP A C   1 
ATOM   786  O O   . ASP A 1 149 ? 11.696  -13.841 4.293   1.00 25.38 ? 150 ASP A O   1 
ATOM   787  C CB  . ASP A 1 149 ? 12.328  -16.075 2.674   1.00 28.99 ? 150 ASP A CB  1 
ATOM   788  C CG  . ASP A 1 149 ? 13.278  -15.269 1.809   1.00 32.33 ? 150 ASP A CG  1 
ATOM   789  O OD1 . ASP A 1 149 ? 12.823  -14.602 0.850   1.00 32.57 ? 150 ASP A OD1 1 
ATOM   790  O OD2 . ASP A 1 149 ? 14.494  -15.320 2.078   1.00 33.85 ? 150 ASP A OD2 1 
ATOM   791  N N   . LYS A 1 150 ? 10.135  -13.194 2.792   1.00 22.29 ? 151 LYS A N   1 
ATOM   792  C CA  . LYS A 1 150 ? 10.131  -11.811 3.266   1.00 24.24 ? 151 LYS A CA  1 
ATOM   793  C C   . LYS A 1 150 ? 8.829   -11.385 3.935   1.00 23.51 ? 151 LYS A C   1 
ATOM   794  O O   . LYS A 1 150 ? 7.773   -11.908 3.610   1.00 26.01 ? 151 LYS A O   1 
ATOM   795  C CB  . LYS A 1 150 ? 10.400  -10.888 2.080   1.00 24.19 ? 151 LYS A CB  1 
ATOM   796  C CG  . LYS A 1 150 ? 11.634  -11.257 1.254   1.00 28.17 ? 151 LYS A CG  1 
ATOM   797  C CD  . LYS A 1 150 ? 12.898  -11.183 2.117   1.00 29.70 ? 151 LYS A CD  1 
ATOM   798  C CE  . LYS A 1 150 ? 14.131  -11.552 1.302   1.00 35.21 ? 151 LYS A CE  1 
ATOM   799  N NZ  . LYS A 1 150 ? 14.249  -10.707 0.090   1.00 37.60 ? 151 LYS A NZ  1 
ATOM   800  N N   . LYS A 1 151 ? 8.909   -10.446 4.877   1.00 20.79 ? 152 LYS A N   1 
ATOM   801  C CA  . LYS A 1 151 ? 7.701   -9.923  5.537   1.00 19.64 ? 152 LYS A CA  1 
ATOM   802  C C   . LYS A 1 151 ? 7.163   -8.921  4.514   1.00 18.62 ? 152 LYS A C   1 
ATOM   803  O O   . LYS A 1 151 ? 7.849   -7.976  4.143   1.00 18.21 ? 152 LYS A O   1 
ATOM   804  C CB  . LYS A 1 151 ? 8.058   -9.185  6.829   1.00 23.36 ? 152 LYS A CB  1 
ATOM   805  C CG  . LYS A 1 151 ? 8.487   -10.106 7.938   1.00 31.02 ? 152 LYS A CG  1 
ATOM   806  C CD  . LYS A 1 151 ? 8.705   -9.338  9.225   1.00 37.77 ? 152 LYS A CD  1 
ATOM   807  C CE  . LYS A 1 151 ? 9.070   -10.281 10.354  1.00 40.93 ? 152 LYS A CE  1 
ATOM   808  N NZ  . LYS A 1 151 ? 10.292  -11.078 10.029  1.00 45.32 ? 152 LYS A NZ  1 
ATOM   809  N N   . THR A 1 152 ? 5.933   -9.130  4.071   1.00 15.92 ? 153 THR A N   1 
ATOM   810  C CA  . THR A 1 152 ? 5.368   -8.287  3.022   1.00 16.17 ? 153 THR A CA  1 
ATOM   811  C C   . THR A 1 152 ? 3.993   -7.736  3.340   1.00 14.64 ? 153 THR A C   1 
ATOM   812  O O   . THR A 1 152 ? 3.128   -8.475  3.799   1.00 17.10 ? 153 THR A O   1 
ATOM   813  C CB  . THR A 1 152 ? 5.258   -9.136  1.721   1.00 17.24 ? 153 THR A CB  1 
ATOM   814  O OG1 . THR A 1 152 ? 6.554   -9.646  1.393   1.00 18.55 ? 153 THR A OG1 1 
ATOM   815  C CG2 . THR A 1 152 ? 4.708   -8.317  0.529   1.00 14.72 ? 153 THR A CG2 1 
ATOM   816  N N   . LEU A 1 153 ? 3.793   -6.446  3.055   1.00 13.92 ? 154 LEU A N   1 
ATOM   817  C CA  . LEU A 1 153 ? 2.490   -5.809  3.222   1.00 13.71 ? 154 LEU A CA  1 
ATOM   818  C C   . LEU A 1 153 ? 1.969   -5.575  1.803   1.00 12.64 ? 154 LEU A C   1 
ATOM   819  O O   . LEU A 1 153 ? 2.660   -4.965  0.983   1.00 13.79 ? 154 LEU A O   1 
ATOM   820  C CB  . LEU A 1 153 ? 2.615   -4.456  3.920   1.00 14.14 ? 154 LEU A CB  1 
ATOM   821  C CG  . LEU A 1 153 ? 1.306   -3.683  4.016   1.00 15.70 ? 154 LEU A CG  1 
ATOM   822  C CD1 . LEU A 1 153 ? 0.307   -4.435  4.917   1.00 17.70 ? 154 LEU A CD1 1 
ATOM   823  C CD2 . LEU A 1 153 ? 1.626   -2.292  4.560   1.00 16.37 ? 154 LEU A CD2 1 
ATOM   824  N N   . ILE A 1 154 ? 0.781   -6.086  1.514   1.00 12.16 ? 155 ILE A N   1 
ATOM   825  C CA  . ILE A 1 154 ? 0.190   -5.935  0.171   1.00 12.50 ? 155 ILE A CA  1 
ATOM   826  C C   . ILE A 1 154 ? -0.993  -4.992  0.356   1.00 13.29 ? 155 ILE A C   1 
ATOM   827  O O   . ILE A 1 154 ? -1.846  -5.249  1.202   1.00 14.98 ? 155 ILE A O   1 
ATOM   828  C CB  . ILE A 1 154 ? -0.338  -7.293  -0.325  1.00 12.56 ? 155 ILE A CB  1 
ATOM   829  C CG1 . ILE A 1 154 ? 0.820   -8.299  -0.406  1.00 12.67 ? 155 ILE A CG1 1 
ATOM   830  C CG2 . ILE A 1 154 ? -1.012  -7.133  -1.690  1.00 13.30 ? 155 ILE A CG2 1 
ATOM   831  C CD1 . ILE A 1 154 ? 0.372   -9.700  -0.890  1.00 14.70 ? 155 ILE A CD1 1 
ATOM   832  N N   . VAL A 1 155 ? -1.070  -3.912  -0.417  1.00 13.93 ? 156 VAL A N   1 
ATOM   833  C CA  . VAL A 1 155 ? -2.172  -2.969  -0.246  1.00 13.89 ? 156 VAL A CA  1 
ATOM   834  C C   . VAL A 1 155 ? -2.935  -2.899  -1.558  1.00 11.82 ? 156 VAL A C   1 
ATOM   835  O O   . VAL A 1 155 ? -2.376  -2.496  -2.577  1.00 11.98 ? 156 VAL A O   1 
ATOM   836  C CB  . VAL A 1 155 ? -1.649  -1.560  0.135   1.00 13.12 ? 156 VAL A CB  1 
ATOM   837  C CG1 . VAL A 1 155 ? -2.817  -0.620  0.414   1.00 13.42 ? 156 VAL A CG1 1 
ATOM   838  C CG2 . VAL A 1 155 ? -0.780  -1.661  1.397   1.00 14.17 ? 156 VAL A CG2 1 
ATOM   839  N N   . LEU A 1 156 ? -4.212  -3.289  -1.497  1.00 12.15 ? 157 LEU A N   1 
ATOM   840  C CA  . LEU A 1 156 ? -5.108  -3.361  -2.657  1.00 12.43 ? 157 LEU A CA  1 
ATOM   841  C C   . LEU A 1 156 ? -6.115  -2.215  -2.613  1.00 11.92 ? 157 LEU A C   1 
ATOM   842  O O   . LEU A 1 156 ? -6.610  -1.835  -1.547  1.00 13.63 ? 157 LEU A O   1 
ATOM   843  C CB  . LEU A 1 156 ? -5.792  -4.714  -2.644  1.00 14.32 ? 157 LEU A CB  1 
ATOM   844  C CG  . LEU A 1 156 ? -4.769  -5.857  -2.625  1.00 14.83 ? 157 LEU A CG  1 
ATOM   845  C CD1 . LEU A 1 156 ? -5.523  -7.186  -2.423  1.00 15.20 ? 157 LEU A CD1 1 
ATOM   846  C CD2 . LEU A 1 156 ? -3.924  -5.872  -3.936  1.00 15.99 ? 157 LEU A CD2 1 
ATOM   847  N N   . PRO A 1 157 ? -6.497  -1.710  -3.785  1.00 14.48 ? 158 PRO A N   1 
ATOM   848  C CA  . PRO A 1 157 ? -7.414  -0.575  -3.857  1.00 15.04 ? 158 PRO A CA  1 
ATOM   849  C C   . PRO A 1 157 ? -8.898  -0.626  -3.602  1.00 16.10 ? 158 PRO A C   1 
ATOM   850  O O   . PRO A 1 157 ? -9.454  0.346   -3.093  1.00 15.26 ? 158 PRO A O   1 
ATOM   851  C CB  . PRO A 1 157 ? -7.124  -0.023  -5.246  1.00 13.79 ? 158 PRO A CB  1 
ATOM   852  C CG  . PRO A 1 157 ? -6.963  -1.280  -6.076  1.00 13.52 ? 158 PRO A CG  1 
ATOM   853  C CD  . PRO A 1 157 ? -6.124  -2.191  -5.134  1.00 13.89 ? 158 PRO A CD  1 
ATOM   854  N N   . TRP A 1 158 ? -9.538  -1.737  -3.930  1.00 14.85 ? 159 TRP A N   1 
ATOM   855  C CA  . TRP A 1 158 ? -10.993 -1.756  -3.850  1.00 18.33 ? 159 TRP A CA  1 
ATOM   856  C C   . TRP A 1 158 ? -11.576 -2.976  -3.210  1.00 20.27 ? 159 TRP A C   1 
ATOM   857  O O   . TRP A 1 158 ? -10.998 -4.052  -3.252  1.00 16.84 ? 159 TRP A O   1 
ATOM   858  C CB  . TRP A 1 158 ? -11.595 -1.640  -5.267  1.00 16.93 ? 159 TRP A CB  1 
ATOM   859  C CG  . TRP A 1 158 ? -10.984 -0.607  -6.137  1.00 16.42 ? 159 TRP A CG  1 
ATOM   860  C CD1 . TRP A 1 158 ? -10.241 -0.812  -7.259  1.00 16.13 ? 159 TRP A CD1 1 
ATOM   861  C CD2 . TRP A 1 158 ? -11.016 0.808   -5.932  1.00 17.69 ? 159 TRP A CD2 1 
ATOM   862  N NE1 . TRP A 1 158 ? -9.803  0.384   -7.764  1.00 17.65 ? 159 TRP A NE1 1 
ATOM   863  C CE2 . TRP A 1 158 ? -10.262 1.395   -6.969  1.00 16.49 ? 159 TRP A CE2 1 
ATOM   864  C CE3 . TRP A 1 158 ? -11.603 1.634   -4.969  1.00 16.29 ? 159 TRP A CE3 1 
ATOM   865  C CZ2 . TRP A 1 158 ? -10.078 2.778   -7.073  1.00 17.98 ? 159 TRP A CZ2 1 
ATOM   866  C CZ3 . TRP A 1 158 ? -11.420 3.011   -5.072  1.00 18.54 ? 159 TRP A CZ3 1 
ATOM   867  C CH2 . TRP A 1 158 ? -10.666 3.561   -6.114  1.00 18.86 ? 159 TRP A CH2 1 
ATOM   868  N N   . LYS A 1 159 ? -12.749 -2.785  -2.618  1.00 20.84 ? 160 LYS A N   1 
ATOM   869  C CA  . LYS A 1 159 ? -13.454 -3.884  -2.003  1.00 22.76 ? 160 LYS A CA  1 
ATOM   870  C C   . LYS A 1 159 ? -14.238 -4.566  -3.120  1.00 23.84 ? 160 LYS A C   1 
ATOM   871  O O   . LYS A 1 159 ? -15.383 -4.193  -3.433  1.00 26.84 ? 160 LYS A O   1 
ATOM   872  C CB  . LYS A 1 159 ? -14.403 -3.386  -0.909  0.00 23.22 ? 160 LYS A CB  1 
ATOM   873  C CG  . LYS A 1 159 ? -14.991 -4.510  -0.067  0.00 23.94 ? 160 LYS A CG  1 
ATOM   874  C CD  . LYS A 1 159 ? -15.820 -3.980  1.090   0.00 24.53 ? 160 LYS A CD  1 
ATOM   875  C CE  . LYS A 1 159 ? -16.347 -5.121  1.947   0.00 25.15 ? 160 LYS A CE  1 
ATOM   876  N NZ  . LYS A 1 159 ? -17.179 -4.636  3.082   0.00 25.50 ? 160 LYS A NZ  1 
ATOM   877  N N   . GLU A 1 160 ? -13.589 -5.520  -3.775  1.00 20.90 ? 161 GLU A N   1 
ATOM   878  C CA  . GLU A 1 160 ? -14.232 -6.291  -4.822  1.00 22.06 ? 161 GLU A CA  1 
ATOM   879  C C   . GLU A 1 160 ? -13.723 -7.704  -4.657  1.00 22.51 ? 161 GLU A C   1 
ATOM   880  O O   . GLU A 1 160 ? -12.688 -7.941  -4.025  1.00 20.76 ? 161 GLU A O   1 
ATOM   881  C CB  . GLU A 1 160 ? -13.913 -5.740  -6.220  1.00 23.23 ? 161 GLU A CB  1 
ATOM   882  C CG  . GLU A 1 160 ? -12.455 -5.622  -6.560  1.00 21.07 ? 161 GLU A CG  1 
ATOM   883  C CD  . GLU A 1 160 ? -12.237 -5.053  -7.950  1.00 24.90 ? 161 GLU A CD  1 
ATOM   884  O OE1 . GLU A 1 160 ? -11.933 -3.853  -8.058  1.00 24.00 ? 161 GLU A OE1 1 
ATOM   885  O OE2 . GLU A 1 160 ? -12.373 -5.799  -8.940  1.00 25.74 ? 161 GLU A OE2 1 
ATOM   886  N N   . GLU A 1 161 ? -14.465 -8.644  -5.220  1.00 23.06 ? 162 GLU A N   1 
ATOM   887  C CA  . GLU A 1 161 ? -14.145 -10.050 -5.111  1.00 24.47 ? 162 GLU A CA  1 
ATOM   888  C C   . GLU A 1 161 ? -12.687 -10.441 -5.363  1.00 21.16 ? 162 GLU A C   1 
ATOM   889  O O   . GLU A 1 161 ? -12.103 -11.164 -4.559  1.00 21.47 ? 162 GLU A O   1 
ATOM   890  C CB  . GLU A 1 161 ? -15.070 -10.826 -6.054  1.00 28.63 ? 162 GLU A CB  1 
ATOM   891  C CG  . GLU A 1 161 ? -14.800 -12.313 -6.134  1.00 35.43 ? 162 GLU A CG  1 
ATOM   892  C CD  . GLU A 1 161 ? -15.298 -13.064 -4.920  1.00 42.27 ? 162 GLU A CD  1 
ATOM   893  O OE1 . GLU A 1 161 ? -15.279 -14.322 -4.946  1.00 47.56 ? 162 GLU A OE1 1 
ATOM   894  O OE2 . GLU A 1 161 ? -15.710 -12.399 -3.941  1.00 44.96 ? 162 GLU A OE2 1 
ATOM   895  N N   . GLY A 1 162 ? -12.102 -9.956  -6.457  1.00 21.06 ? 163 GLY A N   1 
ATOM   896  C CA  . GLY A 1 162 ? -10.732 -10.328 -6.795  1.00 20.20 ? 163 GLY A CA  1 
ATOM   897  C C   . GLY A 1 162 ? -9.690  -9.951  -5.751  1.00 20.26 ? 163 GLY A C   1 
ATOM   898  O O   . GLY A 1 162 ? -8.692  -10.657 -5.553  1.00 20.06 ? 163 GLY A O   1 
ATOM   899  N N   . TYR A 1 163 ? -9.907  -8.824  -5.088  1.00 19.46 ? 164 TYR A N   1 
ATOM   900  C CA  . TYR A 1 163 ? -8.975  -8.387  -4.061  1.00 18.22 ? 164 TYR A CA  1 
ATOM   901  C C   . TYR A 1 163 ? -9.299  -9.041  -2.735  1.00 18.44 ? 164 TYR A C   1 
ATOM   902  O O   . TYR A 1 163 ? -8.407  -9.361  -1.950  1.00 17.94 ? 164 TYR A O   1 
ATOM   903  C CB  . TYR A 1 163 ? -9.015  -6.864  -3.950  1.00 18.28 ? 164 TYR A CB  1 
ATOM   904  C CG  . TYR A 1 163 ? -8.519  -6.191  -5.208  1.00 16.53 ? 164 TYR A CG  1 
ATOM   905  C CD1 . TYR A 1 163 ? -9.227  -5.128  -5.775  1.00 18.52 ? 164 TYR A CD1 1 
ATOM   906  C CD2 . TYR A 1 163 ? -7.347  -6.615  -5.841  1.00 15.69 ? 164 TYR A CD2 1 
ATOM   907  C CE1 . TYR A 1 163 ? -8.792  -4.503  -6.940  1.00 17.23 ? 164 TYR A CE1 1 
ATOM   908  C CE2 . TYR A 1 163 ? -6.899  -5.994  -7.013  1.00 15.41 ? 164 TYR A CE2 1 
ATOM   909  C CZ  . TYR A 1 163 ? -7.633  -4.939  -7.558  1.00 17.82 ? 164 TYR A CZ  1 
ATOM   910  O OH  . TYR A 1 163 ? -7.236  -4.369  -8.745  1.00 19.02 ? 164 TYR A OH  1 
ATOM   911  N N   . MET A 1 164 ? -10.587 -9.222  -2.463  1.00 18.80 ? 165 MET A N   1 
ATOM   912  C CA  . MET A 1 164 ? -10.971 -9.902  -1.239  1.00 19.05 ? 165 MET A CA  1 
ATOM   913  C C   . MET A 1 164 ? -10.331 -11.300 -1.253  1.00 17.30 ? 165 MET A C   1 
ATOM   914  O O   . MET A 1 164 ? -9.897  -11.787 -0.207  1.00 18.21 ? 165 MET A O   1 
ATOM   915  C CB  . MET A 1 164 ? -12.501 -10.033 -1.157  1.00 21.85 ? 165 MET A CB  1 
ATOM   916  C CG  . MET A 1 164 ? -13.018 -10.593 0.160   0.00 20.97 ? 165 MET A CG  1 
ATOM   917  S SD  . MET A 1 164 ? -12.673 -9.512  1.564   0.00 21.30 ? 165 MET A SD  1 
ATOM   918  C CE  . MET A 1 164 ? -11.175 -10.250 2.206   0.00 21.27 ? 165 MET A CE  1 
ATOM   919  N N   . ASN A 1 165 ? -10.266 -11.930 -2.428  1.00 16.14 ? 166 ASN A N   1 
ATOM   920  C CA  . ASN A 1 165 ? -9.682  -13.278 -2.529  1.00 17.31 ? 166 ASN A CA  1 
ATOM   921  C C   . ASN A 1 165 ? -8.197  -13.273 -2.218  1.00 18.08 ? 166 ASN A C   1 
ATOM   922  O O   . ASN A 1 165 ? -7.667  -14.232 -1.697  1.00 16.94 ? 166 ASN A O   1 
ATOM   923  C CB  . ASN A 1 165 ? -9.947  -13.898 -3.910  1.00 16.65 ? 166 ASN A CB  1 
ATOM   924  C CG  . ASN A 1 165 ? -11.399 -14.340 -4.077  1.00 18.74 ? 166 ASN A CG  1 
ATOM   925  O OD1 . ASN A 1 165 ? -12.066 -14.635 -3.087  1.00 23.32 ? 166 ASN A OD1 1 
ATOM   926  N ND2 . ASN A 1 165 ? -11.882 -14.409 -5.314  1.00 22.60 ? 166 ASN A ND2 1 
ATOM   927  N N   . VAL A 1 166 ? -7.507  -12.201 -2.586  1.00 18.83 ? 167 VAL A N   1 
ATOM   928  C CA  . VAL A 1 166 ? -6.093  -12.117 -2.257  1.00 17.63 ? 167 VAL A CA  1 
ATOM   929  C C   . VAL A 1 166 ? -5.970  -11.980 -0.735  1.00 19.32 ? 167 VAL A C   1 
ATOM   930  O O   . VAL A 1 166 ? -5.138  -12.641 -0.107  1.00 17.13 ? 167 VAL A O   1 
ATOM   931  C CB  . VAL A 1 166 ? -5.427  -10.909 -2.981  1.00 16.36 ? 167 VAL A CB  1 
ATOM   932  C CG1 . VAL A 1 166 ? -4.000  -10.721 -2.491  1.00 16.38 ? 167 VAL A CG1 1 
ATOM   933  C CG2 . VAL A 1 166 ? -5.450  -11.153 -4.475  1.00 15.72 ? 167 VAL A CG2 1 
ATOM   934  N N   . LYS A 1 167 ? -6.803  -11.134 -0.124  1.00 16.19 ? 168 LYS A N   1 
ATOM   935  C CA  . LYS A 1 167 ? -6.736  -10.985 1.320   1.00 19.36 ? 168 LYS A CA  1 
ATOM   936  C C   . LYS A 1 167 ? -7.015  -12.328 2.020   1.00 20.05 ? 168 LYS A C   1 
ATOM   937  O O   . LYS A 1 167 ? -6.304  -12.710 2.947   1.00 20.28 ? 168 LYS A O   1 
ATOM   938  C CB  . LYS A 1 167 ? -7.712  -9.904  1.813   1.00 20.16 ? 168 LYS A CB  1 
ATOM   939  C CG  . LYS A 1 167 ? -7.646  -9.715  3.322   1.00 21.47 ? 168 LYS A CG  1 
ATOM   940  C CD  . LYS A 1 167 ? -8.406  -8.467  3.746   1.00 25.36 ? 168 LYS A CD  1 
ATOM   941  C CE  . LYS A 1 167 ? -8.429  -8.341  5.261   1.00 24.99 ? 168 LYS A CE  1 
ATOM   942  N NZ  . LYS A 1 167 ? -9.270  -7.204  5.709   1.00 31.03 ? 168 LYS A NZ  1 
ATOM   943  N N   . LEU A 1 168 ? -8.044  -13.048 1.578   1.00 20.85 ? 169 LEU A N   1 
ATOM   944  C CA  . LEU A 1 168 ? -8.333  -14.351 2.187   1.00 20.88 ? 169 LEU A CA  1 
ATOM   945  C C   . LEU A 1 168 ? -7.152  -15.317 1.997   1.00 21.47 ? 169 LEU A C   1 
ATOM   946  O O   . LEU A 1 168 ? -6.814  -16.088 2.897   1.00 22.48 ? 169 LEU A O   1 
ATOM   947  C CB  . LEU A 1 168 ? -9.607  -14.960 1.576   1.00 20.40 ? 169 LEU A CB  1 
ATOM   948  C CG  . LEU A 1 168 ? -10.893 -14.198 1.921   1.00 21.08 ? 169 LEU A CG  1 
ATOM   949  C CD1 . LEU A 1 168 ? -12.025 -14.731 1.065   1.00 21.33 ? 169 LEU A CD1 1 
ATOM   950  C CD2 . LEU A 1 168 ? -11.220 -14.333 3.417   1.00 25.62 ? 169 LEU A CD2 1 
ATOM   951  N N   . SER A 1 169 ? -6.503  -15.255 0.838   1.00 18.28 ? 170 SER A N   1 
ATOM   952  C CA  . SER A 1 169 ? -5.378  -16.146 0.562   1.00 19.53 ? 170 SER A CA  1 
ATOM   953  C C   . SER A 1 169 ? -4.135  -15.824 1.397   1.00 21.41 ? 170 SER A C   1 
ATOM   954  O O   . SER A 1 169 ? -3.214  -16.640 1.500   1.00 23.17 ? 170 SER A O   1 
ATOM   955  C CB  . SER A 1 169 ? -5.006  -16.097 -0.920  1.00 19.45 ? 170 SER A CB  1 
ATOM   956  O OG  . SER A 1 169 ? -6.118  -16.348 -1.764  1.00 19.75 ? 170 SER A OG  1 
ATOM   957  N N   . GLY A 1 170 ? -4.097  -14.639 1.989   1.00 21.10 ? 171 GLY A N   1 
ATOM   958  C CA  . GLY A 1 170 ? -2.944  -14.256 2.794   1.00 21.15 ? 171 GLY A CA  1 
ATOM   959  C C   . GLY A 1 170 ? -3.144  -14.565 4.261   1.00 22.91 ? 171 GLY A C   1 
ATOM   960  O O   . GLY A 1 170 ? -2.215  -14.495 5.059   1.00 24.73 ? 171 GLY A O   1 
ATOM   961  N N   . ARG A 1 171 ? -4.373  -14.901 4.625   1.00 25.60 ? 172 ARG A N   1 
ATOM   962  C CA  . ARG A 1 171 ? -4.674  -15.202 6.017   1.00 28.43 ? 172 ARG A CA  1 
ATOM   963  C C   . ARG A 1 171 ? -3.740  -16.202 6.655   1.00 28.84 ? 172 ARG A C   1 
ATOM   964  O O   . ARG A 1 171 ? -3.271  -15.999 7.775   1.00 31.60 ? 172 ARG A O   1 
ATOM   965  C CB  . ARG A 1 171 ? -6.085  -15.750 6.154   1.00 31.78 ? 172 ARG A CB  1 
ATOM   966  C CG  . ARG A 1 171 ? -7.110  -14.711 6.366   1.00 36.76 ? 172 ARG A CG  1 
ATOM   967  C CD  . ARG A 1 171 ? -8.310  -15.363 6.998   1.00 39.24 ? 172 ARG A CD  1 
ATOM   968  N NE  . ARG A 1 171 ? -9.411  -14.428 7.090   1.00 41.64 ? 172 ARG A NE  1 
ATOM   969  C CZ  . ARG A 1 171 ? -10.633 -14.770 7.453   1.00 41.19 ? 172 ARG A CZ  1 
ATOM   970  N NH1 . ARG A 1 171 ? -11.574 -13.849 7.501   1.00 44.26 ? 172 ARG A NH1 1 
ATOM   971  N NH2 . ARG A 1 171 ? -10.901 -16.033 7.767   1.00 41.28 ? 172 ARG A NH2 1 
ATOM   972  N N   . ASN A 1 172 ? -3.492  -17.300 5.953   1.00 29.64 ? 173 ASN A N   1 
ATOM   973  C CA  . ASN A 1 172 ? -2.649  -18.351 6.493   1.00 31.88 ? 173 ASN A CA  1 
ATOM   974  C C   . ASN A 1 172 ? -1.162  -18.247 6.173   1.00 31.77 ? 173 ASN A C   1 
ATOM   975  O O   . ASN A 1 172 ? -0.414  -19.207 6.349   1.00 30.05 ? 173 ASN A O   1 
ATOM   976  C CB  . ASN A 1 172 ? -3.188  -19.715 6.063   1.00 34.70 ? 173 ASN A CB  1 
ATOM   977  C CG  . ASN A 1 172 ? -4.617  -19.952 6.539   1.00 38.30 ? 173 ASN A CG  1 
ATOM   978  O OD1 . ASN A 1 172 ? -5.006  -19.501 7.616   1.00 40.49 ? 173 ASN A OD1 1 
ATOM   979  N ND2 . ASN A 1 172 ? -5.400  -20.669 5.739   1.00 42.00 ? 173 ASN A ND2 1 
ATOM   980  N N   . LEU A 1 173 ? -0.735  -17.082 5.699   1.00 30.25 ? 174 LEU A N   1 
ATOM   981  C CA  . LEU A 1 173 ? 0.674   -16.864 5.395   1.00 29.34 ? 174 LEU A CA  1 
ATOM   982  C C   . LEU A 1 173 ? 1.188   -15.921 6.468   1.00 29.58 ? 174 LEU A C   1 
ATOM   983  O O   . LEU A 1 173 ? 0.858   -14.748 6.478   1.00 30.01 ? 174 LEU A O   1 
ATOM   984  C CB  . LEU A 1 173 ? 0.834   -16.225 4.013   1.00 26.52 ? 174 LEU A CB  1 
ATOM   985  C CG  . LEU A 1 173 ? 0.389   -17.067 2.821   1.00 26.77 ? 174 LEU A CG  1 
ATOM   986  C CD1 . LEU A 1 173 ? 0.607   -16.262 1.534   1.00 30.38 ? 174 LEU A CD1 1 
ATOM   987  C CD2 . LEU A 1 173 ? 1.175   -18.370 2.787   1.00 27.79 ? 174 LEU A CD2 1 
ATOM   988  N N   . PRO A 1 174 ? 1.991   -16.427 7.408   1.00 30.13 ? 175 PRO A N   1 
ATOM   989  C CA  . PRO A 1 174 ? 2.488   -15.525 8.452   1.00 30.92 ? 175 PRO A CA  1 
ATOM   990  C C   . PRO A 1 174 ? 3.460   -14.542 7.797   1.00 30.80 ? 175 PRO A C   1 
ATOM   991  O O   . PRO A 1 174 ? 4.008   -14.846 6.780   1.00 34.46 ? 175 PRO A O   1 
ATOM   992  C CB  . PRO A 1 174 ? 3.175   -16.490 9.427   1.00 32.28 ? 175 PRO A CB  1 
ATOM   993  C CG  . PRO A 1 174 ? 3.748   -17.528 8.498   1.00 31.22 ? 175 PRO A CG  1 
ATOM   994  C CD  . PRO A 1 174 ? 2.650   -17.747 7.469   1.00 32.68 ? 175 PRO A CD  1 
ATOM   995  N N   . ASP A 1 175 ? 3.675   -13.363 8.332   1.00 30.55 ? 176 ASP A N   1 
ATOM   996  C CA  . ASP A 1 175 ? 4.626   -12.476 7.655   1.00 28.32 ? 176 ASP A CA  1 
ATOM   997  C C   . ASP A 1 175 ? 4.055   -11.793 6.407   1.00 24.09 ? 176 ASP A C   1 
ATOM   998  O O   . ASP A 1 175 ? 4.772   -11.054 5.751   1.00 23.88 ? 176 ASP A O   1 
ATOM   999  C CB  . ASP A 1 175 ? 5.888   -13.221 7.215   1.00 32.37 ? 176 ASP A CB  1 
ATOM   1000 C CG  . ASP A 1 175 ? 6.691   -13.769 8.367   1.00 35.54 ? 176 ASP A CG  1 
ATOM   1001 O OD1 . ASP A 1 175 ? 7.540   -14.643 8.082   1.00 38.04 ? 176 ASP A OD1 1 
ATOM   1002 O OD2 . ASP A 1 175 ? 6.498   -13.333 9.527   1.00 35.95 ? 176 ASP A OD2 1 
ATOM   1003 N N   . VAL A 1 176 ? 2.824   -12.105 6.026   1.00 20.32 ? 177 VAL A N   1 
ATOM   1004 C CA  . VAL A 1 176 ? 2.196   -11.393 4.906   1.00 18.85 ? 177 VAL A CA  1 
ATOM   1005 C C   . VAL A 1 176 ? 0.915   -10.765 5.463   1.00 18.93 ? 177 VAL A C   1 
ATOM   1006 O O   . VAL A 1 176 ? 0.149   -11.437 6.161   1.00 21.06 ? 177 VAL A O   1 
ATOM   1007 C CB  . VAL A 1 176 ? 1.808   -12.332 3.747   1.00 18.95 ? 177 VAL A CB  1 
ATOM   1008 C CG1 . VAL A 1 176 ? 0.957   -11.569 2.726   1.00 21.43 ? 177 VAL A CG1 1 
ATOM   1009 C CG2 . VAL A 1 176 ? 3.064   -12.899 3.097   1.00 20.77 ? 177 VAL A CG2 1 
ATOM   1010 N N   . LYS A 1 177 ? 0.691   -9.480  5.202   1.00 15.10 ? 178 LYS A N   1 
ATOM   1011 C CA  . LYS A 1 177 ? -0.534  -8.843  5.640   1.00 16.19 ? 178 LYS A CA  1 
ATOM   1012 C C   . LYS A 1 177 ? -1.117  -8.206  4.391   1.00 15.78 ? 178 LYS A C   1 
ATOM   1013 O O   . LYS A 1 177 ? -0.383  -7.625  3.598   1.00 16.99 ? 178 LYS A O   1 
ATOM   1014 C CB  . LYS A 1 177 ? -0.277  -7.758  6.694   1.00 17.55 ? 178 LYS A CB  1 
ATOM   1015 C CG  . LYS A 1 177 ? -1.569  -7.061  7.128   1.00 18.82 ? 178 LYS A CG  1 
ATOM   1016 C CD  . LYS A 1 177 ? -1.365  -6.015  8.222   1.00 20.57 ? 178 LYS A CD  1 
ATOM   1017 C CE  . LYS A 1 177 ? -2.725  -5.455  8.677   1.00 21.92 ? 178 LYS A CE  1 
ATOM   1018 N NZ  . LYS A 1 177 ? -2.624  -4.533  9.856   1.00 25.40 ? 178 LYS A NZ  1 
ATOM   1019 N N   . VAL A 1 178 ? -2.416  -8.377  4.190   1.00 15.48 ? 179 VAL A N   1 
ATOM   1020 C CA  . VAL A 1 178 ? -3.084  -7.788  3.022   1.00 15.20 ? 179 VAL A CA  1 
ATOM   1021 C C   . VAL A 1 178 ? -4.121  -6.797  3.533   1.00 17.04 ? 179 VAL A C   1 
ATOM   1022 O O   . VAL A 1 178 ? -4.936  -7.134  4.399   1.00 17.91 ? 179 VAL A O   1 
ATOM   1023 C CB  . VAL A 1 178 ? -3.786  -8.865  2.175   1.00 13.51 ? 179 VAL A CB  1 
ATOM   1024 C CG1 . VAL A 1 178 ? -4.501  -8.220  0.970   1.00 12.97 ? 179 VAL A CG1 1 
ATOM   1025 C CG2 . VAL A 1 178 ? -2.759  -9.870  1.665   1.00 14.15 ? 179 VAL A CG2 1 
ATOM   1026 N N   . ILE A 1 179 ? -4.063  -5.573  3.018   1.00 15.57 ? 180 ILE A N   1 
ATOM   1027 C CA  . ILE A 1 179 ? -4.984  -4.518  3.415   1.00 16.62 ? 180 ILE A CA  1 
ATOM   1028 C C   . ILE A 1 179 ? -5.756  -4.084  2.184   1.00 18.29 ? 180 ILE A C   1 
ATOM   1029 O O   . ILE A 1 179 ? -5.173  -3.895  1.122   1.00 17.81 ? 180 ILE A O   1 
ATOM   1030 C CB  . ILE A 1 179 ? -4.205  -3.268  3.945   1.00 18.15 ? 180 ILE A CB  1 
ATOM   1031 C CG1 . ILE A 1 179 ? -3.592  -3.580  5.324   1.00 18.14 ? 180 ILE A CG1 1 
ATOM   1032 C CG2 . ILE A 1 179 ? -5.150  -2.029  4.019   1.00 22.38 ? 180 ILE A CG2 1 
ATOM   1033 C CD1 . ILE A 1 179 ? -2.750  -2.441  5.892   1.00 24.59 ? 180 ILE A CD1 1 
ATOM   1034 N N   . ILE A 1 180 ? -7.065  -3.960  2.311   1.00 16.93 ? 181 ILE A N   1 
ATOM   1035 C CA  . ILE A 1 180 ? -7.846  -3.436  1.201   1.00 18.77 ? 181 ILE A CA  1 
ATOM   1036 C C   . ILE A 1 180 ? -8.132  -1.994  1.650   1.00 19.07 ? 181 ILE A C   1 
ATOM   1037 O O   . ILE A 1 180 ? -8.961  -1.752  2.528   1.00 19.86 ? 181 ILE A O   1 
ATOM   1038 C CB  . ILE A 1 180 ? -9.132  -4.247  1.001   1.00 20.06 ? 181 ILE A CB  1 
ATOM   1039 C CG1 . ILE A 1 180 ? -8.754  -5.619  0.435   1.00 24.04 ? 181 ILE A CG1 1 
ATOM   1040 C CG2 . ILE A 1 180 ? -10.085 -3.498  0.062   1.00 22.48 ? 181 ILE A CG2 1 
ATOM   1041 C CD1 . ILE A 1 180 ? -9.915  -6.569  0.224   1.00 26.81 ? 181 ILE A CD1 1 
ATOM   1042 N N   . ALA A 1 181 ? -7.428  -1.045  1.051   1.00 17.43 ? 182 ALA A N   1 
ATOM   1043 C CA  . ALA A 1 181 ? -7.543  0.351   1.447   1.00 19.85 ? 182 ALA A CA  1 
ATOM   1044 C C   . ALA A 1 181 ? -8.737  1.045   0.800   1.00 24.09 ? 182 ALA A C   1 
ATOM   1045 O O   . ALA A 1 181 ? -8.566  1.999   0.058   1.00 24.39 ? 182 ALA A O   1 
ATOM   1046 C CB  . ALA A 1 181 ? -6.255  1.073   1.089   1.00 21.83 ? 182 ALA A CB  1 
ATOM   1047 N N   . ASP A 1 182 ? -9.924  0.533   1.110   1.00 27.77 ? 183 ASP A N   1 
ATOM   1048 C CA  . ASP A 1 182 ? -11.214 1.002   0.588   1.00 33.35 ? 183 ASP A CA  1 
ATOM   1049 C C   . ASP A 1 182 ? -12.239 0.588   1.652   1.00 37.56 ? 183 ASP A C   1 
ATOM   1050 O O   . ASP A 1 182 ? -12.667 -0.569  1.702   1.00 39.34 ? 183 ASP A O   1 
ATOM   1051 C CB  . ASP A 1 182 ? -11.528 0.283   -0.731  1.00 28.99 ? 183 ASP A CB  1 
ATOM   1052 C CG  . ASP A 1 182 ? -12.868 0.699   -1.345  1.00 29.43 ? 183 ASP A CG  1 
ATOM   1053 O OD1 . ASP A 1 182 ? -13.453 -0.100  -2.111  1.00 32.41 ? 183 ASP A OD1 1 
ATOM   1054 O OD2 . ASP A 1 182 ? -13.334 1.824   -1.077  1.00 26.77 ? 183 ASP A OD2 1 
ATOM   1055 N N   . ASN A 1 183 ? -12.608 1.523   2.516   1.00 42.09 ? 184 ASN A N   1 
ATOM   1056 C CA  . ASN A 1 183 ? -13.569 1.230   3.579   1.00 46.02 ? 184 ASN A CA  1 
ATOM   1057 C C   . ASN A 1 183 ? -14.742 2.190   3.527   1.00 48.05 ? 184 ASN A C   1 
ATOM   1058 O O   . ASN A 1 183 ? -14.763 3.197   4.231   1.00 50.24 ? 184 ASN A O   1 
ATOM   1059 C CB  . ASN A 1 183 ? -12.892 1.321   4.951   0.00 46.53 ? 184 ASN A CB  1 
ATOM   1060 C CG  . ASN A 1 183 ? -11.890 0.207   5.186   0.00 46.81 ? 184 ASN A CG  1 
ATOM   1061 O OD1 . ASN A 1 183 ? -11.249 0.147   6.236   0.00 47.18 ? 184 ASN A OD1 1 
ATOM   1062 N ND2 . ASN A 1 183 ? -11.752 -0.685  4.213   0.00 47.18 ? 184 ASN A ND2 1 
ATOM   1063 N N   . PRO A 1 184 ? -15.732 1.893   2.674   1.00 48.24 ? 185 PRO A N   1 
ATOM   1064 C CA  . PRO A 1 184 ? -16.915 2.745   2.533   1.00 48.81 ? 185 PRO A CA  1 
ATOM   1065 C C   . PRO A 1 184 ? -18.146 2.321   3.346   1.00 48.34 ? 185 PRO A C   1 
ATOM   1066 O O   . PRO A 1 184 ? -19.127 3.067   3.418   1.00 50.75 ? 185 PRO A O   1 
ATOM   1067 C CB  . PRO A 1 184 ? -17.180 2.684   1.041   1.00 48.82 ? 185 PRO A CB  1 
ATOM   1068 C CG  . PRO A 1 184 ? -16.890 1.253   0.754   0.00 47.32 ? 185 PRO A CG  1 
ATOM   1069 C CD  . PRO A 1 184 ? -15.618 0.973   1.528   0.00 47.55 ? 185 PRO A CD  1 
ATOM   1070 N N   . ASN A 1 185 ? -18.094 1.143   3.961   0.00 46.28 ? 186 ASN A N   1 
ATOM   1071 C CA  . ASN A 1 185 ? -19.235 0.644   4.728   0.00 44.46 ? 186 ASN A CA  1 
ATOM   1072 C C   . ASN A 1 185 ? -20.397 0.533   3.747   0.00 43.04 ? 186 ASN A C   1 
ATOM   1073 O O   . ASN A 1 185 ? -20.474 -0.415  2.966   0.00 42.81 ? 186 ASN A O   1 
ATOM   1074 C CB  . ASN A 1 185 ? -19.603 1.615   5.856   0.00 44.80 ? 186 ASN A CB  1 
ATOM   1075 C CG  . ASN A 1 185 ? -18.495 1.775   6.879   0.00 45.15 ? 186 ASN A CG  1 
ATOM   1076 O OD1 . ASN A 1 185 ? -18.631 2.529   7.842   0.00 45.58 ? 186 ASN A OD1 1 
ATOM   1077 N ND2 . ASN A 1 185 ? -17.393 1.062   6.677   0.00 45.58 ? 186 ASN A ND2 1 
ATOM   1078 N N   . ASN A 1 186 ? -21.299 1.509   3.790   0.00 41.50 ? 187 ASN A N   1 
ATOM   1079 C CA  . ASN A 1 186 ? -22.437 1.537   2.882   0.00 39.98 ? 187 ASN A CA  1 
ATOM   1080 C C   . ASN A 1 186 ? -21.972 2.280   1.637   0.00 38.54 ? 187 ASN A C   1 
ATOM   1081 O O   . ASN A 1 186 ? -20.809 2.669   1.541   0.00 37.68 ? 187 ASN A O   1 
ATOM   1082 C CB  . ASN A 1 186 ? -23.611 2.297   3.508   0.00 39.80 ? 187 ASN A CB  1 
ATOM   1083 C CG  . ASN A 1 186 ? -24.015 1.744   4.860   0.00 40.41 ? 187 ASN A CG  1 
ATOM   1084 O OD1 . ASN A 1 186 ? -23.218 1.720   5.798   0.00 39.74 ? 187 ASN A OD1 1 
ATOM   1085 N ND2 . ASN A 1 186 ? -25.262 1.299   4.969   0.00 39.74 ? 187 ASN A ND2 1 
ATOM   1086 N N   . SER A 1 187 ? -22.873 2.469   0.681   0.00 37.47 ? 188 SER A N   1 
ATOM   1087 C CA  . SER A 1 187 ? -22.535 3.199   -0.532  0.00 36.07 ? 188 SER A CA  1 
ATOM   1088 C C   . SER A 1 187 ? -22.917 4.648   -0.259  0.00 35.24 ? 188 SER A C   1 
ATOM   1089 O O   . SER A 1 187 ? -23.955 5.125   -0.721  0.00 34.47 ? 188 SER A O   1 
ATOM   1090 C CB  . SER A 1 187 ? -23.323 2.655   -1.725  0.00 35.47 ? 188 SER A CB  1 
ATOM   1091 O OG  . SER A 1 187 ? -22.998 1.298   -1.971  0.00 33.78 ? 188 SER A OG  1 
ATOM   1092 N N   . LYS A 1 188 ? -22.072 5.335   0.506   0.00 34.52 ? 189 LYS A N   1 
ATOM   1093 C CA  . LYS A 1 188 ? -22.305 6.724   0.886   0.00 33.96 ? 189 LYS A CA  1 
ATOM   1094 C C   . LYS A 1 188 ? -23.107 7.532   -0.126  0.00 33.78 ? 189 LYS A C   1 
ATOM   1095 O O   . LYS A 1 188 ? -22.767 7.600   -1.308  0.00 32.97 ? 189 LYS A O   1 
ATOM   1096 C CB  . LYS A 1 188 ? -20.975 7.422   1.195   0.00 32.87 ? 189 LYS A CB  1 
ATOM   1097 C CG  . LYS A 1 188 ? -19.938 7.376   0.089   0.00 32.69 ? 189 LYS A CG  1 
ATOM   1098 C CD  . LYS A 1 188 ? -18.604 7.923   0.587   0.00 32.78 ? 189 LYS A CD  1 
ATOM   1099 C CE  . LYS A 1 188 ? -18.732 9.358   1.080   0.00 33.02 ? 189 LYS A CE  1 
ATOM   1100 N NZ  . LYS A 1 188 ? -17.449 9.878   1.632   0.00 35.09 ? 189 LYS A NZ  1 
ATOM   1101 N N   . ASN A 1 189 ? -24.184 8.136   0.369   0.00 34.14 ? 190 ASN A N   1 
ATOM   1102 C CA  . ASN A 1 189 ? -25.097 8.941   -0.431  0.00 34.45 ? 190 ASN A CA  1 
ATOM   1103 C C   . ASN A 1 189 ? -24.439 9.757   -1.537  0.00 33.95 ? 190 ASN A C   1 
ATOM   1104 O O   . ASN A 1 189 ? -23.639 10.655  -1.276  0.00 33.41 ? 190 ASN A O   1 
ATOM   1105 C CB  . ASN A 1 189 ? -25.893 9.876   0.483   0.00 35.07 ? 190 ASN A CB  1 
ATOM   1106 C CG  . ASN A 1 189 ? -26.701 9.124   1.524   0.00 36.55 ? 190 ASN A CG  1 
ATOM   1107 O OD1 . ASN A 1 189 ? -26.151 8.381   2.335   0.00 36.61 ? 190 ASN A OD1 1 
ATOM   1108 N ND2 . ASN A 1 189 ? -28.016 9.315   1.504   0.00 36.61 ? 190 ASN A ND2 1 
ATOM   1109 N N   . GLY A 1 190 ? -24.792 9.430   -2.776  0.00 33.92 ? 191 GLY A N   1 
ATOM   1110 C CA  . GLY A 1 190 ? -24.259 10.140  -3.925  0.00 34.33 ? 191 GLY A CA  1 
ATOM   1111 C C   . GLY A 1 190 ? -22.765 10.024  -4.157  0.00 34.61 ? 191 GLY A C   1 
ATOM   1112 O O   . GLY A 1 190 ? -22.302 9.119   -4.850  0.00 34.72 ? 191 GLY A O   1 
ATOM   1113 N N   . GLU A 1 191 ? -22.012 10.951  -3.576  1.00 36.52 ? 192 GLU A N   1 
ATOM   1114 C CA  . GLU A 1 191 ? -20.561 10.992  -3.731  1.00 34.53 ? 192 GLU A CA  1 
ATOM   1115 C C   . GLU A 1 191 ? -19.757 10.103  -2.775  1.00 32.78 ? 192 GLU A C   1 
ATOM   1116 O O   . GLU A 1 191 ? -20.085 9.969   -1.586  1.00 32.57 ? 192 GLU A O   1 
ATOM   1117 C CB  . GLU A 1 191 ? -20.064 12.432  -3.580  1.00 35.85 ? 192 GLU A CB  1 
ATOM   1118 C CG  . GLU A 1 191 ? -18.548 12.571  -3.643  0.00 35.27 ? 192 GLU A CG  1 
ATOM   1119 C CD  . GLU A 1 191 ? -18.047 13.850  -2.999  0.00 35.41 ? 192 GLU A CD  1 
ATOM   1120 O OE1 . GLU A 1 191 ? -16.827 14.111  -3.066  0.00 35.16 ? 192 GLU A OE1 1 
ATOM   1121 O OE2 . GLU A 1 191 ? -18.870 14.590  -2.419  0.00 35.16 ? 192 GLU A OE2 1 
ATOM   1122 N N   . LYS A 1 192 ? -18.689 9.508   -3.304  1.00 29.86 ? 193 LYS A N   1 
ATOM   1123 C CA  . LYS A 1 192 ? -17.805 8.672   -2.504  1.00 28.22 ? 193 LYS A CA  1 
ATOM   1124 C C   . LYS A 1 192 ? -16.394 9.219   -2.703  1.00 27.48 ? 193 LYS A C   1 
ATOM   1125 O O   . LYS A 1 192 ? -15.856 9.197   -3.805  1.00 29.15 ? 193 LYS A O   1 
ATOM   1126 C CB  . LYS A 1 192 ? -17.867 7.208   -2.943  1.00 27.30 ? 193 LYS A CB  1 
ATOM   1127 C CG  . LYS A 1 192 ? -17.037 6.303   -2.039  1.00 28.07 ? 193 LYS A CG  1 
ATOM   1128 C CD  . LYS A 1 192 ? -16.900 4.896   -2.637  1.00 27.58 ? 193 LYS A CD  1 
ATOM   1129 C CE  . LYS A 1 192 ? -15.789 4.109   -1.922  1.00 25.72 ? 193 LYS A CE  1 
ATOM   1130 N NZ  . LYS A 1 192 ? -15.496 2.869   -2.656  1.00 22.52 ? 193 LYS A NZ  1 
ATOM   1131 N N   . ALA A 1 193 ? -15.803 9.737   -1.635  1.00 26.00 ? 194 ALA A N   1 
ATOM   1132 C CA  . ALA A 1 193 ? -14.465 10.315  -1.723  1.00 28.00 ? 194 ALA A CA  1 
ATOM   1133 C C   . ALA A 1 193 ? -13.404 9.259   -2.004  1.00 25.10 ? 194 ALA A C   1 
ATOM   1134 O O   . ALA A 1 193 ? -13.599 8.090   -1.651  1.00 26.25 ? 194 ALA A O   1 
ATOM   1135 C CB  . ALA A 1 193 ? -14.139 11.037  -0.396  1.00 30.36 ? 194 ALA A CB  1 
ATOM   1136 N N   . VAL A 1 194 ? -12.307 9.662   -2.651  1.00 24.57 ? 195 VAL A N   1 
ATOM   1137 C CA  . VAL A 1 194 ? -11.192 8.736   -2.872  1.00 22.54 ? 195 VAL A CA  1 
ATOM   1138 C C   . VAL A 1 194 ? -10.471 8.748   -1.532  1.00 22.22 ? 195 VAL A C   1 
ATOM   1139 O O   . VAL A 1 194 ? -10.085 9.808   -1.019  1.00 22.36 ? 195 VAL A O   1 
ATOM   1140 C CB  . VAL A 1 194 ? -10.205 9.189   -3.971  1.00 21.12 ? 195 VAL A CB  1 
ATOM   1141 C CG1 . VAL A 1 194 ? -8.970  8.268   -3.997  1.00 21.92 ? 195 VAL A CG1 1 
ATOM   1142 C CG2 . VAL A 1 194 ? -10.882 9.146   -5.331  1.00 23.40 ? 195 VAL A CG2 1 
ATOM   1143 N N   . ARG A 1 195 ? -10.305 7.567   -0.953  1.00 22.85 ? 196 ARG A N   1 
ATOM   1144 C CA  . ARG A 1 195 ? -9.657  7.457   0.341   1.00 24.36 ? 196 ARG A CA  1 
ATOM   1145 C C   . ARG A 1 195 ? -8.735  6.246   0.343   1.00 22.83 ? 196 ARG A C   1 
ATOM   1146 O O   . ARG A 1 195 ? -8.938  5.306   -0.418  1.00 25.31 ? 196 ARG A O   1 
ATOM   1147 C CB  . ARG A 1 195 ? -10.717 7.287   1.429   1.00 27.69 ? 196 ARG A CB  1 
ATOM   1148 C CG  . ARG A 1 195 ? -11.815 8.330   1.343   1.00 33.46 ? 196 ARG A CG  1 
ATOM   1149 C CD  . ARG A 1 195 ? -11.525 9.448   2.302   1.00 39.61 ? 196 ARG A CD  1 
ATOM   1150 N NE  . ARG A 1 195 ? -11.681 8.974   3.672   1.00 43.53 ? 196 ARG A NE  1 
ATOM   1151 C CZ  . ARG A 1 195 ? -11.474 9.723   4.747   1.00 46.59 ? 196 ARG A CZ  1 
ATOM   1152 N NH1 . ARG A 1 195 ? -11.641 9.202   5.955   1.00 47.26 ? 196 ARG A NH1 1 
ATOM   1153 N NH2 . ARG A 1 195 ? -11.099 10.989  4.614   1.00 46.86 ? 196 ARG A NH2 1 
ATOM   1154 N N   . ILE A 1 196 ? -7.711  6.300   1.179   1.00 22.32 ? 197 ILE A N   1 
ATOM   1155 C CA  . ILE A 1 196 ? -6.779  5.195   1.299   1.00 20.15 ? 197 ILE A CA  1 
ATOM   1156 C C   . ILE A 1 196 ? -6.780  4.718   2.743   1.00 23.28 ? 197 ILE A C   1 
ATOM   1157 O O   . ILE A 1 196 ? -5.759  4.278   3.275   1.00 24.04 ? 197 ILE A O   1 
ATOM   1158 C CB  . ILE A 1 196 ? -5.380  5.613   0.826   1.00 19.54 ? 197 ILE A CB  1 
ATOM   1159 C CG1 . ILE A 1 196 ? -4.917  6.898   1.543   1.00 20.05 ? 197 ILE A CG1 1 
ATOM   1160 C CG2 . ILE A 1 196 ? -5.426  5.860   -0.708  1.00 20.33 ? 197 ILE A CG2 1 
ATOM   1161 C CD1 . ILE A 1 196 ? -3.497  7.309   1.206   1.00 25.14 ? 197 ILE A CD1 1 
ATOM   1162 N N   . ASP A 1 197 ? -7.952  4.827   3.374   1.00 24.42 ? 198 ASP A N   1 
ATOM   1163 C CA  . ASP A 1 197 ? -8.128  4.397   4.760   1.00 27.00 ? 198 ASP A CA  1 
ATOM   1164 C C   . ASP A 1 197 ? -7.638  2.949   4.875   1.00 25.70 ? 198 ASP A C   1 
ATOM   1165 O O   . ASP A 1 197 ? -8.005  2.100   4.065   1.00 26.56 ? 198 ASP A O   1 
ATOM   1166 C CB  . ASP A 1 197 ? -9.605  4.469   5.161   1.00 32.50 ? 198 ASP A CB  1 
ATOM   1167 C CG  . ASP A 1 197 ? -10.135 5.894   5.216   1.00 36.60 ? 198 ASP A CG  1 
ATOM   1168 O OD1 . ASP A 1 197 ? -11.353 6.052   5.428   1.00 39.83 ? 198 ASP A OD1 1 
ATOM   1169 O OD2 . ASP A 1 197 ? -9.345  6.854   5.058   1.00 40.21 ? 198 ASP A OD2 1 
ATOM   1170 N N   . GLY A 1 198 ? -6.821  2.681   5.890   1.00 24.93 ? 199 GLY A N   1 
ATOM   1171 C CA  . GLY A 1 198 ? -6.280  1.347   6.081   1.00 23.30 ? 199 GLY A CA  1 
ATOM   1172 C C   . GLY A 1 198 ? -4.775  1.350   5.886   1.00 23.62 ? 199 GLY A C   1 
ATOM   1173 O O   . GLY A 1 198 ? -4.062  0.621   6.576   1.00 25.07 ? 199 GLY A O   1 
ATOM   1174 N N   . LEU A 1 199 ? -4.301  2.168   4.943   1.00 22.58 ? 200 LEU A N   1 
ATOM   1175 C CA  . LEU A 1 199 ? -2.872  2.309   4.675   1.00 21.88 ? 200 LEU A CA  1 
ATOM   1176 C C   . LEU A 1 199 ? -2.383  3.093   5.891   1.00 24.00 ? 200 LEU A C   1 
ATOM   1177 O O   . LEU A 1 199 ? -2.874  4.186   6.185   1.00 22.34 ? 200 LEU A O   1 
ATOM   1178 C CB  . LEU A 1 199 ? -2.625  3.125   3.401   1.00 23.60 ? 200 LEU A CB  1 
ATOM   1179 C CG  . LEU A 1 199 ? -1.441  2.842   2.463   1.00 30.08 ? 200 LEU A CG  1 
ATOM   1180 C CD1 . LEU A 1 199 ? -0.848  4.148   1.990   1.00 27.51 ? 200 LEU A CD1 1 
ATOM   1181 C CD2 . LEU A 1 199 ? -0.392  1.979   3.125   1.00 27.36 ? 200 LEU A CD2 1 
ATOM   1182 N N   . ASN A 1 200 ? -1.423  2.538   6.607   1.00 20.71 ? 201 ASN A N   1 
ATOM   1183 C CA  . ASN A 1 200 ? -0.949  3.210   7.806   1.00 21.24 ? 201 ASN A CA  1 
ATOM   1184 C C   . ASN A 1 200 ? 0.563   3.085   7.952   1.00 20.70 ? 201 ASN A C   1 
ATOM   1185 O O   . ASN A 1 200 ? 1.187   2.145   7.439   1.00 19.70 ? 201 ASN A O   1 
ATOM   1186 C CB  . ASN A 1 200 ? -1.700  2.614   9.007   1.00 22.99 ? 201 ASN A CB  1 
ATOM   1187 C CG  . ASN A 1 200 ? -1.316  1.172   9.270   1.00 25.65 ? 201 ASN A CG  1 
ATOM   1188 O OD1 . ASN A 1 200 ? -0.403  0.904   10.047  1.00 25.55 ? 201 ASN A OD1 1 
ATOM   1189 N ND2 . ASN A 1 200 ? -1.990  0.235   8.600   1.00 27.66 ? 201 ASN A ND2 1 
ATOM   1190 N N   . VAL A 1 201 ? 1.159   4.035   8.672   1.00 20.78 ? 202 VAL A N   1 
ATOM   1191 C CA  . VAL A 1 201 ? 2.601   4.062   8.853   1.00 21.19 ? 202 VAL A CA  1 
ATOM   1192 C C   . VAL A 1 201 ? 3.139   2.864   9.604   1.00 22.49 ? 202 VAL A C   1 
ATOM   1193 O O   . VAL A 1 201 ? 4.166   2.292   9.203   1.00 21.39 ? 202 VAL A O   1 
ATOM   1194 C CB  . VAL A 1 201 ? 3.049   5.355   9.575   1.00 23.22 ? 202 VAL A CB  1 
ATOM   1195 C CG1 . VAL A 1 201 ? 4.551   5.321   9.830   1.00 25.66 ? 202 VAL A CG1 1 
ATOM   1196 C CG2 . VAL A 1 201 ? 2.694   6.573   8.724   1.00 24.19 ? 202 VAL A CG2 1 
ATOM   1197 N N   . PHE A 1 202 ? 2.457   2.482   10.688  1.00 20.82 ? 203 PHE A N   1 
ATOM   1198 C CA  . PHE A 1 202 ? 2.901   1.337   11.478  1.00 22.31 ? 203 PHE A CA  1 
ATOM   1199 C C   . PHE A 1 202 ? 3.155   0.088   10.629  1.00 23.30 ? 203 PHE A C   1 
ATOM   1200 O O   . PHE A 1 202 ? 4.230   -0.517  10.708  1.00 21.59 ? 203 PHE A O   1 
ATOM   1201 C CB  . PHE A 1 202 ? 1.885   0.983   12.572  1.00 25.53 ? 203 PHE A CB  1 
ATOM   1202 C CG  . PHE A 1 202 ? 2.316   -0.182  13.436  1.00 28.36 ? 203 PHE A CG  1 
ATOM   1203 C CD1 . PHE A 1 202 ? 3.307   -0.022  14.404  1.00 31.61 ? 203 PHE A CD1 1 
ATOM   1204 C CD2 . PHE A 1 202 ? 1.770   -1.451  13.237  1.00 31.73 ? 203 PHE A CD2 1 
ATOM   1205 C CE1 . PHE A 1 202 ? 3.752   -1.113  15.165  1.00 30.99 ? 203 PHE A CE1 1 
ATOM   1206 C CE2 . PHE A 1 202 ? 2.209   -2.548  13.990  1.00 33.40 ? 203 PHE A CE2 1 
ATOM   1207 C CZ  . PHE A 1 202 ? 3.199   -2.375  14.953  1.00 32.96 ? 203 PHE A CZ  1 
ATOM   1208 N N   . ASP A 1 203 ? 2.179   -0.298  9.806   1.00 21.37 ? 204 ASP A N   1 
ATOM   1209 C CA  . ASP A 1 203 ? 2.357   -1.497  8.987   1.00 21.19 ? 204 ASP A CA  1 
ATOM   1210 C C   . ASP A 1 203 ? 3.434   -1.335  7.928   1.00 20.04 ? 204 ASP A C   1 
ATOM   1211 O O   . ASP A 1 203 ? 4.151   -2.285  7.616   1.00 20.35 ? 204 ASP A O   1 
ATOM   1212 C CB  . ASP A 1 203 ? 1.040   -1.924  8.311   1.00 23.09 ? 204 ASP A CB  1 
ATOM   1213 C CG  . ASP A 1 203 ? 0.045   -2.555  9.284   1.00 25.40 ? 204 ASP A CG  1 
ATOM   1214 O OD1 . ASP A 1 203 ? 0.476   -3.242  10.245  1.00 26.00 ? 204 ASP A OD1 1 
ATOM   1215 O OD2 . ASP A 1 203 ? -1.176  -2.385  9.066   1.00 25.40 ? 204 ASP A OD2 1 
ATOM   1216 N N   . MET A 1 204 ? 3.565   -0.135  7.366   1.00 20.05 ? 205 MET A N   1 
ATOM   1217 C CA  . MET A 1 204 ? 4.569   0.056   6.341   1.00 18.91 ? 205 MET A CA  1 
ATOM   1218 C C   . MET A 1 204 ? 5.966   -0.087  6.895   1.00 21.08 ? 205 MET A C   1 
ATOM   1219 O O   . MET A 1 204 ? 6.869   -0.494  6.174   1.00 23.12 ? 205 MET A O   1 
ATOM   1220 C CB  . MET A 1 204 ? 4.426   1.412   5.656   1.00 18.58 ? 205 MET A CB  1 
ATOM   1221 C CG  . MET A 1 204 ? 3.265   1.456   4.657   1.00 18.58 ? 205 MET A CG  1 
ATOM   1222 S SD  . MET A 1 204 ? 3.317   2.959   3.631   1.00 20.27 ? 205 MET A SD  1 
ATOM   1223 C CE  . MET A 1 204 ? 2.343   4.095   4.715   1.00 20.75 ? 205 MET A CE  1 
ATOM   1224 N N   . LEU A 1 205 ? 6.145   0.231   8.177   1.00 21.73 ? 206 LEU A N   1 
ATOM   1225 C CA  . LEU A 1 205 ? 7.468   0.106   8.780   1.00 23.77 ? 206 LEU A CA  1 
ATOM   1226 C C   . LEU A 1 205 ? 7.690   -1.293  9.350   1.00 23.17 ? 206 LEU A C   1 
ATOM   1227 O O   . LEU A 1 205 ? 8.817   -1.793  9.320   1.00 26.36 ? 206 LEU A O   1 
ATOM   1228 C CB  . LEU A 1 205 ? 7.669   1.180   9.861   1.00 24.29 ? 206 LEU A CB  1 
ATOM   1229 C CG  . LEU A 1 205 ? 7.599   2.628   9.358   1.00 22.05 ? 206 LEU A CG  1 
ATOM   1230 C CD1 . LEU A 1 205 ? 7.819   3.575   10.545  1.00 24.92 ? 206 LEU A CD1 1 
ATOM   1231 C CD2 . LEU A 1 205 ? 8.637   2.894   8.279   1.00 23.77 ? 206 LEU A CD2 1 
ATOM   1232 N N   . LYS A 1 206 ? 6.618   -1.929  9.831   1.00 22.41 ? 207 LYS A N   1 
ATOM   1233 C CA  . LYS A 1 206 ? 6.664   -3.286  10.401  1.00 24.06 ? 207 LYS A CA  1 
ATOM   1234 C C   . LYS A 1 206 ? 6.971   -4.345  9.336   1.00 25.41 ? 207 LYS A C   1 
ATOM   1235 O O   . LYS A 1 206 ? 7.687   -5.316  9.586   1.00 25.91 ? 207 LYS A O   1 
ATOM   1236 C CB  . LYS A 1 206 ? 5.330   -3.633  11.067  1.00 22.16 ? 207 LYS A CB  1 
ATOM   1237 C CG  . LYS A 1 206 ? 5.196   -5.076  11.516  1.00 26.49 ? 207 LYS A CG  1 
ATOM   1238 C CD  . LYS A 1 206 ? 3.832   -5.366  12.142  1.00 29.62 ? 207 LYS A CD  1 
ATOM   1239 C CE  . LYS A 1 206 ? 3.677   -6.851  12.429  1.00 30.72 ? 207 LYS A CE  1 
ATOM   1240 N NZ  . LYS A 1 206 ? 2.391   -7.171  13.114  1.00 34.69 ? 207 LYS A NZ  1 
ATOM   1241 N N   . TYR A 1 207 ? 6.408   -4.164  8.148   1.00 21.18 ? 208 TYR A N   1 
ATOM   1242 C CA  . TYR A 1 207 ? 6.634   -5.101  7.056   1.00 21.49 ? 208 TYR A CA  1 
ATOM   1243 C C   . TYR A 1 207 ? 7.762   -4.604  6.155   1.00 20.14 ? 208 TYR A C   1 
ATOM   1244 O O   . TYR A 1 207 ? 7.779   -3.460  5.720   1.00 19.87 ? 208 TYR A O   1 
ATOM   1245 C CB  . TYR A 1 207 ? 5.320   -5.301  6.268   1.00 16.75 ? 208 TYR A CB  1 
ATOM   1246 C CG  . TYR A 1 207 ? 4.312   -6.099  7.056   1.00 20.31 ? 208 TYR A CG  1 
ATOM   1247 C CD1 . TYR A 1 207 ? 3.470   -5.478  7.988   1.00 18.41 ? 208 TYR A CD1 1 
ATOM   1248 C CD2 . TYR A 1 207 ? 4.267   -7.495  6.955   1.00 17.60 ? 208 TYR A CD2 1 
ATOM   1249 C CE1 . TYR A 1 207 ? 2.625   -6.210  8.797   1.00 20.42 ? 208 TYR A CE1 1 
ATOM   1250 C CE2 . TYR A 1 207 ? 3.426   -8.241  7.765   1.00 21.61 ? 208 TYR A CE2 1 
ATOM   1251 C CZ  . TYR A 1 207 ? 2.607   -7.595  8.687   1.00 19.79 ? 208 TYR A CZ  1 
ATOM   1252 O OH  . TYR A 1 207 ? 1.771   -8.335  9.507   1.00 21.57 ? 208 TYR A OH  1 
ATOM   1253 N N   . ASP A 1 208 ? 8.718   -5.485  5.899   1.00 20.11 ? 209 ASP A N   1 
ATOM   1254 C CA  . ASP A 1 208 ? 9.892   -5.194  5.086   1.00 21.90 ? 209 ASP A CA  1 
ATOM   1255 C C   . ASP A 1 208 ? 9.535   -4.638  3.699   1.00 19.50 ? 209 ASP A C   1 
ATOM   1256 O O   . ASP A 1 208 ? 9.930   -3.536  3.327   1.00 20.38 ? 209 ASP A O   1 
ATOM   1257 C CB  . ASP A 1 208 ? 10.684  -6.504  4.965   1.00 25.14 ? 209 ASP A CB  1 
ATOM   1258 C CG  . ASP A 1 208 ? 12.070  -6.326  4.403   1.00 30.97 ? 209 ASP A CG  1 
ATOM   1259 O OD1 . ASP A 1 208 ? 12.701  -7.375  4.129   1.00 33.90 ? 209 ASP A OD1 1 
ATOM   1260 O OD2 . ASP A 1 208 ? 12.535  -5.177  4.243   1.00 31.65 ? 209 ASP A OD2 1 
ATOM   1261 N N   . TYR A 1 209 ? 8.753   -5.397  2.947   1.00 17.74 ? 210 TYR A N   1 
ATOM   1262 C CA  . TYR A 1 209 ? 8.384   -4.968  1.609   1.00 15.95 ? 210 TYR A CA  1 
ATOM   1263 C C   . TYR A 1 209 ? 6.959   -4.462  1.528   1.00 15.48 ? 210 TYR A C   1 
ATOM   1264 O O   . TYR A 1 209 ? 6.115   -4.873  2.302   1.00 16.46 ? 210 TYR A O   1 
ATOM   1265 C CB  . TYR A 1 209 ? 8.581   -6.120  0.617   1.00 18.46 ? 210 TYR A CB  1 
ATOM   1266 C CG  . TYR A 1 209 ? 10.042  -6.411  0.344   1.00 19.93 ? 210 TYR A CG  1 
ATOM   1267 C CD1 . TYR A 1 209 ? 10.804  -7.130  1.253   1.00 24.33 ? 210 TYR A CD1 1 
ATOM   1268 C CD2 . TYR A 1 209 ? 10.655  -5.944  -0.817  1.00 23.66 ? 210 TYR A CD2 1 
ATOM   1269 C CE1 . TYR A 1 209 ? 12.168  -7.382  1.016   1.00 26.29 ? 210 TYR A CE1 1 
ATOM   1270 C CE2 . TYR A 1 209 ? 11.999  -6.188  -1.063  1.00 27.48 ? 210 TYR A CE2 1 
ATOM   1271 C CZ  . TYR A 1 209 ? 12.746  -6.904  -0.140  1.00 27.87 ? 210 TYR A CZ  1 
ATOM   1272 O OH  . TYR A 1 209 ? 14.088  -7.111  -0.374  1.00 34.68 ? 210 TYR A OH  1 
ATOM   1273 N N   . LEU A 1 210 ? 6.725   -3.563  0.576   1.00 15.52 ? 211 LEU A N   1 
ATOM   1274 C CA  . LEU A 1 210 ? 5.399   -2.997  0.344   1.00 12.63 ? 211 LEU A CA  1 
ATOM   1275 C C   . LEU A 1 210 ? 5.040   -3.317  -1.111  1.00 11.39 ? 211 LEU A C   1 
ATOM   1276 O O   . LEU A 1 210 ? 5.799   -2.968  -2.020  1.00 15.05 ? 211 LEU A O   1 
ATOM   1277 C CB  . LEU A 1 210 ? 5.450   -1.474  0.481   1.00 14.27 ? 211 LEU A CB  1 
ATOM   1278 C CG  . LEU A 1 210 ? 4.305   -0.616  1.041   1.00 24.76 ? 211 LEU A CG  1 
ATOM   1279 C CD1 . LEU A 1 210 ? 4.227   0.733   0.319   1.00 20.23 ? 211 LEU A CD1 1 
ATOM   1280 C CD2 . LEU A 1 210 ? 3.008   -1.353  1.026   1.00 16.76 ? 211 LEU A CD2 1 
ATOM   1281 N N   . VAL A 1 211 ? 3.918   -4.006  -1.319  1.00 12.91 ? 212 VAL A N   1 
ATOM   1282 C CA  . VAL A 1 211 ? 3.457   -4.346  -2.656  1.00 11.52 ? 212 VAL A CA  1 
ATOM   1283 C C   . VAL A 1 211 ? 2.164   -3.586  -2.929  1.00 13.59 ? 212 VAL A C   1 
ATOM   1284 O O   . VAL A 1 211 ? 1.212   -3.708  -2.164  1.00 13.66 ? 212 VAL A O   1 
ATOM   1285 C CB  . VAL A 1 211 ? 3.185   -5.878  -2.771  1.00 12.08 ? 212 VAL A CB  1 
ATOM   1286 C CG1 . VAL A 1 211 ? 2.528   -6.212  -4.135  1.00 13.14 ? 212 VAL A CG1 1 
ATOM   1287 C CG2 . VAL A 1 211 ? 4.501   -6.661  -2.610  1.00 13.06 ? 212 VAL A CG2 1 
ATOM   1288 N N   . LEU A 1 212 ? 2.144   -2.814  -4.022  1.00 13.02 ? 213 LEU A N   1 
ATOM   1289 C CA  . LEU A 1 212 ? 0.962   -2.042  -4.408  1.00 12.09 ? 213 LEU A CA  1 
ATOM   1290 C C   . LEU A 1 212 ? 0.591   -2.452  -5.824  1.00 14.03 ? 213 LEU A C   1 
ATOM   1291 O O   . LEU A 1 212 ? 1.376   -3.104  -6.508  1.00 13.55 ? 213 LEU A O   1 
ATOM   1292 C CB  . LEU A 1 212 ? 1.289   -0.545  -4.458  1.00 13.98 ? 213 LEU A CB  1 
ATOM   1293 C CG  . LEU A 1 212 ? 1.925   0.082   -3.213  1.00 13.54 ? 213 LEU A CG  1 
ATOM   1294 C CD1 . LEU A 1 212 ? 2.203   1.547   -3.534  1.00 14.13 ? 213 LEU A CD1 1 
ATOM   1295 C CD2 . LEU A 1 212 ? 1.023   -0.058  -1.979  1.00 17.60 ? 213 LEU A CD2 1 
ATOM   1296 N N   . THR A 1 213 ? -0.615  -2.085  -6.248  1.00 14.46 ? 214 THR A N   1 
ATOM   1297 C CA  . THR A 1 213 ? -1.001  -2.321  -7.637  1.00 13.71 ? 214 THR A CA  1 
ATOM   1298 C C   . THR A 1 213 ? -0.969  -0.946  -8.292  1.00 15.87 ? 214 THR A C   1 
ATOM   1299 O O   . THR A 1 213 ? -0.940  0.078   -7.603  1.00 15.70 ? 214 THR A O   1 
ATOM   1300 C CB  . THR A 1 213 ? -2.431  -2.853  -7.773  1.00 14.57 ? 214 THR A CB  1 
ATOM   1301 O OG1 . THR A 1 213 ? -3.349  -1.912  -7.193  1.00 14.04 ? 214 THR A OG1 1 
ATOM   1302 C CG2 . THR A 1 213 ? -2.552  -4.202  -7.092  1.00 13.60 ? 214 THR A CG2 1 
ATOM   1303 N N   . ARG A 1 214 ? -1.021  -0.913  -9.622  1.00 14.29 ? 215 ARG A N   1 
ATOM   1304 C CA  . ARG A 1 214 ? -1.004  0.376   -10.317 1.00 15.52 ? 215 ARG A CA  1 
ATOM   1305 C C   . ARG A 1 214 ? -2.134  1.303   -9.849  1.00 15.29 ? 215 ARG A C   1 
ATOM   1306 O O   . ARG A 1 214 ? -1.907  2.484   -9.571  1.00 15.48 ? 215 ARG A O   1 
ATOM   1307 C CB  . ARG A 1 214 ? -1.124  0.176   -11.830 1.00 15.37 ? 215 ARG A CB  1 
ATOM   1308 C CG  . ARG A 1 214 ? -1.190  1.524   -12.569 1.00 21.75 ? 215 ARG A CG  1 
ATOM   1309 C CD  . ARG A 1 214 ? -1.938  1.463   -13.904 1.00 27.73 ? 215 ARG A CD  1 
ATOM   1310 N NE  . ARG A 1 214 ? -1.260  0.661   -14.919 1.00 31.64 ? 215 ARG A NE  1 
ATOM   1311 C CZ  . ARG A 1 214 ? -1.665  -0.542  -15.315 1.00 32.31 ? 215 ARG A CZ  1 
ATOM   1312 N NH1 . ARG A 1 214 ? -0.985  -1.200  -16.245 1.00 31.51 ? 215 ARG A NH1 1 
ATOM   1313 N NH2 . ARG A 1 214 ? -2.761  -1.088  -14.785 1.00 32.24 ? 215 ARG A NH2 1 
ATOM   1314 N N   . ASP A 1 215 ? -3.356  0.779   -9.752  1.00 15.92 ? 216 ASP A N   1 
ATOM   1315 C CA  . ASP A 1 215 ? -4.451  1.623   -9.341  1.00 18.22 ? 216 ASP A CA  1 
ATOM   1316 C C   . ASP A 1 215 ? -4.331  2.056   -7.889  1.00 15.46 ? 216 ASP A C   1 
ATOM   1317 O O   . ASP A 1 215 ? -4.836  3.114   -7.519  1.00 14.53 ? 216 ASP A O   1 
ATOM   1318 C CB  . ASP A 1 215 ? -5.791  0.952   -9.647  1.00 21.51 ? 216 ASP A CB  1 
ATOM   1319 C CG  . ASP A 1 215 ? -6.133  1.017   -11.146 1.00 27.06 ? 216 ASP A CG  1 
ATOM   1320 O OD1 . ASP A 1 215 ? -5.355  1.625   -11.915 1.00 29.09 ? 216 ASP A OD1 1 
ATOM   1321 O OD2 . ASP A 1 215 ? -7.162  0.458   -11.554 1.00 31.71 ? 216 ASP A OD2 1 
ATOM   1322 N N   . MET A 1 216 ? -3.650  1.253   -7.066  1.00 13.96 ? 217 MET A N   1 
ATOM   1323 C CA  . MET A 1 216 ? -3.433  1.659   -5.684  1.00 12.90 ? 217 MET A CA  1 
ATOM   1324 C C   . MET A 1 216 ? -2.494  2.861   -5.665  1.00 14.16 ? 217 MET A C   1 
ATOM   1325 O O   . MET A 1 216 ? -2.679  3.800   -4.893  1.00 15.04 ? 217 MET A O   1 
ATOM   1326 C CB  . MET A 1 216 ? -2.831  0.526   -4.856  1.00 13.37 ? 217 MET A CB  1 
ATOM   1327 C CG  . MET A 1 216 ? -2.781  0.829   -3.368  1.00 15.92 ? 217 MET A CG  1 
ATOM   1328 S SD  . MET A 1 216 ? -4.433  1.034   -2.601  1.00 15.48 ? 217 MET A SD  1 
ATOM   1329 C CE  . MET A 1 216 ? -4.149  2.512   -1.641  1.00 18.03 ? 217 MET A CE  1 
ATOM   1330 N N   . VAL A 1 217 ? -1.477  2.838   -6.516  1.00 13.15 ? 218 VAL A N   1 
ATOM   1331 C CA  . VAL A 1 217 ? -0.550  3.964   -6.601  1.00 14.69 ? 218 VAL A CA  1 
ATOM   1332 C C   . VAL A 1 217 ? -1.356  5.207   -6.998  1.00 15.13 ? 218 VAL A C   1 
ATOM   1333 O O   . VAL A 1 217 ? -1.175  6.282   -6.412  1.00 15.36 ? 218 VAL A O   1 
ATOM   1334 C CB  . VAL A 1 217 ? 0.561   3.698   -7.648  1.00 14.22 ? 218 VAL A CB  1 
ATOM   1335 C CG1 . VAL A 1 217 ? 1.341   4.997   -7.967  1.00 15.59 ? 218 VAL A CG1 1 
ATOM   1336 C CG2 . VAL A 1 217 ? 1.526   2.670   -7.115  1.00 16.03 ? 218 VAL A CG2 1 
ATOM   1337 N N   . SER A 1 218 ? -2.263  5.060   -7.971  1.00 15.44 ? 219 SER A N   1 
ATOM   1338 C CA  . SER A 1 218 ? -3.061  6.210   -8.390  1.00 15.43 ? 219 SER A CA  1 
ATOM   1339 C C   . SER A 1 218 ? -3.890  6.764   -7.254  1.00 15.61 ? 219 SER A C   1 
ATOM   1340 O O   . SER A 1 218 ? -3.976  7.989   -7.091  1.00 16.02 ? 219 SER A O   1 
ATOM   1341 C CB  . SER A 1 218 ? -3.981  5.861   -9.556  1.00 17.21 ? 219 SER A CB  1 
ATOM   1342 O OG  . SER A 1 218 ? -3.208  5.517   -10.675 1.00 20.65 ? 219 SER A OG  1 
ATOM   1343 N N   . LYS A 1 219 ? -4.517  5.884   -6.477  1.00 13.56 ? 220 LYS A N   1 
ATOM   1344 C CA  . LYS A 1 219 ? -5.314  6.340   -5.339  1.00 15.07 ? 220 LYS A CA  1 
ATOM   1345 C C   . LYS A 1 219 ? -4.426  7.119   -4.362  1.00 15.75 ? 220 LYS A C   1 
ATOM   1346 O O   . LYS A 1 219 ? -4.803  8.182   -3.872  1.00 19.03 ? 220 LYS A O   1 
ATOM   1347 C CB  . LYS A 1 219 ? -5.942  5.177   -4.553  1.00 17.28 ? 220 LYS A CB  1 
ATOM   1348 C CG  . LYS A 1 219 ? -7.020  4.405   -5.235  1.00 20.36 ? 220 LYS A CG  1 
ATOM   1349 C CD  . LYS A 1 219 ? -7.676  3.413   -4.263  1.00 16.82 ? 220 LYS A CD  1 
ATOM   1350 C CE  . LYS A 1 219 ? -8.564  4.102   -3.213  1.00 15.67 ? 220 LYS A CE  1 
ATOM   1351 N NZ  . LYS A 1 219 ? -9.325  3.144   -2.329  1.00 15.53 ? 220 LYS A NZ  1 
ATOM   1352 N N   . ILE A 1 220 ? -3.249  6.570   -4.064  1.00 16.08 ? 221 ILE A N   1 
ATOM   1353 C CA  . ILE A 1 220 ? -2.316  7.213   -3.137  1.00 15.98 ? 221 ILE A CA  1 
ATOM   1354 C C   . ILE A 1 220 ? -1.934  8.592   -3.651  1.00 18.33 ? 221 ILE A C   1 
ATOM   1355 O O   . ILE A 1 220 ? -1.881  9.549   -2.876  1.00 18.79 ? 221 ILE A O   1 
ATOM   1356 C CB  . ILE A 1 220 ? -1.068  6.335   -2.953  1.00 16.05 ? 221 ILE A CB  1 
ATOM   1357 C CG1 . ILE A 1 220 ? -1.469  5.132   -2.095  1.00 15.32 ? 221 ILE A CG1 1 
ATOM   1358 C CG2 . ILE A 1 220 ? 0.075   7.122   -2.290  1.00 19.86 ? 221 ILE A CG2 1 
ATOM   1359 C CD1 . ILE A 1 220 ? -0.425  4.041   -2.047  1.00 15.73 ? 221 ILE A CD1 1 
ATOM   1360 N N   . GLU A 1 221 ? -1.693  8.699   -4.953  1.00 16.44 ? 222 GLU A N   1 
ATOM   1361 C CA  . GLU A 1 221 ? -1.319  9.992   -5.530  1.00 19.37 ? 222 GLU A CA  1 
ATOM   1362 C C   . GLU A 1 221 ? -2.473  10.975  -5.514  1.00 18.62 ? 222 GLU A C   1 
ATOM   1363 O O   . GLU A 1 221 ? -2.269  12.175  -5.316  1.00 19.58 ? 222 GLU A O   1 
ATOM   1364 C CB  . GLU A 1 221 ? -0.773  9.796   -6.944  1.00 19.48 ? 222 GLU A CB  1 
ATOM   1365 C CG  . GLU A 1 221 ? 0.575   9.119   -6.873  1.00 22.26 ? 222 GLU A CG  1 
ATOM   1366 C CD  . GLU A 1 221 ? 1.156   8.761   -8.202  1.00 26.17 ? 222 GLU A CD  1 
ATOM   1367 O OE1 . GLU A 1 221 ? 2.405   8.781   -8.307  1.00 22.53 ? 222 GLU A OE1 1 
ATOM   1368 O OE2 . GLU A 1 221 ? 0.374   8.428   -9.114  1.00 27.35 ? 222 GLU A OE2 1 
ATOM   1369 N N   . GLU A 1 222 ? -3.694  10.477  -5.680  1.00 20.59 ? 223 GLU A N   1 
ATOM   1370 C CA  . GLU A 1 222 ? -4.859  11.364  -5.655  1.00 19.45 ? 223 GLU A CA  1 
ATOM   1371 C C   . GLU A 1 222 ? -5.106  11.903  -4.253  1.00 22.02 ? 223 GLU A C   1 
ATOM   1372 O O   . GLU A 1 222 ? -5.529  13.058  -4.084  1.00 21.95 ? 223 GLU A O   1 
ATOM   1373 C CB  . GLU A 1 222 ? -6.086  10.615  -6.160  1.00 19.81 ? 223 GLU A CB  1 
ATOM   1374 C CG  . GLU A 1 222 ? -6.000  10.338  -7.635  1.00 19.97 ? 223 GLU A CG  1 
ATOM   1375 C CD  . GLU A 1 222 ? -6.942  9.248   -8.087  1.00 22.19 ? 223 GLU A CD  1 
ATOM   1376 O OE1 . GLU A 1 222 ? -7.120  9.108   -9.304  1.00 23.26 ? 223 GLU A OE1 1 
ATOM   1377 O OE2 . GLU A 1 222 ? -7.490  8.532   -7.237  1.00 21.10 ? 223 GLU A OE2 1 
ATOM   1378 N N   . VAL A 1 223 ? -4.810  11.094  -3.242  1.00 19.38 ? 224 VAL A N   1 
ATOM   1379 C CA  . VAL A 1 223 ? -5.017  11.519  -1.857  1.00 19.44 ? 224 VAL A CA  1 
ATOM   1380 C C   . VAL A 1 223 ? -3.836  12.297  -1.264  1.00 19.18 ? 224 VAL A C   1 
ATOM   1381 O O   . VAL A 1 223 ? -4.020  13.338  -0.624  1.00 20.52 ? 224 VAL A O   1 
ATOM   1382 C CB  . VAL A 1 223 ? -5.322  10.294  -0.944  1.00 18.15 ? 224 VAL A CB  1 
ATOM   1383 C CG1 . VAL A 1 223 ? -5.476  10.738  0.515   1.00 20.35 ? 224 VAL A CG1 1 
ATOM   1384 C CG2 . VAL A 1 223 ? -6.594  9.592   -1.420  1.00 17.91 ? 224 VAL A CG2 1 
ATOM   1385 N N   . LEU A 1 224 ? -2.622  11.828  -1.514  1.00 19.75 ? 225 LEU A N   1 
ATOM   1386 C CA  . LEU A 1 224 ? -1.425  12.451  -0.935  1.00 19.58 ? 225 LEU A CA  1 
ATOM   1387 C C   . LEU A 1 224 ? -0.638  13.425  -1.804  1.00 21.92 ? 225 LEU A C   1 
ATOM   1388 O O   . LEU A 1 224 ? 0.248   14.147  -1.303  1.00 22.12 ? 225 LEU A O   1 
ATOM   1389 C CB  . LEU A 1 224 ? -0.473  11.346  -0.469  1.00 19.51 ? 225 LEU A CB  1 
ATOM   1390 C CG  . LEU A 1 224 ? -1.079  10.325  0.502   1.00 19.53 ? 225 LEU A CG  1 
ATOM   1391 C CD1 . LEU A 1 224 ? 0.003   9.338   0.917   1.00 17.48 ? 225 LEU A CD1 1 
ATOM   1392 C CD2 . LEU A 1 224 ? -1.637  11.020  1.748   1.00 20.14 ? 225 LEU A CD2 1 
ATOM   1393 N N   . GLY A 1 225 ? -0.961  13.451  -3.090  1.00 21.56 ? 226 GLY A N   1 
ATOM   1394 C CA  . GLY A 1 225 ? -0.230  14.280  -4.024  1.00 25.91 ? 226 GLY A CA  1 
ATOM   1395 C C   . GLY A 1 225 ? -0.476  15.763  -3.931  1.00 28.07 ? 226 GLY A C   1 
ATOM   1396 O O   . GLY A 1 225 ? -1.460  16.167  -3.272  1.00 28.32 ? 226 GLY A O   1 
ATOM   1397 O OXT . GLY A 1 225 ? 0.327   16.504  -4.537  1.00 29.32 ? 226 GLY A OXT 1 
HETATM 1398 C C1  . CIT B 2 .   ? -20.572 1.862   -4.480  1.00 44.53 ? 510 CIT A C1  1 
HETATM 1399 O O1  . CIT B 2 .   ? -20.270 3.038   -4.171  1.00 45.84 ? 510 CIT A O1  1 
HETATM 1400 O O2  . CIT B 2 .   ? -21.974 1.670   -4.735  1.00 45.28 ? 510 CIT A O2  1 
HETATM 1401 C C2  . CIT B 2 .   ? -19.694 0.619   -4.624  1.00 42.76 ? 510 CIT A C2  1 
HETATM 1402 C C3  . CIT B 2 .   ? -18.256 0.726   -4.041  1.00 40.45 ? 510 CIT A C3  1 
HETATM 1403 O O7  . CIT B 2 .   ? -17.481 1.821   -4.598  1.00 37.99 ? 510 CIT A O7  1 
HETATM 1404 C C4  . CIT B 2 .   ? -17.528 -0.608  -4.318  1.00 39.37 ? 510 CIT A C4  1 
HETATM 1405 C C5  . CIT B 2 .   ? -16.140 -0.713  -3.677  1.00 40.57 ? 510 CIT A C5  1 
HETATM 1406 O O3  . CIT B 2 .   ? -15.752 -0.736  -2.471  1.00 40.15 ? 510 CIT A O3  1 
HETATM 1407 O O4  . CIT B 2 .   ? -15.107 -0.807  -4.666  1.00 39.57 ? 510 CIT A O4  1 
HETATM 1408 C C6  . CIT B 2 .   ? -18.360 0.884   -2.513  1.00 41.25 ? 510 CIT A C6  1 
HETATM 1409 O O5  . CIT B 2 .   ? -19.063 0.033   -1.911  1.00 40.51 ? 510 CIT A O5  1 
HETATM 1410 O O6  . CIT B 2 .   ? -17.745 1.901   -1.681  1.00 40.38 ? 510 CIT A O6  1 
HETATM 1411 O O   . HOH C 3 .   ? -4.079  -1.860  -11.202 1.00 18.35 ? 511 HOH A O   1 
HETATM 1412 O O   . HOH C 3 .   ? -5.418  -2.387  -8.805  1.00 18.68 ? 512 HOH A O   1 
HETATM 1413 O O   . HOH C 3 .   ? -8.558  6.285   -7.857  1.00 19.15 ? 513 HOH A O   1 
HETATM 1414 O O   . HOH C 3 .   ? -8.576  7.439   -10.920 1.00 20.42 ? 514 HOH A O   1 
HETATM 1415 O O   . HOH C 3 .   ? 7.951   -3.036  -8.859  1.00 22.99 ? 515 HOH A O   1 
HETATM 1416 O O   . HOH C 3 .   ? -8.227  -4.573  4.907   1.00 22.75 ? 516 HOH A O   1 
HETATM 1417 O O   . HOH C 3 .   ? -1.046  -13.345 6.897   1.00 20.78 ? 517 HOH A O   1 
HETATM 1418 O O   . HOH C 3 .   ? 1.736   16.776  3.833   1.00 28.22 ? 518 HOH A O   1 
HETATM 1419 O O   . HOH C 3 .   ? 6.138   -12.701 1.874   1.00 27.77 ? 519 HOH A O   1 
HETATM 1420 O O   . HOH C 3 .   ? 5.614   -2.355  3.898   1.00 19.71 ? 520 HOH A O   1 
HETATM 1421 O O   . HOH C 3 .   ? -7.366  4.890   -11.313 1.00 26.27 ? 521 HOH A O   1 
HETATM 1422 O O   . HOH C 3 .   ? 4.736   -4.981  -21.287 1.00 25.49 ? 522 HOH A O   1 
HETATM 1423 O O   . HOH C 3 .   ? -7.285  4.217   -8.774  1.00 23.98 ? 523 HOH A O   1 
HETATM 1424 O O   . HOH C 3 .   ? -7.690  8.569   3.002   1.00 28.45 ? 524 HOH A O   1 
HETATM 1425 O O   . HOH C 3 .   ? -4.684  4.108   -12.343 1.00 27.98 ? 525 HOH A O   1 
HETATM 1426 O O   . HOH C 3 .   ? 11.477  -0.473  -9.404  1.00 24.49 ? 526 HOH A O   1 
HETATM 1427 O O   . HOH C 3 .   ? -0.062  -9.699  -13.423 1.00 26.63 ? 527 HOH A O   1 
HETATM 1428 O O   . HOH C 3 .   ? -8.556  -19.199 3.339   1.00 45.50 ? 528 HOH A O   1 
HETATM 1429 O O   . HOH C 3 .   ? -14.468 -15.581 -2.456  1.00 31.44 ? 529 HOH A O   1 
HETATM 1430 O O   . HOH C 3 .   ? -3.287  -12.714 -10.248 1.00 35.73 ? 530 HOH A O   1 
HETATM 1431 O O   . HOH C 3 .   ? 1.493   7.318   -11.050 1.00 32.66 ? 531 HOH A O   1 
HETATM 1432 O O   . HOH C 3 .   ? 11.411  -15.795 -2.675  1.00 35.78 ? 532 HOH A O   1 
HETATM 1433 O O   . HOH C 3 .   ? 11.572  -0.490  -4.854  1.00 30.74 ? 533 HOH A O   1 
HETATM 1434 O O   . HOH C 3 .   ? -3.769  -9.860  6.319   1.00 28.26 ? 534 HOH A O   1 
HETATM 1435 O O   . HOH C 3 .   ? 10.373  -2.734  -7.883  1.00 43.96 ? 535 HOH A O   1 
HETATM 1436 O O   . HOH C 3 .   ? 4.319   -12.642 -20.030 1.00 35.24 ? 536 HOH A O   1 
HETATM 1437 O O   . HOH C 3 .   ? -8.566  -1.182  5.757   1.00 39.01 ? 537 HOH A O   1 
HETATM 1438 O O   . HOH C 3 .   ? 11.389  -17.193 -5.112  1.00 28.58 ? 538 HOH A O   1 
HETATM 1439 O O   . HOH C 3 .   ? -13.047 -8.522  -8.656  1.00 29.00 ? 539 HOH A O   1 
HETATM 1440 O O   . HOH C 3 .   ? -0.419  4.898   -11.356 1.00 28.84 ? 540 HOH A O   1 
HETATM 1441 O O   . HOH C 3 .   ? -1.574  7.548   9.197   1.00 67.52 ? 541 HOH A O   1 
HETATM 1442 O O   . HOH C 3 .   ? -11.283 -3.235  -10.451 1.00 47.76 ? 542 HOH A O   1 
HETATM 1443 O O   . HOH C 3 .   ? -2.293  -1.667  11.982  1.00 36.08 ? 543 HOH A O   1 
HETATM 1444 O O   . HOH C 3 .   ? 12.696  -2.852  5.939   1.00 49.56 ? 544 HOH A O   1 
HETATM 1445 O O   . HOH C 3 .   ? -6.222  -22.242 0.709   1.00 30.06 ? 545 HOH A O   1 
HETATM 1446 O O   . HOH C 3 .   ? 11.085  -16.030 -10.316 1.00 46.67 ? 546 HOH A O   1 
HETATM 1447 O O   . HOH C 3 .   ? 11.074  -9.438  -8.347  1.00 41.53 ? 547 HOH A O   1 
HETATM 1448 O O   . HOH C 3 .   ? 13.740  7.254   -10.593 1.00 36.48 ? 548 HOH A O   1 
HETATM 1449 O O   . HOH C 3 .   ? 3.741   6.130   -15.945 1.00 31.88 ? 549 HOH A O   1 
HETATM 1450 O O   . HOH C 3 .   ? -12.657 12.268  -3.504  1.00 37.07 ? 550 HOH A O   1 
HETATM 1451 O O   . HOH C 3 .   ? 11.556  -9.521  5.340   1.00 27.20 ? 551 HOH A O   1 
HETATM 1452 O O   . HOH C 3 .   ? 12.441  1.845   -8.121  1.00 35.02 ? 552 HOH A O   1 
HETATM 1453 O O   . HOH C 3 .   ? -8.512  3.727   -13.561 1.00 56.55 ? 553 HOH A O   1 
HETATM 1454 O O   . HOH C 3 .   ? 1.445   -10.921 9.170   1.00 43.28 ? 554 HOH A O   1 
HETATM 1455 O O   . HOH C 3 .   ? 5.730   -17.227 -0.751  1.00 33.69 ? 555 HOH A O   1 
HETATM 1456 O O   . HOH C 3 .   ? -6.503  -19.080 -6.794  1.00 43.42 ? 556 HOH A O   1 
HETATM 1457 O O   . HOH C 3 .   ? 6.914   5.729   -18.160 1.00 32.92 ? 557 HOH A O   1 
HETATM 1458 O O   . HOH C 3 .   ? 11.759  -5.134  -10.188 1.00 50.07 ? 558 HOH A O   1 
HETATM 1459 O O   . HOH C 3 .   ? 2.208   14.943  -6.324  1.00 30.34 ? 559 HOH A O   1 
HETATM 1460 O O   . HOH C 3 .   ? -7.720  -11.680 6.671   1.00 56.25 ? 560 HOH A O   1 
HETATM 1461 O O   . HOH C 3 .   ? 2.050   8.120   -14.384 1.00 44.24 ? 561 HOH A O   1 
HETATM 1462 O O   . HOH C 3 .   ? 12.905  10.126  15.260  1.00 54.50 ? 562 HOH A O   1 
HETATM 1463 O O   . HOH C 3 .   ? -8.590  11.047  2.671   1.00 41.32 ? 563 HOH A O   1 
HETATM 1464 O O   . HOH C 3 .   ? -3.883  4.608   -14.943 1.00 61.43 ? 564 HOH A O   1 
HETATM 1465 O O   . HOH C 3 .   ? 1.537   10.673  -12.164 1.00 48.30 ? 565 HOH A O   1 
HETATM 1466 O O   . HOH C 3 .   ? -6.391  -6.199  6.784   1.00 64.71 ? 566 HOH A O   1 
HETATM 1467 O O   . HOH C 3 .   ? 13.855  2.791   -10.850 1.00 57.22 ? 567 HOH A O   1 
HETATM 1468 O O   . HOH C 3 .   ? 0.018   -5.002  12.091  1.00 41.46 ? 568 HOH A O   1 
HETATM 1469 O O   . HOH C 3 .   ? 5.504   -15.457 1.772   1.00 41.95 ? 569 HOH A O   1 
HETATM 1470 O O   . HOH C 3 .   ? 16.521  8.981   2.578   1.00 43.28 ? 570 HOH A O   1 
HETATM 1471 O O   . HOH C 3 .   ? -5.759  -1.614  8.087   1.00 39.35 ? 571 HOH A O   1 
HETATM 1472 O O   . HOH C 3 .   ? -3.908  8.525   -12.125 1.00 57.78 ? 572 HOH A O   1 
HETATM 1473 O O   . HOH C 3 .   ? -4.200  -26.405 -1.812  1.00 61.17 ? 573 HOH A O   1 
HETATM 1474 O O   . HOH C 3 .   ? -11.008 5.537   -14.551 1.00 58.50 ? 574 HOH A O   1 
HETATM 1475 O O   . HOH C 3 .   ? 12.933  -8.740  -4.045  1.00 48.59 ? 575 HOH A O   1 
HETATM 1476 O O   . HOH C 3 .   ? 8.508   18.110  13.246  1.00 55.47 ? 576 HOH A O   1 
HETATM 1477 O O   . HOH C 3 .   ? 10.148  18.655  11.378  1.00 44.42 ? 577 HOH A O   1 
HETATM 1478 O O   . HOH C 3 .   ? -2.252  -23.908 1.685   1.00 57.31 ? 578 HOH A O   1 
HETATM 1479 O O   . HOH C 3 .   ? -3.013  8.163   13.157  1.00 55.20 ? 579 HOH A O   1 
HETATM 1480 O O   . HOH C 3 .   ? 1.285   -17.054 -11.632 1.00 64.49 ? 580 HOH A O   1 
HETATM 1481 O O   . HOH C 3 .   ? 15.011  -8.353  3.103   1.00 43.93 ? 581 HOH A O   1 
HETATM 1482 O O   . HOH C 3 .   ? -4.917  13.572  6.881   1.00 53.93 ? 582 HOH A O   1 
HETATM 1483 O O   . HOH C 3 .   ? -2.921  -15.267 -10.850 1.00 48.49 ? 583 HOH A O   1 
HETATM 1484 O O   . HOH C 3 .   ? 12.931  14.680  -6.321  1.00 54.11 ? 584 HOH A O   1 
HETATM 1485 O O   . HOH C 3 .   ? 0.745   13.037  -9.862  1.00 54.44 ? 585 HOH A O   1 
HETATM 1486 O O   . HOH C 3 .   ? -12.690 -12.964 -8.851  1.00 50.61 ? 586 HOH A O   1 
HETATM 1487 O O   . HOH C 3 .   ? -0.340  17.645  -8.936  1.00 71.37 ? 587 HOH A O   1 
HETATM 1488 O O   . HOH C 3 .   ? 15.336  10.350  13.914  1.00 61.99 ? 588 HOH A O   1 
HETATM 1489 O O   . HOH C 3 .   ? 15.077  12.526  6.108   1.00 39.48 ? 589 HOH A O   1 
HETATM 1490 O O   . HOH C 3 .   ? -2.086  -27.734 -2.315  1.00 67.95 ? 590 HOH A O   1 
HETATM 1491 O O   . HOH C 3 .   ? -5.902  -9.264  -12.892 1.00 46.06 ? 591 HOH A O   1 
HETATM 1492 O O   . HOH C 3 .   ? -6.853  -7.062  -14.075 1.00 51.74 ? 592 HOH A O   1 
HETATM 1493 O O   . HOH C 3 .   ? 4.432   -15.767 5.379   1.00 38.64 ? 593 HOH A O   1 
HETATM 1494 O O   . HOH C 3 .   ? -11.584 4.112   -1.411  1.00 27.49 ? 594 HOH A O   1 
HETATM 1495 O O   . HOH C 3 .   ? -8.813  -2.709  -10.230 1.00 36.30 ? 595 HOH A O   1 
HETATM 1496 O O   . HOH C 3 .   ? -5.005  -17.997 3.805   1.00 27.40 ? 596 HOH A O   1 
HETATM 1497 O O   . HOH C 3 .   ? 6.155   15.336  -7.469  1.00 37.46 ? 597 HOH A O   1 
HETATM 1498 O O   . HOH C 3 .   ? -8.558  -19.654 5.762   1.00 61.09 ? 598 HOH A O   1 
HETATM 1499 O O   . HOH C 3 .   ? -5.484  -11.711 5.362   1.00 34.96 ? 599 HOH A O   1 
HETATM 1500 O O   . HOH C 3 .   ? -3.718  -10.192 -11.164 1.00 31.37 ? 600 HOH A O   1 
HETATM 1501 O O   . HOH C 3 .   ? 12.812  1.831   -5.545  1.00 37.25 ? 601 HOH A O   1 
HETATM 1502 O O   . HOH C 3 .   ? 11.722  15.771  5.903   1.00 37.42 ? 602 HOH A O   1 
HETATM 1503 O O   . HOH C 3 .   ? -14.796 11.528  -4.853  1.00 31.12 ? 603 HOH A O   1 
HETATM 1504 O O   . HOH C 3 .   ? 10.757  10.371  -12.738 1.00 50.70 ? 604 HOH A O   1 
HETATM 1505 O O   . HOH C 3 .   ? 12.030  1.726   -13.085 1.00 41.24 ? 605 HOH A O   1 
HETATM 1506 O O   . HOH C 3 .   ? -6.938  25.969  15.421  1.00 53.17 ? 606 HOH A O   1 
HETATM 1507 O O   . HOH C 3 .   ? 0.149   15.161  1.215   1.00 35.46 ? 607 HOH A O   1 
HETATM 1508 O O   . HOH C 3 .   ? 4.981   19.813  15.174  1.00 55.61 ? 608 HOH A O   1 
HETATM 1509 O O   . HOH C 3 .   ? -7.315  -17.940 -8.936  1.00 45.95 ? 609 HOH A O   1 
HETATM 1510 O O   . HOH C 3 .   ? 13.165  11.247  -8.966  1.00 46.56 ? 610 HOH A O   1 
HETATM 1511 O O   . HOH C 3 .   ? -2.900  -11.755 7.793   1.00 49.09 ? 611 HOH A O   1 
HETATM 1512 O O   . HOH C 3 .   ? 13.635  13.592  10.007  1.00 46.11 ? 612 HOH A O   1 
HETATM 1513 O O   . HOH C 3 .   ? 14.521  8.241   -7.967  1.00 45.68 ? 613 HOH A O   1 
HETATM 1514 O O   . HOH C 3 .   ? -10.634 -11.270 5.349   1.00 40.40 ? 614 HOH A O   1 
HETATM 1515 O O   . HOH C 3 .   ? -2.976  18.472  2.767   1.00 54.03 ? 615 HOH A O   1 
HETATM 1516 O O   . HOH C 3 .   ? -7.326  4.804   21.166  1.00 50.07 ? 616 HOH A O   1 
HETATM 1517 O O   . HOH C 3 .   ? -11.429 -6.542  4.256   1.00 62.91 ? 617 HOH A O   1 
HETATM 1518 O O   . HOH C 3 .   ? 13.944  7.882   13.859  1.00 62.68 ? 618 HOH A O   1 
HETATM 1519 O O   . HOH C 3 .   ? -17.187 4.969   5.413   1.00 70.16 ? 619 HOH A O   1 
HETATM 1520 O O   . HOH C 3 .   ? 15.124  -1.657  4.804   1.00 49.78 ? 620 HOH A O   1 
HETATM 1521 O O   . HOH C 3 .   ? 15.980  14.707  12.942  1.00 57.55 ? 621 HOH A O   1 
HETATM 1522 O O   . HOH C 3 .   ? -11.015 -21.892 -2.986  1.00 54.13 ? 622 HOH A O   1 
HETATM 1523 O O   . HOH C 3 .   ? -3.298  12.050  -13.557 1.00 59.87 ? 623 HOH A O   1 
HETATM 1524 O O   . HOH C 3 .   ? -8.689  -23.572 -0.338  1.00 62.74 ? 624 HOH A O   1 
HETATM 1525 O O   . HOH C 3 .   ? -4.903  8.652   20.302  1.00 54.45 ? 625 HOH A O   1 
HETATM 1526 O O   . HOH C 3 .   ? 3.415   -24.400 -4.662  1.00 69.12 ? 626 HOH A O   1 
HETATM 1527 O O   . HOH C 3 .   ? 3.392   -18.683 -11.192 1.00 45.83 ? 627 HOH A O   1 
HETATM 1528 O O   . HOH C 3 .   ? -4.443  14.495  -8.611  1.00 48.82 ? 628 HOH A O   1 
HETATM 1529 O O   . HOH C 3 .   ? -6.840  6.728   7.041   1.00 59.64 ? 629 HOH A O   1 
HETATM 1530 O O   . HOH C 3 .   ? -5.665  7.553   -14.139 1.00 65.13 ? 630 HOH A O   1 
HETATM 1531 O O   . HOH C 3 .   ? -5.297  18.316  1.877   1.00 68.83 ? 631 HOH A O   1 
HETATM 1532 O O   . HOH C 3 .   ? 16.926  -5.690  3.284   1.00 54.69 ? 632 HOH A O   1 
HETATM 1533 O O   . HOH C 3 .   ? 16.607  4.840   4.193   1.00 59.20 ? 633 HOH A O   1 
HETATM 1534 O O   . HOH C 3 .   ? -15.401 9.107   8.031   1.00 61.03 ? 634 HOH A O   1 
HETATM 1535 O O   . HOH C 3 .   ? 11.942  -12.321 6.796   1.00 50.25 ? 635 HOH A O   1 
HETATM 1536 O O   . HOH C 3 .   ? 6.472   -14.503 -20.619 1.00 56.61 ? 636 HOH A O   1 
HETATM 1537 O O   . HOH C 3 .   ? -6.642  -19.668 9.752   1.00 61.05 ? 637 HOH A O   1 
HETATM 1538 O O   . HOH C 3 .   ? 12.926  9.331   -13.984 1.00 76.16 ? 638 HOH A O   1 
HETATM 1539 O O   . HOH C 3 .   ? 19.099  -6.704  4.122   1.00 58.25 ? 639 HOH A O   1 
HETATM 1540 O O   . HOH C 3 .   ? 5.952   -23.542 -5.624  1.00 52.94 ? 640 HOH A O   1 
HETATM 1541 O O   . HOH C 3 .   ? -7.430  19.657  16.434  1.00 62.88 ? 641 HOH A O   1 
HETATM 1542 O O   . HOH C 3 .   ? 14.943  13.260  -16.620 1.00 67.16 ? 642 HOH A O   1 
HETATM 1543 O O   . HOH C 3 .   ? 7.596   -16.704 9.797   1.00 54.91 ? 643 HOH A O   1 
HETATM 1544 O O   . HOH C 3 .   ? -0.787  -16.785 9.548   1.00 47.37 ? 644 HOH A O   1 
HETATM 1545 O O   . HOH C 3 .   ? -0.888  12.075  -12.550 1.00 56.52 ? 645 HOH A O   1 
HETATM 1546 O O   . HOH C 3 .   ? -12.517 -8.538  -11.556 1.00 55.98 ? 646 HOH A O   1 
HETATM 1547 O O   . HOH C 3 .   ? -21.133 4.796   3.005   1.00 70.39 ? 647 HOH A O   1 
HETATM 1548 O O   . HOH C 3 .   ? -8.664  -4.759  -12.557 1.00 47.73 ? 648 HOH A O   1 
HETATM 1549 O O   . HOH C 3 .   ? 18.719  16.937  -0.752  1.00 60.37 ? 649 HOH A O   1 
HETATM 1550 O O   . HOH C 3 .   ? -10.243 -12.476 -10.365 1.00 41.92 ? 650 HOH A O   1 
HETATM 1551 O O   . HOH C 3 .   ? 2.862   5.644   -19.903 1.00 52.27 ? 651 HOH A O   1 
HETATM 1552 O O   . HOH C 3 .   ? 12.480  -6.417  -5.183  1.00 54.51 ? 652 HOH A O   1 
HETATM 1553 O O   . HOH C 3 .   ? 11.263  12.494  -16.584 1.00 71.02 ? 653 HOH A O   1 
HETATM 1554 O O   . HOH C 3 .   ? -6.933  -15.876 -10.831 1.00 45.94 ? 654 HOH A O   1 
HETATM 1555 O O   . HOH C 3 .   ? 4.313   9.176   -17.978 1.00 45.93 ? 655 HOH A O   1 
HETATM 1556 O O   . HOH C 3 .   ? -8.143  28.400  15.657  1.00 75.68 ? 656 HOH A O   1 
HETATM 1557 O O   . HOH C 3 .   ? -2.943  19.058  -11.619 1.00 60.59 ? 657 HOH A O   1 
HETATM 1558 O O   . HOH C 3 .   ? -0.163  6.423   -17.777 1.00 55.54 ? 658 HOH A O   1 
HETATM 1559 O O   . HOH C 3 .   ? 11.270  16.226  -8.021  1.00 48.41 ? 659 HOH A O   1 
HETATM 1560 O O   . HOH C 3 .   ? -5.061  8.392   5.069   1.00 64.08 ? 660 HOH A O   1 
HETATM 1561 O O   . HOH C 3 .   ? 17.557  -11.976 -7.847  1.00 64.21 ? 661 HOH A O   1 
HETATM 1562 O O   . HOH C 3 .   ? -0.260  9.061   -13.349 1.00 74.87 ? 662 HOH A O   1 
HETATM 1563 O O   . HOH C 3 .   ? -4.581  -19.896 -10.060 1.00 67.88 ? 663 HOH A O   1 
HETATM 1564 O O   . HOH C 3 .   ? -16.769 -1.509  3.902   1.00 57.66 ? 664 HOH A O   1 
HETATM 1565 O O   . HOH C 3 .   ? -8.594  21.830  2.498   1.00 67.60 ? 665 HOH A O   1 
HETATM 1566 O O   . HOH C 3 .   ? 15.498  -4.951  -1.654  1.00 50.38 ? 666 HOH A O   1 
HETATM 1567 O O   . HOH C 3 .   ? 17.849  6.666   8.627   1.00 71.97 ? 667 HOH A O   1 
HETATM 1568 O O   . HOH C 3 .   ? -12.841 13.657  -1.336  1.00 62.72 ? 668 HOH A O   1 
HETATM 1569 O O   . HOH C 3 .   ? 8.017   -15.521 5.411   1.00 65.20 ? 669 HOH A O   1 
HETATM 1570 O O   . HOH C 3 .   ? -22.583 8.322   3.483   1.00 62.61 ? 670 HOH A O   1 
HETATM 1571 O O   . HOH C 3 .   ? 15.346  14.206  -5.269  1.00 52.33 ? 671 HOH A O   1 
HETATM 1572 O O   . HOH C 3 .   ? 15.591  4.013   -13.205 1.00 53.86 ? 672 HOH A O   1 
HETATM 1573 O O   . HOH C 3 .   ? 18.518  2.889   5.624   1.00 59.71 ? 673 HOH A O   1 
HETATM 1574 O O   . HOH C 3 .   ? 14.203  -11.091 6.081   1.00 57.81 ? 674 HOH A O   1 
HETATM 1575 O O   . HOH C 3 .   ? 0.014   -24.475 -9.856  1.00 64.31 ? 675 HOH A O   1 
HETATM 1576 O O   . HOH C 3 .   ? 0.172   9.834   20.903  1.00 41.23 ? 676 HOH A O   1 
HETATM 1577 O O   . HOH C 3 .   ? -10.935 24.899  18.653  1.00 65.21 ? 677 HOH A O   1 
HETATM 1578 O O   . HOH C 3 .   ? 14.334  -2.962  -14.224 1.00 56.98 ? 678 HOH A O   1 
HETATM 1579 O O   . HOH C 3 .   ? 6.244   -19.443 2.410   1.00 63.84 ? 679 HOH A O   1 
HETATM 1580 O O   . HOH C 3 .   ? 16.949  8.646   11.939  1.00 55.78 ? 680 HOH A O   1 
HETATM 1581 O O   . HOH C 3 .   ? 18.851  2.175   2.028   1.00 50.96 ? 681 HOH A O   1 
HETATM 1582 O O   . HOH C 3 .   ? 13.149  11.906  -14.271 1.00 63.95 ? 682 HOH A O   1 
HETATM 1583 O O   . HOH C 3 .   ? 15.585  10.980  17.723  1.00 56.07 ? 683 HOH A O   1 
HETATM 1584 O O   . HOH C 3 .   ? -1.445  21.577  20.782  1.00 51.25 ? 684 HOH A O   1 
HETATM 1585 O O   . HOH C 3 .   ? 0.430   14.196  19.570  1.00 55.06 ? 685 HOH A O   1 
HETATM 1586 O O   . HOH C 3 .   ? 7.430   10.451  18.526  1.00 47.42 ? 686 HOH A O   1 
HETATM 1587 O O   . HOH C 3 .   ? -5.858  17.628  17.889  1.00 59.71 ? 687 HOH A O   1 
HETATM 1588 O O   . HOH C 3 .   ? -17.704 -10.554 -2.711  1.00 63.99 ? 688 HOH A O   1 
HETATM 1589 O O   . HOH C 3 .   ? -0.132  -23.417 0.056   1.00 57.74 ? 689 HOH A O   1 
HETATM 1590 O O   . HOH C 3 .   ? -2.367  14.769  -6.685  1.00 44.51 ? 690 HOH A O   1 
HETATM 1591 O O   . HOH C 3 .   ? -0.065  -12.565 12.237  1.00 67.66 ? 691 HOH A O   1 
HETATM 1592 O O   . HOH C 3 .   ? -0.167  17.955  16.974  1.00 57.76 ? 692 HOH A O   1 
HETATM 1593 O O   . HOH C 3 .   ? -6.617  5.022   11.384  1.00 63.92 ? 693 HOH A O   1 
HETATM 1594 O O   . HOH C 3 .   ? -12.859 -4.884  -12.003 1.00 48.66 ? 694 HOH A O   1 
HETATM 1595 O O   . HOH C 3 .   ? -5.487  -28.575 -2.641  1.00 74.61 ? 695 HOH A O   1 
HETATM 1596 O O   . HOH C 3 .   ? -8.804  14.597  7.601   1.00 62.77 ? 696 HOH A O   1 
HETATM 1597 O O   . HOH C 3 .   ? 16.973  13.366  10.328  1.00 69.69 ? 697 HOH A O   1 
HETATM 1598 O O   . HOH C 3 .   ? 17.474  10.447  -2.829  1.00 68.33 ? 698 HOH A O   1 
HETATM 1599 O O   . HOH C 3 .   ? -7.070  -10.205 8.794   1.00 66.21 ? 699 HOH A O   1 
HETATM 1600 O O   . HOH C 3 .   ? 9.706   13.587  -13.795 1.00 51.65 ? 700 HOH A O   1 
HETATM 1601 O O   . HOH C 3 .   ? -17.995 -1.230  1.067   1.00 64.31 ? 701 HOH A O   1 
HETATM 1602 O O   . HOH C 3 .   ? 10.432  -14.736 11.647  1.00 61.25 ? 702 HOH A O   1 
HETATM 1603 O O   . HOH C 3 .   ? -5.061  -3.242  9.937   1.00 51.62 ? 703 HOH A O   1 
HETATM 1604 O O   . HOH C 3 .   ? 10.267  8.683   18.603  1.00 58.16 ? 704 HOH A O   1 
HETATM 1605 O O   . HOH C 3 .   ? -16.215 -19.536 -12.308 1.00 65.32 ? 705 HOH A O   1 
HETATM 1606 O O   . HOH C 3 .   ? -1.084  -14.723 -15.303 1.00 72.59 ? 706 HOH A O   1 
HETATM 1607 O O   . HOH C 3 .   ? 11.329  14.761  -4.149  1.00 62.75 ? 707 HOH A O   1 
HETATM 1608 O O   . HOH C 3 .   ? 4.801   17.278  -11.875 1.00 55.69 ? 708 HOH A O   1 
HETATM 1609 O O   . HOH C 3 .   ? -1.459  10.838  -14.986 1.00 67.00 ? 709 HOH A O   1 
HETATM 1610 O O   . HOH C 3 .   ? 7.949   17.984  -6.116  1.00 58.47 ? 710 HOH A O   1 
HETATM 1611 O O   . HOH C 3 .   ? -6.783  2.017   9.410   1.00 76.30 ? 711 HOH A O   1 
HETATM 1612 O O   . HOH C 3 .   ? -9.964  -24.024 -12.668 1.00 64.27 ? 712 HOH A O   1 
HETATM 1613 O O   . HOH C 3 .   ? -23.608 -0.912  3.974   1.00 84.10 ? 713 HOH A O   1 
HETATM 1614 O O   . HOH C 3 .   ? 15.861  8.847   -4.239  1.00 62.52 ? 714 HOH A O   1 
HETATM 1615 O O   . HOH C 3 .   ? 15.502  -9.159  -9.344  1.00 52.41 ? 715 HOH A O   1 
HETATM 1616 O O   . HOH C 3 .   ? -3.555  21.563  18.865  1.00 62.29 ? 716 HOH A O   1 
HETATM 1617 O O   . HOH C 3 .   ? -4.124  16.447  -5.140  1.00 69.85 ? 717 HOH A O   1 
HETATM 1618 O O   . HOH C 3 .   ? -0.260  -19.739 -13.579 1.00 73.65 ? 718 HOH A O   1 
HETATM 1619 O O   . HOH C 3 .   ? -7.862  2.249   13.228  1.00 70.27 ? 719 HOH A O   1 
HETATM 1620 O O   . HOH C 3 .   ? -1.218  10.745  22.323  1.00 70.87 ? 720 HOH A O   1 
HETATM 1621 O O   . HOH C 3 .   ? -8.633  -20.249 -10.025 1.00 61.35 ? 721 HOH A O   1 
HETATM 1622 O O   . HOH C 3 .   ? -19.796 15.174  -4.731  1.00 53.52 ? 722 HOH A O   1 
HETATM 1623 O O   . HOH C 3 .   ? -4.045  19.432  -4.797  1.00 65.66 ? 723 HOH A O   1 
# 
